data_3CIY
#
_entry.id   3CIY
#
_cell.length_a   117.846
_cell.length_b   225.877
_cell.length_c   259.530
_cell.angle_alpha   90.00
_cell.angle_beta   90.00
_cell.angle_gamma   90.00
#
_symmetry.space_group_name_H-M   'C 2 2 21'
#
loop_
_entity.id
_entity.type
_entity.pdbx_description
1 polymer 46-MER
2 polymer 46-MER
3 polymer 'Toll-like receptor 3'
4 branched 2-acetamido-2-deoxy-alpha-D-glucopyranose-(1-4)-2-acetamido-2-deoxy-beta-D-glucopyranose
5 branched alpha-D-mannopyranose-(1-4)-2-acetamido-2-deoxy-beta-D-glucopyranose-(1-4)-2-acetamido-2-deoxy-beta-D-glucopyranose
6 branched 2-acetamido-2-deoxy-beta-D-glucopyranose-(1-4)-[alpha-L-fucopyranose-(1-6)]2-acetamido-2-deoxy-beta-D-glucopyranose
7 branched alpha-D-mannopyranose-(1-3)-[alpha-D-mannopyranose-(1-6)]alpha-D-mannopyranose-(1-4)-2-acetamido-2-deoxy-beta-D-glucopyranose-(1-4)-2-acetamido-2-deoxy-beta-D-glucopyranose
8 branched beta-D-mannopyranose-(1-4)-2-acetamido-2-deoxy-alpha-D-glucopyranose-(1-4)-2-acetamido-2-deoxy-beta-D-glucopyranose
9 branched 2-acetamido-2-deoxy-beta-D-glucopyranose-(1-4)-2-acetamido-2-deoxy-beta-D-glucopyranose
10 branched beta-D-mannopyranose-(1-4)-2-acetamido-2-deoxy-beta-D-glucopyranose-(1-4)-2-acetamido-2-deoxy-beta-D-glucopyranose
11 branched 2-acetamido-2-deoxy-beta-D-glucopyranose-(1-4)-[beta-L-fucopyranose-(1-6)]2-acetamido-2-deoxy-beta-D-glucopyranose
12 branched alpha-D-mannopyranose-(1-3)-[alpha-D-mannopyranose-(1-6)]alpha-D-mannopyranose-(1-4)-2-acetamido-2-deoxy-alpha-D-glucopyranose-(1-4)-2-acetamido-2-deoxy-beta-D-glucopyranose
13 non-polymer 2-acetamido-2-deoxy-beta-D-glucopyranose
#
loop_
_entity_poly.entity_id
_entity_poly.type
_entity_poly.pdbx_seq_one_letter_code
_entity_poly.pdbx_strand_id
1 'polyribonucleotide' AUUCUGCGGAUUAUUUGGCAAAGGAAGCAUUGACACAUGCGCCAAU C
2 'polyribonucleotide' AUUGGCGCAUGUGUCAAUGCUUCCUUUGCCAAAUAAUCCGCAGAAU D
3 'polypeptide(L)'
;QCTVRYNVADCSHLKLTHIPDDLPSNITVLNLTHNQLRRLPPTNFTRYSQLAILDAGFNSISKLEPELCQILPLLKVLNL
QHNELSQISDQTFVFCTNLTELDLMSNSIHKIKSNPFKNQKNLIKLDLSHNGLSSTKLGTGVQLENLQELLLAKNKILAL
RSEELEFLGNSSLRKLDLSSNPLKEFSPGCFQTIGKLFALLLNNAQLNPHLTEKLCWELSNTSIQNLSLANNQLLATSES
TFSGLKWTNLTQLDLSYNNLHDVGNGSFSYLPSLRYLSLEYNNIQRLSPRSFYGLSNLRYLSLKRAFTKQSVSLASHPNI
DDFSFQWLKYLEYLNMDDNNIPSTKSNTFTGLVSLKYLSLSKTFTSLQTLTNETFVSLAHSPLLTLNLTKNHISKIANGT
FSWLGQLRILDLGLNEIEQKLSGQEWRGLRNIFEIYLSYNKYLQLSTSSFALVPSLQRLMLRRVALKNVDISPSPFRPLR
NLTILDLSNNNIANINEDLLEGLENLEILDFQHNNLARLWKRANPGGPVNFLKGLSHLHILNLESNGLDEIPVGVFKNLF
ELKSINLGLNNLNKLEPFIFDDQTSLRSLNLQKNLITSVEKDVFGPPFQNLNSLDMRFNPFDCTCESISWFVNWINQTHT
NISELSTHYLCNTPHHYYGFPLKLFDTSSCKDSAPFENLYFQGHHHHHHWSHPQFEK
;
A,B
#
# COMPACT_ATOMS: atom_id res chain seq x y z
N CYS C 2 39.39 -34.53 -12.78
CA CYS C 2 38.13 -35.06 -12.15
C CYS C 2 38.04 -34.63 -10.68
N THR C 3 36.99 -35.10 -10.01
CA THR C 3 36.78 -34.78 -8.59
C THR C 3 37.61 -35.76 -7.76
N VAL C 4 38.10 -36.81 -8.43
CA VAL C 4 38.93 -37.85 -7.82
C VAL C 4 38.46 -38.21 -6.42
N ARG C 5 37.15 -38.18 -6.20
CA ARG C 5 36.58 -38.49 -4.89
C ARG C 5 37.18 -39.78 -4.30
N TYR C 6 37.40 -39.78 -2.99
CA TYR C 6 37.97 -40.92 -2.27
C TYR C 6 37.41 -42.24 -2.78
N ASN C 7 38.27 -43.07 -3.40
CA ASN C 7 37.84 -44.37 -3.93
C ASN C 7 37.01 -44.27 -5.23
N VAL C 8 35.84 -43.64 -5.17
CA VAL C 8 34.98 -43.50 -6.35
C VAL C 8 35.38 -42.32 -7.25
N ALA C 9 35.80 -42.64 -8.47
CA ALA C 9 36.22 -41.62 -9.43
C ALA C 9 35.00 -40.88 -9.96
N ASP C 10 34.94 -39.56 -9.75
CA ASP C 10 33.79 -38.79 -10.21
C ASP C 10 34.13 -37.63 -11.18
N CYS C 11 33.97 -37.90 -12.47
CA CYS C 11 34.22 -36.91 -13.51
C CYS C 11 32.89 -36.38 -14.02
N SER C 12 32.47 -35.28 -13.41
CA SER C 12 31.19 -34.62 -13.71
C SER C 12 30.88 -34.38 -15.18
N HIS C 13 31.54 -33.39 -15.74
CA HIS C 13 31.38 -32.95 -17.13
C HIS C 13 32.74 -32.37 -17.43
N LEU C 14 33.50 -33.05 -18.29
CA LEU C 14 34.86 -32.65 -18.60
C LEU C 14 35.05 -32.37 -20.10
N LYS C 15 34.03 -32.66 -20.87
CA LYS C 15 34.09 -32.47 -22.31
C LYS C 15 35.31 -33.34 -22.71
N LEU C 16 35.49 -34.43 -21.96
CA LEU C 16 36.61 -35.36 -22.16
C LEU C 16 36.68 -36.01 -23.55
N THR C 17 37.91 -36.25 -24.02
CA THR C 17 38.17 -36.80 -25.37
C THR C 17 38.33 -38.33 -25.49
N HIS C 18 39.36 -38.87 -24.87
CA HIS C 18 39.65 -40.31 -24.90
C HIS C 18 39.47 -40.84 -23.48
N ILE C 19 39.45 -42.17 -23.33
CA ILE C 19 39.30 -42.75 -21.98
C ILE C 19 40.62 -42.57 -21.22
N PRO C 20 40.63 -41.65 -20.24
CA PRO C 20 41.81 -41.36 -19.41
C PRO C 20 42.27 -42.41 -18.41
N ASP C 21 43.57 -42.37 -18.08
CA ASP C 21 44.20 -43.27 -17.13
C ASP C 21 45.45 -42.62 -16.52
N ASP C 22 45.26 -41.41 -15.96
CA ASP C 22 46.36 -40.66 -15.34
C ASP C 22 46.25 -40.52 -13.82
N LEU C 23 45.03 -40.55 -13.29
CA LEU C 23 44.81 -40.44 -11.84
C LEU C 23 44.99 -41.83 -11.17
N PRO C 24 44.65 -41.96 -9.88
CA PRO C 24 44.87 -43.24 -9.20
C PRO C 24 44.29 -44.56 -9.72
N SER C 25 45.01 -45.65 -9.44
CA SER C 25 44.79 -46.98 -10.01
C SER C 25 44.29 -47.88 -8.85
N ASN C 26 44.20 -47.26 -7.68
CA ASN C 26 43.76 -47.87 -6.42
C ASN C 26 42.35 -47.32 -6.16
N ILE C 27 41.34 -47.91 -6.84
CA ILE C 27 39.93 -47.50 -6.71
C ILE C 27 38.93 -48.62 -7.06
N THR C 28 37.63 -48.35 -6.87
CA THR C 28 36.56 -49.32 -7.16
C THR C 28 35.35 -48.78 -7.95
N VAL C 29 35.43 -47.52 -8.38
CA VAL C 29 34.36 -46.90 -9.17
C VAL C 29 34.89 -45.74 -10.02
N LEU C 30 34.28 -45.54 -11.19
CA LEU C 30 34.71 -44.47 -12.10
C LEU C 30 33.54 -43.86 -12.88
N ASN C 31 33.38 -42.55 -12.75
CA ASN C 31 32.31 -41.82 -13.44
C ASN C 31 32.86 -41.20 -14.72
N LEU C 32 32.30 -41.61 -15.85
CA LEU C 32 32.71 -41.09 -17.15
C LEU C 32 31.51 -40.41 -17.79
N THR C 33 30.37 -40.51 -17.12
CA THR C 33 29.13 -39.93 -17.60
C THR C 33 29.27 -38.45 -17.91
N HIS C 34 28.49 -38.00 -18.91
CA HIS C 34 28.48 -36.61 -19.35
C HIS C 34 29.77 -36.19 -20.06
N ASN C 35 30.17 -36.99 -21.04
CA ASN C 35 31.38 -36.72 -21.82
C ASN C 35 31.21 -37.30 -23.22
N GLN C 36 32.04 -36.84 -24.16
CA GLN C 36 31.99 -37.32 -25.55
C GLN C 36 32.83 -38.58 -25.69
N LEU C 37 32.17 -39.71 -25.94
CA LEU C 37 32.88 -40.98 -26.05
C LEU C 37 32.77 -41.71 -27.39
N ARG C 38 33.94 -41.98 -27.98
CA ARG C 38 34.08 -42.67 -29.27
C ARG C 38 33.43 -44.08 -29.17
N ARG C 39 34.04 -44.92 -28.33
CA ARG C 39 33.60 -46.29 -28.07
C ARG C 39 34.34 -46.69 -26.79
N LEU C 40 34.02 -47.84 -26.20
CA LEU C 40 34.72 -48.23 -24.97
C LEU C 40 35.90 -49.15 -25.25
N PRO C 41 37.14 -48.62 -25.13
CA PRO C 41 38.34 -49.44 -25.37
C PRO C 41 38.36 -50.62 -24.39
N PRO C 42 38.00 -51.81 -24.88
CA PRO C 42 37.96 -53.03 -24.07
C PRO C 42 39.30 -53.45 -23.46
N THR C 43 40.39 -52.86 -23.94
CA THR C 43 41.74 -53.17 -23.44
C THR C 43 42.38 -52.04 -22.61
N ASN C 44 41.82 -50.83 -22.70
CA ASN C 44 42.36 -49.70 -21.95
C ASN C 44 41.97 -49.80 -20.47
N PHE C 45 41.39 -50.95 -20.11
CA PHE C 45 40.98 -51.20 -18.73
C PHE C 45 41.88 -52.19 -17.99
N THR C 46 43.19 -52.02 -18.13
CA THR C 46 44.15 -52.89 -17.46
C THR C 46 44.78 -52.10 -16.30
N ARG C 47 44.91 -50.79 -16.52
CA ARG C 47 45.46 -49.89 -15.51
C ARG C 47 44.44 -49.70 -14.39
N TYR C 48 43.20 -50.12 -14.65
CA TYR C 48 42.09 -50.06 -13.71
C TYR C 48 41.48 -51.45 -13.69
N SER C 49 42.07 -52.33 -12.89
CA SER C 49 41.61 -53.70 -12.78
C SER C 49 40.87 -53.88 -11.46
N GLN C 50 40.55 -52.74 -10.84
CA GLN C 50 39.89 -52.71 -9.56
C GLN C 50 38.43 -52.26 -9.55
N LEU C 51 38.00 -51.49 -10.54
CA LEU C 51 36.64 -50.96 -10.61
C LEU C 51 35.45 -51.92 -10.41
N ALA C 52 34.57 -51.58 -9.47
CA ALA C 52 33.38 -52.36 -9.14
C ALA C 52 32.15 -51.94 -9.94
N ILE C 53 32.06 -50.65 -10.26
CA ILE C 53 30.94 -50.11 -11.04
C ILE C 53 31.43 -48.94 -11.89
N LEU C 54 30.72 -48.62 -12.96
CA LEU C 54 31.13 -47.52 -13.81
C LEU C 54 29.98 -46.67 -14.35
N ASP C 55 30.05 -45.38 -14.06
CA ASP C 55 29.04 -44.42 -14.52
C ASP C 55 29.43 -44.11 -15.97
N ALA C 56 28.98 -44.96 -16.90
CA ALA C 56 29.29 -44.79 -18.30
C ALA C 56 28.02 -44.74 -19.15
N GLY C 57 27.28 -43.65 -19.02
CA GLY C 57 26.06 -43.48 -19.79
C GLY C 57 26.11 -42.06 -20.31
N PHE C 58 25.14 -41.69 -21.14
CA PHE C 58 25.12 -40.34 -21.69
C PHE C 58 26.35 -40.07 -22.58
N ASN C 59 26.83 -41.12 -23.25
CA ASN C 59 27.97 -41.01 -24.14
C ASN C 59 27.63 -41.67 -25.48
N SER C 60 28.30 -41.23 -26.54
CA SER C 60 28.04 -41.79 -27.86
C SER C 60 28.85 -43.07 -28.06
N ILE C 61 28.34 -44.19 -27.55
CA ILE C 61 29.05 -45.46 -27.68
C ILE C 61 28.38 -46.35 -28.72
N SER C 62 29.08 -46.54 -29.83
CA SER C 62 28.60 -47.34 -30.95
C SER C 62 28.27 -48.79 -30.61
N LYS C 63 29.28 -49.56 -30.20
CA LYS C 63 29.07 -50.95 -29.83
C LYS C 63 30.05 -51.37 -28.74
N LEU C 64 29.88 -52.58 -28.21
CA LEU C 64 30.74 -53.07 -27.14
C LEU C 64 31.18 -54.52 -27.34
N GLU C 65 32.47 -54.77 -27.12
CA GLU C 65 33.03 -56.12 -27.26
C GLU C 65 33.01 -56.83 -25.91
N PRO C 66 32.84 -58.17 -25.94
CA PRO C 66 32.80 -59.03 -24.74
C PRO C 66 34.05 -58.88 -23.89
N GLU C 67 35.04 -58.20 -24.45
CA GLU C 67 36.32 -57.97 -23.81
C GLU C 67 36.27 -57.19 -22.49
N LEU C 68 35.49 -56.10 -22.46
CA LEU C 68 35.40 -55.26 -21.28
C LEU C 68 34.99 -55.96 -19.99
N CYS C 69 34.33 -57.12 -20.11
CA CYS C 69 33.88 -57.87 -18.93
C CYS C 69 34.94 -58.76 -18.31
N GLN C 70 35.87 -59.28 -19.12
CA GLN C 70 36.93 -60.15 -18.63
C GLN C 70 38.13 -59.35 -18.13
N ILE C 71 38.21 -58.08 -18.55
CA ILE C 71 39.30 -57.19 -18.16
C ILE C 71 39.04 -56.70 -16.74
N LEU C 72 37.75 -56.66 -16.38
CA LEU C 72 37.32 -56.22 -15.06
C LEU C 72 36.39 -57.26 -14.43
N PRO C 73 36.95 -58.43 -14.02
CA PRO C 73 36.16 -59.50 -13.40
C PRO C 73 35.35 -59.02 -12.18
N LEU C 74 35.91 -58.06 -11.46
CA LEU C 74 35.26 -57.48 -10.29
C LEU C 74 34.38 -56.32 -10.78
N LEU C 75 33.17 -56.63 -11.23
CA LEU C 75 32.24 -55.63 -11.77
C LEU C 75 30.79 -56.00 -11.42
N LYS C 76 30.12 -55.12 -10.66
CA LYS C 76 28.74 -55.36 -10.28
C LYS C 76 27.77 -54.46 -11.06
N VAL C 77 28.12 -53.20 -11.20
CA VAL C 77 27.26 -52.24 -11.90
C VAL C 77 27.81 -51.66 -13.20
N LEU C 78 27.08 -51.91 -14.27
CA LEU C 78 27.42 -51.44 -15.61
C LEU C 78 26.33 -50.49 -16.07
N ASN C 79 26.62 -49.19 -16.06
CA ASN C 79 25.65 -48.19 -16.50
C ASN C 79 25.90 -47.78 -17.96
N LEU C 80 24.98 -48.14 -18.85
CA LEU C 80 25.10 -47.80 -20.28
C LEU C 80 23.79 -47.25 -20.82
N GLN C 81 23.22 -46.29 -20.11
CA GLN C 81 21.95 -45.70 -20.52
C GLN C 81 22.23 -44.48 -21.40
N HIS C 82 21.27 -44.20 -22.27
CA HIS C 82 21.40 -43.06 -23.17
C HIS C 82 22.61 -43.17 -24.08
N ASN C 83 22.82 -44.36 -24.63
CA ASN C 83 23.94 -44.61 -25.54
C ASN C 83 23.39 -45.21 -26.84
N GLU C 84 24.27 -45.45 -27.82
CA GLU C 84 23.86 -46.01 -29.12
C GLU C 84 23.46 -47.49 -29.10
N LEU C 85 24.45 -48.37 -29.03
CA LEU C 85 24.23 -49.82 -28.99
C LEU C 85 22.98 -50.33 -29.71
N SER C 86 22.92 -50.18 -31.02
CA SER C 86 21.75 -50.61 -31.80
C SER C 86 21.42 -52.10 -31.69
N GLN C 87 22.44 -52.95 -31.77
CA GLN C 87 22.24 -54.40 -31.69
C GLN C 87 23.30 -55.05 -30.79
N ILE C 88 22.99 -56.25 -30.31
CA ILE C 88 23.92 -56.97 -29.44
C ILE C 88 23.49 -58.42 -29.23
N SER C 89 24.45 -59.30 -28.98
CA SER C 89 24.18 -60.71 -28.74
C SER C 89 24.90 -61.19 -27.47
N ASP C 90 24.65 -62.45 -27.14
CA ASP C 90 25.20 -63.10 -25.94
C ASP C 90 26.68 -62.88 -25.63
N GLN C 91 27.50 -62.76 -26.67
CA GLN C 91 28.93 -62.56 -26.50
C GLN C 91 29.30 -61.42 -25.56
N THR C 92 28.64 -60.29 -25.76
CA THR C 92 28.91 -59.07 -25.00
C THR C 92 29.07 -59.16 -23.46
N PHE C 93 28.28 -60.01 -22.80
CA PHE C 93 28.34 -60.13 -21.33
C PHE C 93 28.82 -61.48 -20.81
N VAL C 94 29.31 -62.33 -21.71
CA VAL C 94 29.77 -63.66 -21.33
C VAL C 94 30.78 -63.68 -20.17
N PHE C 95 31.56 -62.61 -20.03
CA PHE C 95 32.55 -62.57 -18.97
C PHE C 95 32.07 -61.80 -17.74
N CYS C 96 30.83 -61.33 -17.79
CA CYS C 96 30.22 -60.60 -16.68
C CYS C 96 29.24 -61.51 -15.94
N THR C 97 29.77 -62.33 -15.04
CA THR C 97 28.95 -63.25 -14.24
C THR C 97 28.77 -62.73 -12.82
N ASN C 98 29.52 -61.70 -12.46
CA ASN C 98 29.42 -61.10 -11.14
C ASN C 98 28.54 -59.86 -11.18
N LEU C 99 28.24 -59.39 -12.39
CA LEU C 99 27.40 -58.21 -12.60
C LEU C 99 26.03 -58.33 -11.91
N THR C 100 25.66 -57.30 -11.15
CA THR C 100 24.38 -57.30 -10.41
C THR C 100 23.36 -56.24 -10.84
N GLU C 101 23.83 -55.16 -11.48
CA GLU C 101 22.95 -54.08 -11.92
C GLU C 101 23.31 -53.69 -13.37
N LEU C 102 22.37 -53.89 -14.30
CA LEU C 102 22.62 -53.58 -15.70
C LEU C 102 21.73 -52.45 -16.21
N ASP C 103 22.34 -51.35 -16.63
CA ASP C 103 21.56 -50.21 -17.10
C ASP C 103 21.67 -49.85 -18.59
N LEU C 104 20.55 -49.91 -19.30
CA LEU C 104 20.47 -49.56 -20.72
C LEU C 104 19.15 -48.80 -20.96
N MET C 105 19.18 -47.48 -21.01
CA MET C 105 17.94 -46.72 -21.20
C MET C 105 17.66 -46.11 -22.58
N SER C 106 18.66 -45.57 -23.26
CA SER C 106 18.40 -44.98 -24.57
C SER C 106 19.37 -45.51 -25.61
N ASN C 107 19.14 -46.74 -26.04
CA ASN C 107 20.02 -47.39 -27.01
C ASN C 107 19.28 -47.96 -28.23
N SER C 108 18.01 -47.61 -28.39
CA SER C 108 17.20 -48.10 -29.49
C SER C 108 17.63 -49.50 -29.99
N ILE C 109 17.60 -50.48 -29.08
CA ILE C 109 17.94 -51.87 -29.40
C ILE C 109 16.58 -52.45 -29.74
N HIS C 110 16.19 -52.35 -31.00
CA HIS C 110 14.86 -52.79 -31.43
C HIS C 110 14.51 -54.27 -31.27
N LYS C 111 15.50 -55.15 -31.43
CA LYS C 111 15.24 -56.58 -31.33
C LYS C 111 16.31 -57.26 -30.48
N ILE C 112 16.01 -58.49 -30.06
CA ILE C 112 16.93 -59.28 -29.25
C ILE C 112 16.84 -60.75 -29.65
N LYS C 113 17.97 -61.30 -30.06
CA LYS C 113 18.10 -62.69 -30.50
C LYS C 113 18.93 -63.48 -29.48
N SER C 114 18.76 -64.81 -29.46
CA SER C 114 19.50 -65.69 -28.56
C SER C 114 19.21 -65.46 -27.08
N ASN C 115 20.11 -65.95 -26.22
CA ASN C 115 19.99 -65.80 -24.77
C ASN C 115 21.20 -64.96 -24.29
N PRO C 116 21.19 -63.64 -24.56
CA PRO C 116 22.22 -62.64 -24.21
C PRO C 116 22.79 -62.64 -22.80
N PHE C 117 22.01 -63.10 -21.82
CA PHE C 117 22.49 -63.10 -20.44
C PHE C 117 22.57 -64.49 -19.84
N LYS C 118 22.96 -65.46 -20.67
CA LYS C 118 23.10 -66.84 -20.24
C LYS C 118 24.23 -66.87 -19.19
N ASN C 119 24.66 -65.69 -18.78
CA ASN C 119 25.74 -65.57 -17.80
C ASN C 119 25.36 -64.89 -16.48
N GLN C 120 24.75 -63.72 -16.57
CA GLN C 120 24.38 -62.99 -15.38
C GLN C 120 23.48 -63.81 -14.47
N LYS C 121 24.03 -64.17 -13.31
CA LYS C 121 23.30 -64.96 -12.32
C LYS C 121 23.09 -64.10 -11.07
N ASN C 122 23.84 -63.00 -10.99
CA ASN C 122 23.78 -62.06 -9.87
C ASN C 122 23.15 -60.74 -10.32
N LEU C 123 22.54 -60.71 -11.50
CA LEU C 123 21.95 -59.45 -11.98
C LEU C 123 20.50 -59.20 -11.60
N ILE C 124 20.29 -58.22 -10.70
CA ILE C 124 18.95 -57.86 -10.21
C ILE C 124 18.25 -56.73 -10.98
N LYS C 125 18.81 -55.53 -10.95
CA LYS C 125 18.22 -54.42 -11.70
C LYS C 125 18.56 -54.61 -13.18
N LEU C 126 17.56 -54.46 -14.04
CA LEU C 126 17.80 -54.64 -15.47
C LEU C 126 16.93 -53.68 -16.26
N ASP C 127 17.38 -52.44 -16.42
CA ASP C 127 16.57 -51.45 -17.15
C ASP C 127 16.82 -51.45 -18.64
N LEU C 128 15.80 -51.87 -19.38
CA LEU C 128 15.84 -51.92 -20.83
C LEU C 128 14.55 -51.23 -21.25
N SER C 129 14.60 -49.92 -21.30
CA SER C 129 13.43 -49.13 -21.64
C SER C 129 13.77 -48.11 -22.71
N HIS C 130 12.78 -47.65 -23.47
CA HIS C 130 13.03 -46.66 -24.52
C HIS C 130 13.96 -47.17 -25.59
N ASN C 131 14.10 -48.49 -25.67
CA ASN C 131 15.01 -49.05 -26.65
C ASN C 131 14.41 -49.65 -27.91
N GLY C 132 13.16 -49.35 -28.24
CA GLY C 132 12.59 -49.87 -29.48
C GLY C 132 12.21 -51.33 -29.47
N LEU C 133 12.25 -51.95 -28.30
CA LEU C 133 11.83 -53.35 -28.16
C LEU C 133 10.38 -53.47 -28.59
N SER C 134 10.08 -54.49 -29.38
CA SER C 134 8.73 -54.72 -29.85
C SER C 134 8.24 -55.94 -29.10
N SER C 135 9.15 -56.62 -28.41
CA SER C 135 8.82 -57.82 -27.64
C SER C 135 9.50 -57.85 -26.28
N THR C 136 8.95 -58.67 -25.39
CA THR C 136 9.45 -58.83 -24.04
C THR C 136 10.46 -59.99 -23.98
N LYS C 137 10.27 -60.96 -24.87
CA LYS C 137 11.14 -62.12 -24.94
C LYS C 137 12.62 -61.73 -24.93
N LEU C 138 13.40 -62.44 -24.14
CA LEU C 138 14.84 -62.19 -24.02
C LEU C 138 15.56 -63.54 -24.00
N GLY C 139 14.86 -64.58 -24.44
CA GLY C 139 15.43 -65.91 -24.46
C GLY C 139 14.34 -66.95 -24.47
N THR C 140 14.72 -68.20 -24.76
CA THR C 140 13.77 -69.30 -24.80
C THR C 140 13.99 -70.26 -23.62
N GLY C 141 15.13 -70.09 -22.94
CA GLY C 141 15.43 -70.93 -21.78
C GLY C 141 15.14 -70.20 -20.49
N VAL C 142 15.04 -70.93 -19.38
CA VAL C 142 14.76 -70.31 -18.08
C VAL C 142 16.03 -69.81 -17.40
N GLN C 143 16.31 -68.51 -17.54
CA GLN C 143 17.50 -67.91 -16.95
C GLN C 143 17.20 -66.68 -16.10
N LEU C 144 18.27 -66.02 -15.64
CA LEU C 144 18.16 -64.86 -14.76
C LEU C 144 17.53 -65.37 -13.45
N GLU C 145 18.25 -66.30 -12.83
CA GLU C 145 17.84 -66.95 -11.58
C GLU C 145 17.20 -65.98 -10.60
N ASN C 146 17.98 -64.99 -10.18
CA ASN C 146 17.52 -63.99 -9.21
C ASN C 146 17.50 -62.59 -9.79
N LEU C 147 16.35 -62.19 -10.31
CA LEU C 147 16.18 -60.87 -10.88
C LEU C 147 15.03 -60.23 -10.10
N GLN C 148 15.19 -58.98 -9.71
CA GLN C 148 14.16 -58.31 -8.94
C GLN C 148 13.57 -57.08 -9.61
N GLU C 149 14.11 -56.72 -10.76
CA GLU C 149 13.60 -55.56 -11.48
C GLU C 149 13.84 -55.66 -12.97
N LEU C 150 12.75 -55.72 -13.70
CA LEU C 150 12.80 -55.80 -15.15
C LEU C 150 12.09 -54.59 -15.69
N LEU C 151 12.85 -53.57 -16.04
CA LEU C 151 12.23 -52.35 -16.56
C LEU C 151 12.10 -52.35 -18.07
N LEU C 152 10.87 -52.36 -18.55
CA LEU C 152 10.54 -52.34 -19.97
C LEU C 152 9.37 -51.40 -20.07
N ALA C 153 9.68 -50.14 -20.25
CA ALA C 153 8.67 -49.13 -20.32
C ALA C 153 9.07 -48.20 -21.44
N LYS C 154 8.17 -47.33 -21.87
CA LYS C 154 8.50 -46.42 -22.95
C LYS C 154 8.93 -47.20 -24.19
N ASN C 155 8.57 -48.48 -24.23
CA ASN C 155 8.88 -49.35 -25.37
C ASN C 155 7.64 -49.51 -26.25
N LYS C 156 7.76 -50.30 -27.31
CA LYS C 156 6.64 -50.51 -28.22
C LYS C 156 6.12 -51.97 -28.22
N ILE C 157 5.94 -52.54 -27.03
CA ILE C 157 5.43 -53.91 -26.90
C ILE C 157 3.93 -53.87 -27.17
N LEU C 158 3.45 -54.78 -28.02
CA LEU C 158 2.02 -54.81 -28.36
C LEU C 158 1.19 -55.76 -27.48
N ALA C 159 1.86 -56.76 -26.90
CA ALA C 159 1.16 -57.72 -26.04
C ALA C 159 2.13 -58.60 -25.25
N LEU C 160 1.56 -59.41 -24.38
CA LEU C 160 2.34 -60.32 -23.55
C LEU C 160 1.74 -61.71 -23.72
N ARG C 161 2.61 -62.71 -23.92
CA ARG C 161 2.16 -64.09 -24.10
C ARG C 161 2.70 -65.03 -23.05
N SER C 162 2.00 -66.14 -22.90
CA SER C 162 2.41 -67.15 -21.95
C SER C 162 3.70 -67.75 -22.53
N GLU C 163 4.07 -67.30 -23.73
CA GLU C 163 5.34 -67.84 -24.48
C GLU C 163 6.67 -66.93 -24.47
N GLU C 164 6.51 -65.65 -24.79
CA GLU C 164 7.66 -64.76 -24.80
C GLU C 164 7.95 -64.28 -23.39
N LEU C 165 7.21 -64.82 -22.42
CA LEU C 165 7.39 -64.44 -21.02
C LEU C 165 7.92 -65.59 -20.19
N GLU C 166 7.65 -66.82 -20.63
CA GLU C 166 8.07 -68.01 -19.91
C GLU C 166 9.58 -68.15 -19.67
N PHE C 167 10.39 -67.28 -20.26
CA PHE C 167 11.83 -67.39 -20.04
C PHE C 167 12.24 -67.14 -18.58
N LEU C 168 11.25 -66.87 -17.73
CA LEU C 168 11.46 -66.64 -16.31
C LEU C 168 10.75 -67.80 -15.60
N GLY C 169 11.52 -68.82 -15.22
CA GLY C 169 10.92 -70.03 -14.61
C GLY C 169 10.69 -70.07 -13.11
N ASN C 170 11.75 -69.83 -12.36
CA ASN C 170 11.62 -69.79 -10.91
C ASN C 170 12.08 -68.38 -10.55
N SER C 171 12.06 -67.55 -11.58
CA SER C 171 12.44 -66.15 -11.52
C SER C 171 11.32 -65.40 -10.80
N SER C 172 11.70 -64.66 -9.75
CA SER C 172 10.73 -63.89 -8.97
C SER C 172 11.03 -62.39 -9.03
N LEU C 173 10.30 -61.68 -9.89
CA LEU C 173 10.45 -60.23 -10.09
C LEU C 173 9.77 -59.44 -8.99
N ARG C 174 10.49 -58.52 -8.38
CA ARG C 174 9.90 -57.71 -7.32
C ARG C 174 9.20 -56.48 -7.89
N LYS C 175 9.74 -55.92 -8.97
CA LYS C 175 9.17 -54.73 -9.60
C LYS C 175 9.26 -54.90 -11.13
N LEU C 176 8.13 -55.11 -11.78
CA LEU C 176 8.12 -55.30 -13.22
C LEU C 176 7.46 -54.14 -13.96
N ASP C 177 8.26 -53.21 -14.46
CA ASP C 177 7.74 -52.04 -15.16
C ASP C 177 7.27 -52.36 -16.57
N LEU C 178 6.22 -51.69 -17.01
CA LEU C 178 5.67 -51.87 -18.35
C LEU C 178 4.87 -50.63 -18.76
N SER C 179 5.48 -49.46 -18.59
CA SER C 179 4.83 -48.21 -18.93
C SER C 179 5.01 -47.81 -20.40
N SER C 180 4.15 -46.89 -20.84
CA SER C 180 4.18 -46.36 -22.21
C SER C 180 4.02 -47.41 -23.32
N ASN C 181 3.95 -48.68 -22.94
CA ASN C 181 3.79 -49.73 -23.93
C ASN C 181 2.36 -49.75 -24.47
N PRO C 182 2.20 -49.66 -25.79
CA PRO C 182 0.86 -49.67 -26.40
C PRO C 182 0.31 -51.09 -26.42
N LEU C 183 0.03 -51.62 -25.24
CA LEU C 183 -0.50 -52.97 -25.13
C LEU C 183 -2.00 -52.96 -25.45
N LYS C 184 -2.43 -53.90 -26.28
CA LYS C 184 -3.83 -53.98 -26.65
C LYS C 184 -4.42 -55.32 -26.21
N GLU C 185 -3.55 -56.28 -25.90
CA GLU C 185 -4.01 -57.60 -25.45
C GLU C 185 -3.01 -58.37 -24.58
N PHE C 186 -3.54 -59.03 -23.54
CA PHE C 186 -2.76 -59.83 -22.61
C PHE C 186 -3.12 -61.31 -22.85
N SER C 187 -2.43 -61.94 -23.79
CA SER C 187 -2.68 -63.35 -24.12
C SER C 187 -2.87 -64.17 -22.83
N PRO C 188 -3.93 -65.00 -22.77
CA PRO C 188 -4.21 -65.83 -21.59
C PRO C 188 -2.98 -66.50 -20.97
N GLY C 189 -2.95 -66.52 -19.63
CA GLY C 189 -1.84 -67.13 -18.91
C GLY C 189 -0.51 -66.44 -19.11
N CYS C 190 -0.55 -65.13 -19.37
CA CYS C 190 0.67 -64.35 -19.60
C CYS C 190 1.36 -63.91 -18.31
N PHE C 191 0.89 -64.41 -17.18
CA PHE C 191 1.49 -64.08 -15.90
C PHE C 191 1.70 -65.36 -15.12
N GLN C 192 0.91 -66.37 -15.46
CA GLN C 192 0.99 -67.69 -14.80
C GLN C 192 2.36 -68.28 -15.13
N THR C 193 3.04 -67.66 -16.10
CA THR C 193 4.35 -68.09 -16.55
C THR C 193 5.53 -67.40 -15.86
N ILE C 194 5.25 -66.37 -15.06
CA ILE C 194 6.29 -65.67 -14.33
C ILE C 194 6.44 -66.38 -12.99
N GLY C 195 7.67 -66.66 -12.59
CA GLY C 195 7.89 -67.35 -11.33
C GLY C 195 6.96 -66.83 -10.23
N LYS C 196 7.21 -65.59 -9.81
CA LYS C 196 6.42 -64.91 -8.77
C LYS C 196 6.49 -63.41 -9.08
N LEU C 197 5.37 -62.81 -9.47
CA LEU C 197 5.37 -61.40 -9.82
C LEU C 197 4.73 -60.44 -8.81
N PHE C 198 5.57 -59.76 -8.02
CA PHE C 198 5.11 -58.83 -6.98
C PHE C 198 4.51 -57.50 -7.41
N ALA C 199 5.36 -56.63 -7.95
CA ALA C 199 4.91 -55.33 -8.40
C ALA C 199 4.65 -55.27 -9.91
N LEU C 200 3.96 -54.22 -10.33
CA LEU C 200 3.66 -54.10 -11.75
C LEU C 200 3.36 -52.63 -12.02
N LEU C 201 3.71 -52.16 -13.23
CA LEU C 201 3.50 -50.76 -13.57
C LEU C 201 3.05 -50.56 -15.00
N LEU C 202 1.75 -50.54 -15.22
CA LEU C 202 1.22 -50.35 -16.57
C LEU C 202 0.87 -48.90 -16.88
N ASN C 203 1.70 -48.00 -16.38
CA ASN C 203 1.51 -46.58 -16.60
C ASN C 203 1.42 -46.18 -18.05
N ASN C 204 0.52 -45.26 -18.36
CA ASN C 204 0.33 -44.77 -19.72
C ASN C 204 0.43 -45.90 -20.74
N ALA C 205 -0.59 -46.75 -20.77
CA ALA C 205 -0.63 -47.89 -21.69
C ALA C 205 -1.98 -47.98 -22.40
N GLN C 206 -2.78 -46.92 -22.27
CA GLN C 206 -4.10 -46.85 -22.89
C GLN C 206 -4.90 -48.13 -22.72
N LEU C 207 -5.43 -48.33 -21.52
CA LEU C 207 -6.21 -49.50 -21.17
C LEU C 207 -7.70 -49.17 -21.16
N ASN C 208 -8.49 -50.05 -21.76
CA ASN C 208 -9.93 -49.90 -21.84
C ASN C 208 -10.56 -50.53 -20.60
N PRO C 209 -11.77 -50.07 -20.19
CA PRO C 209 -12.38 -50.66 -19.01
C PRO C 209 -12.44 -52.19 -19.15
N HIS C 210 -12.44 -52.68 -20.40
CA HIS C 210 -12.49 -54.11 -20.68
C HIS C 210 -11.09 -54.71 -20.68
N LEU C 211 -10.16 -54.10 -21.42
CA LEU C 211 -8.77 -54.60 -21.43
C LEU C 211 -8.37 -54.75 -19.97
N THR C 212 -8.76 -53.76 -19.17
CA THR C 212 -8.48 -53.73 -17.75
C THR C 212 -9.22 -54.90 -17.12
N GLU C 213 -10.53 -54.90 -17.27
CA GLU C 213 -11.41 -55.93 -16.73
C GLU C 213 -10.88 -57.33 -17.08
N LYS C 214 -10.39 -57.47 -18.31
CA LYS C 214 -9.86 -58.74 -18.80
C LYS C 214 -8.48 -59.03 -18.20
N LEU C 215 -7.55 -58.09 -18.39
CA LEU C 215 -6.19 -58.21 -17.87
C LEU C 215 -6.18 -58.79 -16.46
N CYS C 216 -7.15 -58.35 -15.67
CA CYS C 216 -7.29 -58.77 -14.28
C CYS C 216 -7.19 -60.26 -14.04
N TRP C 217 -7.98 -61.04 -14.77
CA TRP C 217 -7.98 -62.48 -14.59
C TRP C 217 -6.59 -63.10 -14.79
N GLU C 218 -5.78 -62.50 -15.67
CA GLU C 218 -4.44 -63.02 -15.95
C GLU C 218 -3.51 -62.64 -14.80
N LEU C 219 -3.98 -61.76 -13.94
CA LEU C 219 -3.23 -61.31 -12.78
C LEU C 219 -3.65 -62.18 -11.60
N SER C 220 -4.47 -63.18 -11.86
CA SER C 220 -4.96 -64.06 -10.80
C SER C 220 -3.99 -65.12 -10.33
N ASN C 221 -4.32 -65.70 -9.17
CA ASN C 221 -3.52 -66.72 -8.53
C ASN C 221 -2.03 -66.39 -8.56
N THR C 222 -1.71 -65.12 -8.80
CA THR C 222 -0.33 -64.66 -8.85
C THR C 222 0.05 -64.02 -7.52
N SER C 223 1.35 -63.89 -7.27
CA SER C 223 1.85 -63.31 -6.02
C SER C 223 1.87 -61.78 -6.07
N ILE C 224 0.99 -61.21 -6.91
CA ILE C 224 0.95 -59.75 -7.12
C ILE C 224 0.41 -58.90 -5.98
N GLN C 225 1.18 -57.91 -5.54
CA GLN C 225 0.71 -57.04 -4.46
C GLN C 225 0.48 -55.58 -4.80
N ASN C 226 1.36 -54.99 -5.60
CA ASN C 226 1.21 -53.58 -6.00
C ASN C 226 0.86 -53.49 -7.49
N LEU C 227 -0.01 -52.55 -7.85
CA LEU C 227 -0.38 -52.42 -9.25
C LEU C 227 -0.73 -50.97 -9.61
N SER C 228 -0.07 -50.45 -10.64
CA SER C 228 -0.28 -49.07 -11.08
C SER C 228 -0.96 -48.94 -12.44
N LEU C 229 -2.03 -48.15 -12.47
CA LEU C 229 -2.78 -47.90 -13.68
C LEU C 229 -2.95 -46.40 -13.77
N ALA C 230 -1.85 -45.70 -13.98
CA ALA C 230 -1.86 -44.26 -14.09
C ALA C 230 -1.90 -43.84 -15.55
N ASN C 231 -2.68 -42.80 -15.85
CA ASN C 231 -2.77 -42.33 -17.23
C ASN C 231 -3.32 -43.38 -18.20
N ASN C 232 -4.61 -43.68 -18.08
CA ASN C 232 -5.27 -44.64 -18.96
C ASN C 232 -6.65 -44.10 -19.24
N GLN C 233 -7.50 -44.88 -19.91
CA GLN C 233 -8.84 -44.37 -20.20
C GLN C 233 -9.98 -45.04 -19.46
N LEU C 234 -9.77 -45.35 -18.19
CA LEU C 234 -10.84 -45.94 -17.40
C LEU C 234 -11.85 -44.84 -17.10
N LEU C 235 -12.50 -44.33 -18.13
CA LEU C 235 -13.49 -43.28 -17.97
C LEU C 235 -14.58 -43.71 -16.98
N ALA C 236 -14.56 -45.01 -16.63
CA ALA C 236 -15.54 -45.58 -15.69
C ALA C 236 -15.15 -46.99 -15.23
N THR C 237 -15.74 -47.42 -14.11
CA THR C 237 -15.48 -48.75 -13.55
C THR C 237 -16.77 -49.40 -13.03
N SER C 238 -16.78 -50.72 -12.98
CA SER C 238 -17.94 -51.48 -12.50
C SER C 238 -17.48 -52.56 -11.53
N GLU C 239 -18.42 -53.33 -10.99
CA GLU C 239 -18.05 -54.40 -10.07
C GLU C 239 -17.29 -55.46 -10.85
N SER C 240 -17.63 -55.58 -12.13
CA SER C 240 -17.01 -56.56 -13.01
C SER C 240 -15.60 -56.17 -13.46
N THR C 241 -15.30 -54.87 -13.46
CA THR C 241 -14.00 -54.41 -13.90
C THR C 241 -12.87 -55.14 -13.20
N PHE C 242 -12.61 -54.84 -11.94
CA PHE C 242 -11.53 -55.51 -11.24
C PHE C 242 -11.97 -56.87 -10.70
N SER C 243 -13.06 -57.39 -11.25
CA SER C 243 -13.59 -58.68 -10.81
C SER C 243 -12.55 -59.79 -10.87
N GLY C 244 -11.65 -59.70 -11.86
CA GLY C 244 -10.63 -60.70 -12.00
C GLY C 244 -9.65 -60.78 -10.85
N LEU C 245 -9.54 -59.70 -10.08
CA LEU C 245 -8.60 -59.70 -8.98
C LEU C 245 -9.06 -60.49 -7.78
N LYS C 246 -10.33 -60.86 -7.73
CA LYS C 246 -10.86 -61.60 -6.57
C LYS C 246 -9.94 -62.74 -6.14
N TRP C 247 -9.36 -63.43 -7.13
CA TRP C 247 -8.45 -64.55 -6.88
C TRP C 247 -7.06 -64.09 -6.45
N THR C 248 -6.89 -62.80 -6.14
CA THR C 248 -5.58 -62.28 -5.73
C THR C 248 -5.45 -61.84 -4.28
N ASN C 249 -4.27 -61.30 -3.99
CA ASN C 249 -3.88 -60.82 -2.67
C ASN C 249 -3.35 -59.41 -2.92
N LEU C 250 -4.24 -58.44 -3.04
CA LEU C 250 -3.85 -57.05 -3.37
C LEU C 250 -3.69 -55.94 -2.31
N THR C 251 -2.44 -55.47 -2.17
CA THR C 251 -2.08 -54.41 -1.22
C THR C 251 -2.36 -52.97 -1.64
N GLN C 252 -1.63 -52.50 -2.65
CA GLN C 252 -1.82 -51.14 -3.15
C GLN C 252 -2.33 -51.07 -4.58
N LEU C 253 -3.27 -50.18 -4.83
CA LEU C 253 -3.84 -50.02 -6.16
C LEU C 253 -3.86 -48.54 -6.56
N ASP C 254 -3.37 -48.23 -7.75
CA ASP C 254 -3.33 -46.86 -8.23
C ASP C 254 -4.22 -46.69 -9.46
N LEU C 255 -4.99 -45.61 -9.49
CA LEU C 255 -5.88 -45.32 -10.60
C LEU C 255 -5.90 -43.83 -10.87
N SER C 256 -4.81 -43.16 -10.50
CA SER C 256 -4.70 -41.72 -10.70
C SER C 256 -4.67 -41.35 -12.18
N TYR C 257 -5.03 -40.11 -12.47
CA TYR C 257 -5.04 -39.60 -13.84
C TYR C 257 -5.69 -40.58 -14.81
N ASN C 258 -7.00 -40.78 -14.67
CA ASN C 258 -7.72 -41.71 -15.52
C ASN C 258 -9.04 -41.17 -15.99
N ASN C 259 -9.26 -39.87 -15.84
CA ASN C 259 -10.52 -39.26 -16.26
C ASN C 259 -11.71 -40.11 -15.87
N LEU C 260 -11.51 -40.86 -14.79
CA LEU C 260 -12.53 -41.73 -14.24
C LEU C 260 -13.75 -40.89 -13.85
N HIS C 261 -14.86 -41.03 -14.58
CA HIS C 261 -16.07 -40.27 -14.26
C HIS C 261 -17.08 -41.11 -13.48
N ASP C 262 -16.97 -42.41 -13.64
CA ASP C 262 -17.85 -43.34 -12.96
C ASP C 262 -17.07 -44.31 -12.10
N VAL C 263 -17.55 -44.51 -10.89
CA VAL C 263 -16.92 -45.45 -9.98
C VAL C 263 -18.09 -46.29 -9.51
N GLY C 264 -18.57 -47.14 -10.41
CA GLY C 264 -19.70 -48.00 -10.11
C GLY C 264 -19.73 -48.68 -8.75
N ASN C 265 -20.91 -49.16 -8.38
CA ASN C 265 -21.11 -49.82 -7.10
C ASN C 265 -20.39 -51.15 -6.92
N GLY C 266 -19.71 -51.28 -5.78
CA GLY C 266 -18.99 -52.50 -5.48
C GLY C 266 -17.90 -52.84 -6.48
N SER C 267 -17.36 -51.83 -7.13
CA SER C 267 -16.30 -52.04 -8.12
C SER C 267 -15.09 -52.65 -7.40
N PHE C 268 -15.02 -52.41 -6.10
CA PHE C 268 -13.93 -52.88 -5.28
C PHE C 268 -14.35 -53.95 -4.30
N SER C 269 -15.55 -54.48 -4.48
CA SER C 269 -16.03 -55.52 -3.60
C SER C 269 -15.06 -56.69 -3.60
N TYR C 270 -14.16 -56.67 -4.58
CA TYR C 270 -13.20 -57.76 -4.73
C TYR C 270 -11.82 -57.58 -4.11
N LEU C 271 -11.62 -56.52 -3.34
CA LEU C 271 -10.31 -56.30 -2.72
C LEU C 271 -10.36 -56.29 -1.19
N PRO C 272 -10.78 -57.41 -0.60
CA PRO C 272 -10.86 -57.52 0.87
C PRO C 272 -9.50 -57.49 1.50
N SER C 273 -8.50 -57.03 0.76
CA SER C 273 -7.16 -57.01 1.31
C SER C 273 -6.49 -55.70 0.93
N LEU C 274 -7.04 -54.98 -0.04
CA LEU C 274 -6.41 -53.72 -0.42
C LEU C 274 -6.31 -52.78 0.79
N ARG C 275 -5.08 -52.34 1.06
CA ARG C 275 -4.81 -51.46 2.18
C ARG C 275 -4.56 -50.02 1.73
N TYR C 276 -4.09 -49.85 0.50
CA TYR C 276 -3.78 -48.54 -0.09
C TYR C 276 -4.52 -48.37 -1.43
N LEU C 277 -5.00 -47.15 -1.72
CA LEU C 277 -5.73 -46.89 -2.96
C LEU C 277 -5.67 -45.44 -3.40
N SER C 278 -5.09 -45.15 -4.57
CA SER C 278 -4.99 -43.75 -5.00
C SER C 278 -5.86 -43.40 -6.20
N LEU C 279 -6.84 -42.52 -5.98
CA LEU C 279 -7.73 -42.06 -7.04
C LEU C 279 -7.37 -40.64 -7.41
N GLU C 280 -6.12 -40.24 -7.19
CA GLU C 280 -5.73 -38.87 -7.52
C GLU C 280 -6.01 -38.41 -8.95
N TYR C 281 -6.10 -37.09 -9.09
CA TYR C 281 -6.37 -36.42 -10.35
C TYR C 281 -7.33 -37.18 -11.27
N ASN C 282 -8.60 -37.16 -10.91
CA ASN C 282 -9.66 -37.83 -11.67
C ASN C 282 -10.92 -37.01 -11.57
N ASN C 283 -11.88 -37.33 -12.43
CA ASN C 283 -13.16 -36.64 -12.48
C ASN C 283 -14.33 -37.51 -12.05
N ILE C 284 -14.42 -37.80 -10.77
CA ILE C 284 -15.54 -38.58 -10.26
C ILE C 284 -16.76 -37.68 -10.00
N GLN C 285 -17.93 -38.13 -10.45
CA GLN C 285 -19.17 -37.37 -10.31
C GLN C 285 -19.72 -37.38 -8.88
N ARG C 286 -19.81 -38.56 -8.28
CA ARG C 286 -20.30 -38.66 -6.91
C ARG C 286 -19.94 -40.01 -6.31
N LEU C 287 -20.20 -40.14 -5.02
CA LEU C 287 -19.89 -41.38 -4.33
C LEU C 287 -21.07 -41.77 -3.47
N SER C 288 -21.92 -42.67 -3.98
CA SER C 288 -23.07 -43.12 -3.23
C SER C 288 -22.56 -44.01 -2.09
N PRO C 289 -23.42 -44.35 -1.12
CA PRO C 289 -22.97 -45.18 0.00
C PRO C 289 -22.34 -46.51 -0.42
N ARG C 290 -22.89 -47.11 -1.46
CA ARG C 290 -22.40 -48.39 -1.95
C ARG C 290 -21.11 -48.26 -2.77
N SER C 291 -20.59 -47.04 -2.90
CA SER C 291 -19.37 -46.82 -3.68
C SER C 291 -18.18 -47.64 -3.22
N PHE C 292 -17.83 -47.48 -1.95
CA PHE C 292 -16.68 -48.17 -1.42
C PHE C 292 -16.92 -49.55 -0.86
N TYR C 293 -18.11 -50.09 -1.07
CA TYR C 293 -18.37 -51.43 -0.55
C TYR C 293 -17.33 -52.39 -1.11
N GLY C 294 -16.59 -53.04 -0.22
CA GLY C 294 -15.57 -53.98 -0.65
C GLY C 294 -14.22 -53.81 0.00
N LEU C 295 -13.76 -52.56 0.09
CA LEU C 295 -12.47 -52.27 0.70
C LEU C 295 -12.61 -52.19 2.22
N SER C 296 -12.59 -53.34 2.89
CA SER C 296 -12.73 -53.37 4.34
C SER C 296 -11.39 -53.43 5.04
N ASN C 297 -10.32 -53.39 4.24
CA ASN C 297 -8.96 -53.46 4.75
C ASN C 297 -8.20 -52.16 4.48
N LEU C 298 -8.73 -51.36 3.57
CA LEU C 298 -8.13 -50.08 3.20
C LEU C 298 -7.75 -49.23 4.41
N ARG C 299 -6.55 -48.64 4.38
CA ARG C 299 -6.07 -47.80 5.48
C ARG C 299 -5.57 -46.43 5.03
N TYR C 300 -5.42 -46.22 3.74
CA TYR C 300 -4.97 -44.94 3.19
C TYR C 300 -5.70 -44.67 1.89
N LEU C 301 -6.52 -43.63 1.88
CA LEU C 301 -7.27 -43.28 0.68
C LEU C 301 -6.98 -41.87 0.23
N SER C 302 -6.72 -41.70 -1.06
CA SER C 302 -6.40 -40.39 -1.61
C SER C 302 -7.36 -39.91 -2.68
N LEU C 303 -8.02 -38.79 -2.42
CA LEU C 303 -8.96 -38.22 -3.38
C LEU C 303 -8.47 -36.85 -3.78
N LYS C 304 -7.16 -36.70 -3.80
CA LYS C 304 -6.56 -35.43 -4.19
C LYS C 304 -6.99 -35.12 -5.61
N ARG C 305 -7.79 -34.06 -5.77
CA ARG C 305 -8.26 -33.64 -7.08
C ARG C 305 -8.99 -34.79 -7.77
N ALA C 306 -9.75 -35.57 -7.01
CA ALA C 306 -10.45 -36.72 -7.56
C ALA C 306 -11.89 -36.52 -8.00
N PHE C 307 -12.36 -35.29 -8.08
CA PHE C 307 -13.74 -35.07 -8.46
C PHE C 307 -13.86 -34.17 -9.67
N THR C 308 -15.06 -34.05 -10.23
CA THR C 308 -15.27 -33.18 -11.40
C THR C 308 -15.33 -31.70 -10.97
N LYS C 309 -15.85 -30.83 -11.83
CA LYS C 309 -15.93 -29.39 -11.49
C LYS C 309 -17.33 -28.79 -11.57
N SER C 316 -23.64 -27.16 -11.58
CA SER C 316 -23.21 -28.55 -11.72
C SER C 316 -21.94 -28.85 -10.92
N HIS C 317 -22.08 -28.93 -9.59
CA HIS C 317 -20.97 -29.22 -8.68
C HIS C 317 -20.98 -30.69 -8.26
N PRO C 318 -19.79 -31.31 -8.10
CA PRO C 318 -19.83 -32.72 -7.69
C PRO C 318 -19.91 -32.88 -6.20
N ASN C 319 -20.47 -33.98 -5.72
CA ASN C 319 -20.53 -34.19 -4.29
C ASN C 319 -20.78 -35.62 -3.84
N ILE C 320 -20.23 -35.94 -2.66
CA ILE C 320 -20.36 -37.25 -2.04
C ILE C 320 -21.41 -37.11 -0.94
N ASP C 321 -22.29 -38.09 -0.84
CA ASP C 321 -23.33 -38.06 0.18
C ASP C 321 -22.98 -38.87 1.42
N ASP C 322 -23.88 -38.86 2.40
CA ASP C 322 -23.66 -39.53 3.68
C ASP C 322 -23.44 -41.04 3.62
N PHE C 323 -22.84 -41.57 4.68
CA PHE C 323 -22.60 -42.99 4.84
C PHE C 323 -21.93 -43.62 3.65
N SER C 324 -20.99 -42.90 3.05
CA SER C 324 -20.28 -43.42 1.89
C SER C 324 -18.96 -44.03 2.31
N PHE C 325 -18.54 -43.71 3.52
CA PHE C 325 -17.27 -44.23 4.02
C PHE C 325 -17.49 -45.23 5.15
N GLN C 326 -18.74 -45.57 5.41
CA GLN C 326 -19.08 -46.50 6.47
C GLN C 326 -18.34 -47.83 6.41
N TRP C 327 -17.88 -48.20 5.21
CA TRP C 327 -17.18 -49.46 5.04
C TRP C 327 -15.71 -49.46 5.43
N LEU C 328 -15.07 -48.30 5.34
CA LEU C 328 -13.67 -48.20 5.67
C LEU C 328 -13.42 -48.06 7.16
N LYS C 329 -13.87 -49.04 7.95
CA LYS C 329 -13.67 -48.96 9.39
C LYS C 329 -12.24 -49.06 9.83
N TYR C 330 -11.34 -49.32 8.90
CA TYR C 330 -9.92 -49.40 9.26
C TYR C 330 -9.04 -48.32 8.64
N LEU C 331 -9.65 -47.40 7.89
CA LEU C 331 -8.92 -46.30 7.27
C LEU C 331 -8.37 -45.37 8.35
N GLU C 332 -7.19 -44.82 8.14
CA GLU C 332 -6.60 -43.93 9.13
C GLU C 332 -6.03 -42.66 8.50
N TYR C 333 -6.03 -42.62 7.17
CA TYR C 333 -5.52 -41.47 6.45
C TYR C 333 -6.41 -41.20 5.24
N LEU C 334 -7.20 -40.14 5.33
CA LEU C 334 -8.12 -39.76 4.24
C LEU C 334 -7.78 -38.38 3.72
N ASN C 335 -7.48 -38.29 2.42
CA ASN C 335 -7.13 -37.02 1.81
C ASN C 335 -8.09 -36.64 0.70
N MET C 336 -8.56 -35.40 0.75
CA MET C 336 -9.51 -34.89 -0.23
C MET C 336 -9.21 -33.46 -0.68
N ASP C 337 -7.94 -33.12 -0.83
CA ASP C 337 -7.56 -31.77 -1.27
C ASP C 337 -7.92 -31.48 -2.72
N ASP C 338 -7.78 -30.22 -3.13
CA ASP C 338 -8.07 -29.79 -4.50
C ASP C 338 -9.41 -30.32 -5.04
N ASN C 339 -10.53 -29.85 -4.51
CA ASN C 339 -11.82 -30.30 -5.00
C ASN C 339 -12.94 -29.28 -4.88
N ASN C 340 -14.11 -29.65 -5.39
CA ASN C 340 -15.27 -28.76 -5.36
C ASN C 340 -16.42 -29.18 -4.46
N ILE C 341 -16.24 -30.21 -3.64
CA ILE C 341 -17.31 -30.63 -2.74
C ILE C 341 -17.94 -29.38 -2.12
N PRO C 342 -19.28 -29.30 -2.14
CA PRO C 342 -20.03 -28.17 -1.58
C PRO C 342 -19.67 -27.87 -0.14
N SER C 343 -20.04 -28.80 0.74
CA SER C 343 -19.76 -28.69 2.17
C SER C 343 -19.93 -30.04 2.84
N THR C 344 -19.70 -30.11 4.14
CA THR C 344 -19.85 -31.38 4.83
C THR C 344 -21.33 -31.59 5.06
N LYS C 345 -21.69 -32.82 5.39
CA LYS C 345 -23.08 -33.18 5.68
C LYS C 345 -23.11 -33.72 7.11
N SER C 346 -24.30 -33.93 7.66
CA SER C 346 -24.39 -34.43 9.02
C SER C 346 -23.81 -35.83 9.17
N ASN C 347 -23.74 -36.57 8.08
CA ASN C 347 -23.17 -37.90 8.17
C ASN C 347 -22.09 -38.28 7.18
N THR C 348 -21.37 -37.31 6.65
CA THR C 348 -20.32 -37.64 5.69
C THR C 348 -19.30 -38.65 6.22
N PHE C 349 -18.45 -38.20 7.13
CA PHE C 349 -17.42 -39.07 7.68
C PHE C 349 -17.89 -40.14 8.66
N THR C 350 -19.20 -40.38 8.68
CA THR C 350 -19.75 -41.39 9.58
C THR C 350 -19.20 -42.76 9.21
N GLY C 351 -18.65 -43.46 10.19
CA GLY C 351 -18.11 -44.77 9.90
C GLY C 351 -16.60 -44.88 10.10
N LEU C 352 -15.84 -43.87 9.67
CA LEU C 352 -14.40 -43.91 9.82
C LEU C 352 -14.07 -43.82 11.29
N VAL C 353 -13.94 -44.95 11.96
CA VAL C 353 -13.64 -44.95 13.39
C VAL C 353 -12.16 -45.16 13.66
N SER C 354 -11.36 -45.09 12.61
CA SER C 354 -9.94 -45.27 12.75
C SER C 354 -9.24 -44.04 12.24
N LEU C 355 -9.97 -43.18 11.52
CA LEU C 355 -9.39 -41.97 10.96
C LEU C 355 -8.59 -41.14 11.95
N LYS C 356 -7.30 -41.00 11.70
CA LYS C 356 -6.49 -40.21 12.61
C LYS C 356 -5.83 -39.04 11.90
N TYR C 357 -5.80 -39.10 10.57
CA TYR C 357 -5.22 -38.03 9.76
C TYR C 357 -6.21 -37.66 8.65
N LEU C 358 -6.73 -36.43 8.68
CA LEU C 358 -7.68 -35.96 7.67
C LEU C 358 -7.29 -34.61 7.11
N SER C 359 -7.30 -34.51 5.79
CA SER C 359 -6.96 -33.27 5.10
C SER C 359 -8.09 -32.80 4.19
N LEU C 360 -8.42 -31.52 4.29
CA LEU C 360 -9.47 -30.94 3.48
C LEU C 360 -9.04 -29.56 2.97
N SER C 361 -7.81 -29.48 2.49
CA SER C 361 -7.25 -28.25 1.98
C SER C 361 -7.80 -27.96 0.59
N LYS C 362 -8.47 -26.82 0.44
CA LYS C 362 -9.06 -26.42 -0.83
C LYS C 362 -9.95 -27.55 -1.32
N THR C 363 -10.79 -28.06 -0.43
CA THR C 363 -11.70 -29.16 -0.75
C THR C 363 -13.15 -28.71 -0.84
N PHE C 364 -13.46 -27.55 -0.29
CA PHE C 364 -14.83 -27.05 -0.28
C PHE C 364 -14.99 -25.71 -0.96
N THR C 365 -16.20 -25.46 -1.44
CA THR C 365 -16.48 -24.24 -2.15
C THR C 365 -17.52 -23.37 -1.46
N SER C 366 -18.46 -24.01 -0.76
CA SER C 366 -19.50 -23.27 -0.05
C SER C 366 -19.49 -23.41 1.47
N LEU C 367 -18.32 -23.62 2.04
CA LEU C 367 -18.20 -23.77 3.48
C LEU C 367 -17.81 -22.45 4.12
N GLN C 368 -18.43 -21.36 3.68
CA GLN C 368 -18.13 -20.03 4.21
C GLN C 368 -18.02 -19.99 5.73
N THR C 369 -18.93 -20.71 6.39
CA THR C 369 -18.95 -20.73 7.84
C THR C 369 -18.87 -22.11 8.47
N LEU C 370 -17.98 -22.25 9.44
CA LEU C 370 -17.82 -23.50 10.16
C LEU C 370 -18.85 -23.51 11.28
N THR C 371 -19.82 -24.41 11.19
CA THR C 371 -20.87 -24.51 12.20
C THR C 371 -20.60 -25.66 13.16
N ASN C 372 -21.34 -25.71 14.26
CA ASN C 372 -21.16 -26.76 15.25
C ASN C 372 -21.62 -28.12 14.75
N GLU C 373 -22.22 -28.12 13.57
CA GLU C 373 -22.71 -29.36 12.99
C GLU C 373 -21.88 -29.76 11.79
N THR C 374 -20.76 -29.09 11.58
CA THR C 374 -19.94 -29.43 10.45
C THR C 374 -19.22 -30.73 10.65
N PHE C 375 -18.32 -30.75 11.63
CA PHE C 375 -17.52 -31.93 11.90
C PHE C 375 -18.16 -32.93 12.80
N VAL C 376 -19.47 -32.98 12.82
CA VAL C 376 -20.14 -33.93 13.68
C VAL C 376 -19.81 -35.36 13.27
N SER C 377 -19.69 -35.59 11.95
CA SER C 377 -19.39 -36.91 11.38
C SER C 377 -18.14 -37.53 11.97
N LEU C 378 -17.12 -36.70 12.15
CA LEU C 378 -15.85 -37.14 12.70
C LEU C 378 -15.91 -37.32 14.22
N ALA C 379 -17.12 -37.49 14.75
CA ALA C 379 -17.29 -37.62 16.20
C ALA C 379 -16.56 -38.81 16.79
N HIS C 380 -16.81 -39.98 16.22
CA HIS C 380 -16.21 -41.22 16.72
C HIS C 380 -14.90 -41.63 16.03
N SER C 381 -14.28 -40.69 15.35
CA SER C 381 -13.05 -40.97 14.62
C SER C 381 -11.89 -40.39 15.42
N PRO C 382 -10.88 -41.21 15.77
CA PRO C 382 -9.71 -40.76 16.53
C PRO C 382 -8.88 -39.80 15.71
N LEU C 383 -9.41 -38.60 15.48
CA LEU C 383 -8.72 -37.60 14.66
C LEU C 383 -7.66 -36.78 15.36
N LEU C 384 -6.45 -36.78 14.79
CA LEU C 384 -5.33 -36.01 15.33
C LEU C 384 -4.94 -34.86 14.41
N THR C 385 -5.07 -35.05 13.09
CA THR C 385 -4.69 -34.01 12.13
C THR C 385 -5.85 -33.52 11.29
N LEU C 386 -5.92 -32.21 11.05
CA LEU C 386 -7.00 -31.67 10.25
C LEU C 386 -6.57 -30.40 9.53
N ASN C 387 -6.26 -30.49 8.24
CA ASN C 387 -5.85 -29.32 7.47
C ASN C 387 -7.08 -28.76 6.79
N LEU C 388 -7.39 -27.51 7.06
CA LEU C 388 -8.55 -26.84 6.46
C LEU C 388 -8.13 -25.59 5.71
N THR C 389 -6.84 -25.49 5.41
CA THR C 389 -6.32 -24.35 4.71
C THR C 389 -6.97 -24.21 3.35
N LYS C 390 -7.07 -22.98 2.86
CA LYS C 390 -7.64 -22.72 1.54
C LYS C 390 -9.09 -23.16 1.33
N ASN C 391 -9.99 -22.73 2.20
CA ASN C 391 -11.39 -23.10 2.06
C ASN C 391 -12.29 -21.86 2.11
N HIS C 392 -11.65 -20.72 2.33
CA HIS C 392 -12.33 -19.43 2.39
C HIS C 392 -13.12 -19.25 3.67
N ILE C 393 -12.85 -20.12 4.64
CA ILE C 393 -13.51 -20.06 5.93
C ILE C 393 -13.36 -18.65 6.47
N SER C 394 -14.47 -18.00 6.82
CA SER C 394 -14.37 -16.64 7.33
C SER C 394 -14.91 -16.43 8.74
N LYS C 395 -15.59 -17.42 9.31
CA LYS C 395 -16.14 -17.29 10.66
C LYS C 395 -16.32 -18.67 11.29
N ILE C 396 -15.83 -18.86 12.51
CA ILE C 396 -15.97 -20.15 13.20
C ILE C 396 -16.79 -19.97 14.47
N ALA C 397 -18.02 -20.52 14.47
CA ALA C 397 -18.90 -20.41 15.61
C ALA C 397 -18.49 -21.29 16.79
N ASN C 398 -19.14 -21.08 17.92
CA ASN C 398 -18.87 -21.83 19.15
C ASN C 398 -19.01 -23.33 18.98
N GLY C 399 -18.19 -24.08 19.71
CA GLY C 399 -18.22 -25.53 19.67
C GLY C 399 -18.05 -26.18 18.33
N THR C 400 -17.49 -25.46 17.38
CA THR C 400 -17.30 -25.97 16.03
C THR C 400 -16.45 -27.21 15.99
N PHE C 401 -15.60 -27.40 16.99
CA PHE C 401 -14.72 -28.54 17.03
C PHE C 401 -14.99 -29.49 18.19
N SER C 402 -16.02 -29.22 18.96
CA SER C 402 -16.31 -30.04 20.14
C SER C 402 -16.23 -31.55 19.93
N TRP C 403 -16.51 -32.02 18.72
CA TRP C 403 -16.49 -33.45 18.45
C TRP C 403 -15.09 -34.00 18.21
N LEU C 404 -14.16 -33.15 17.79
CA LEU C 404 -12.81 -33.60 17.55
C LEU C 404 -12.03 -33.66 18.85
N GLY C 405 -12.54 -34.46 19.78
CA GLY C 405 -11.95 -34.59 21.09
C GLY C 405 -10.45 -34.83 21.13
N GLN C 406 -9.99 -35.80 20.36
CA GLN C 406 -8.58 -36.17 20.32
C GLN C 406 -7.69 -35.41 19.33
N LEU C 407 -8.20 -34.36 18.71
CA LEU C 407 -7.44 -33.59 17.74
C LEU C 407 -6.18 -32.99 18.35
N ARG C 408 -5.06 -33.11 17.65
CA ARG C 408 -3.80 -32.57 18.14
C ARG C 408 -3.28 -31.47 17.25
N ILE C 409 -3.21 -31.72 15.96
CA ILE C 409 -2.73 -30.71 15.01
C ILE C 409 -3.88 -30.25 14.10
N LEU C 410 -4.34 -29.02 14.31
CA LEU C 410 -5.42 -28.45 13.51
C LEU C 410 -4.86 -27.27 12.72
N ASP C 411 -5.26 -27.13 11.47
CA ASP C 411 -4.74 -26.05 10.64
C ASP C 411 -5.77 -25.23 9.89
N LEU C 412 -5.97 -23.99 10.30
CA LEU C 412 -6.94 -23.11 9.65
C LEU C 412 -6.23 -21.95 8.97
N GLY C 413 -5.08 -22.23 8.36
CA GLY C 413 -4.34 -21.17 7.71
C GLY C 413 -4.84 -20.81 6.32
N LEU C 414 -4.27 -19.74 5.75
CA LEU C 414 -4.63 -19.29 4.42
C LEU C 414 -6.13 -19.34 4.19
N ASN C 415 -6.85 -18.69 5.10
CA ASN C 415 -8.30 -18.63 5.02
C ASN C 415 -8.75 -17.20 5.24
N GLU C 416 -10.05 -16.98 5.16
CA GLU C 416 -10.60 -15.65 5.31
C GLU C 416 -11.11 -15.34 6.72
N ILE C 417 -10.77 -16.18 7.69
CA ILE C 417 -11.24 -15.96 9.06
C ILE C 417 -11.18 -14.49 9.50
N GLU C 418 -12.34 -13.93 9.83
CA GLU C 418 -12.47 -12.54 10.25
C GLU C 418 -13.48 -12.48 11.38
N GLN C 419 -13.02 -12.78 12.58
CA GLN C 419 -13.90 -12.81 13.73
C GLN C 419 -13.03 -12.62 14.93
N LYS C 420 -13.63 -12.55 16.11
CA LYS C 420 -12.85 -12.34 17.33
C LYS C 420 -12.89 -13.52 18.27
N LEU C 421 -11.81 -14.29 18.26
CA LEU C 421 -11.68 -15.46 19.11
C LEU C 421 -12.04 -15.09 20.53
N SER C 422 -13.03 -15.78 21.09
CA SER C 422 -13.46 -15.54 22.45
C SER C 422 -13.35 -16.83 23.25
N GLY C 423 -12.24 -17.54 23.03
CA GLY C 423 -11.98 -18.79 23.73
C GLY C 423 -12.90 -19.96 23.44
N GLN C 424 -14.13 -19.68 23.02
CA GLN C 424 -15.11 -20.73 22.76
C GLN C 424 -14.89 -21.50 21.48
N GLU C 425 -14.35 -20.84 20.46
CA GLU C 425 -14.11 -21.51 19.20
C GLU C 425 -13.26 -22.75 19.39
N TRP C 426 -12.56 -22.84 20.51
CA TRP C 426 -11.71 -24.00 20.75
C TRP C 426 -12.31 -24.90 21.81
N ARG C 427 -13.58 -24.70 22.11
CA ARG C 427 -14.26 -25.53 23.10
C ARG C 427 -14.28 -26.98 22.66
N GLY C 428 -13.59 -27.84 23.40
CA GLY C 428 -13.59 -29.26 23.07
C GLY C 428 -12.27 -29.83 22.56
N LEU C 429 -11.30 -28.97 22.29
CA LEU C 429 -10.02 -29.48 21.83
C LEU C 429 -9.21 -29.87 23.05
N ARG C 430 -9.68 -30.91 23.75
CA ARG C 430 -9.08 -31.42 24.97
C ARG C 430 -7.54 -31.47 24.94
N ASN C 431 -6.96 -32.23 24.01
CA ASN C 431 -5.50 -32.30 23.92
C ASN C 431 -5.05 -31.86 22.53
N ILE C 432 -4.94 -30.54 22.36
CA ILE C 432 -4.55 -29.96 21.07
C ILE C 432 -3.09 -29.52 21.14
N PHE C 433 -2.31 -29.97 20.16
CA PHE C 433 -0.89 -29.67 20.12
C PHE C 433 -0.60 -28.30 19.54
N GLU C 434 -0.75 -28.15 18.23
CA GLU C 434 -0.50 -26.87 17.62
C GLU C 434 -1.69 -26.36 16.82
N ILE C 435 -1.82 -25.04 16.72
CA ILE C 435 -2.92 -24.41 15.98
C ILE C 435 -2.37 -23.42 14.96
N TYR C 436 -2.08 -23.89 13.75
CA TYR C 436 -1.56 -23.02 12.68
C TYR C 436 -2.75 -22.18 12.22
N LEU C 437 -2.69 -20.87 12.47
CA LEU C 437 -3.78 -19.99 12.12
C LEU C 437 -3.32 -18.77 11.31
N SER C 438 -2.21 -18.92 10.59
CA SER C 438 -1.64 -17.82 9.81
C SER C 438 -2.31 -17.51 8.48
N TYR C 439 -2.31 -16.23 8.12
CA TYR C 439 -2.85 -15.74 6.86
C TYR C 439 -4.36 -15.61 6.72
N ASN C 440 -4.97 -14.78 7.55
CA ASN C 440 -6.41 -14.54 7.49
C ASN C 440 -6.71 -13.05 7.43
N LYS C 441 -7.99 -12.70 7.46
CA LYS C 441 -8.37 -11.30 7.36
C LYS C 441 -8.26 -10.49 8.63
N TYR C 442 -8.79 -11.02 9.72
CA TYR C 442 -8.79 -10.27 10.98
C TYR C 442 -9.00 -11.22 12.15
N LEU C 443 -8.24 -11.02 13.22
CA LEU C 443 -8.35 -11.85 14.39
C LEU C 443 -8.29 -11.04 15.68
N GLN C 444 -9.36 -10.32 15.99
CA GLN C 444 -9.39 -9.53 17.22
C GLN C 444 -9.33 -10.51 18.37
N LEU C 445 -8.41 -10.29 19.30
CA LEU C 445 -8.30 -11.18 20.44
C LEU C 445 -8.92 -10.59 21.67
N SER C 446 -9.22 -11.44 22.64
CA SER C 446 -9.79 -11.02 23.91
C SER C 446 -9.00 -11.69 25.02
N THR C 447 -9.34 -11.38 26.26
CA THR C 447 -8.63 -11.94 27.41
C THR C 447 -8.82 -13.44 27.62
N SER C 448 -9.73 -14.03 26.85
CA SER C 448 -10.01 -15.45 27.02
C SER C 448 -9.82 -16.30 25.77
N SER C 449 -9.42 -15.67 24.67
CA SER C 449 -9.24 -16.36 23.40
C SER C 449 -8.68 -17.77 23.50
N PHE C 450 -7.68 -17.98 24.34
CA PHE C 450 -7.08 -19.31 24.44
C PHE C 450 -7.20 -20.02 25.76
N ALA C 451 -7.89 -19.40 26.71
CA ALA C 451 -8.05 -20.01 28.03
C ALA C 451 -8.58 -21.45 27.98
N LEU C 452 -9.39 -21.76 26.99
CA LEU C 452 -9.97 -23.09 26.87
C LEU C 452 -9.02 -24.18 26.42
N VAL C 453 -7.92 -23.80 25.78
CA VAL C 453 -6.94 -24.79 25.31
C VAL C 453 -5.54 -24.51 25.81
N PRO C 454 -5.23 -24.94 27.04
CA PRO C 454 -3.91 -24.73 27.62
C PRO C 454 -2.94 -25.87 27.31
N SER C 455 -3.25 -26.65 26.27
CA SER C 455 -2.42 -27.77 25.88
C SER C 455 -1.53 -27.39 24.71
N LEU C 456 -1.67 -26.14 24.25
CA LEU C 456 -0.92 -25.61 23.10
C LEU C 456 0.60 -25.52 23.22
N GLN C 457 1.26 -25.97 22.17
CA GLN C 457 2.71 -25.93 22.09
C GLN C 457 3.07 -24.88 21.06
N ARG C 458 2.46 -24.95 19.88
CA ARG C 458 2.73 -23.96 18.82
C ARG C 458 1.47 -23.20 18.44
N LEU C 459 1.59 -21.89 18.30
CA LEU C 459 0.47 -21.04 17.94
C LEU C 459 0.97 -20.06 16.91
N MET C 460 0.61 -20.23 15.64
CA MET C 460 1.06 -19.31 14.61
C MET C 460 0.01 -18.24 14.34
N LEU C 461 0.44 -17.00 14.14
CA LEU C 461 -0.49 -15.92 13.87
C LEU C 461 0.12 -14.94 12.88
N ARG C 462 0.73 -15.47 11.84
CA ARG C 462 1.38 -14.65 10.81
C ARG C 462 0.34 -13.96 9.93
N ARG C 463 0.65 -12.74 9.50
CA ARG C 463 -0.23 -11.94 8.66
C ARG C 463 -1.72 -12.19 8.90
N VAL C 464 -2.17 -11.97 10.14
CA VAL C 464 -3.58 -12.16 10.48
C VAL C 464 -4.11 -10.86 11.04
N ALA C 465 -3.31 -9.81 10.88
CA ALA C 465 -3.69 -8.48 11.34
C ALA C 465 -4.26 -8.48 12.75
N LEU C 466 -3.52 -9.04 13.70
CA LEU C 466 -3.98 -9.06 15.09
C LEU C 466 -4.32 -7.68 15.61
N LYS C 467 -5.28 -7.65 16.53
CA LYS C 467 -5.69 -6.41 17.14
C LYS C 467 -6.01 -6.73 18.58
N ASN C 468 -5.60 -5.84 19.48
CA ASN C 468 -5.83 -6.00 20.92
C ASN C 468 -5.01 -7.13 21.55
N VAL C 469 -3.70 -6.96 21.54
CA VAL C 469 -2.80 -7.94 22.16
C VAL C 469 -2.18 -7.21 23.35
N ASP C 470 -2.62 -5.97 23.55
CA ASP C 470 -2.14 -5.15 24.65
C ASP C 470 -3.00 -5.30 25.88
N ILE C 471 -4.11 -6.02 25.75
CA ILE C 471 -5.02 -6.20 26.87
C ILE C 471 -4.40 -7.08 27.96
N SER C 472 -4.74 -6.75 29.21
CA SER C 472 -4.24 -7.49 30.37
C SER C 472 -5.34 -8.24 31.10
N PRO C 473 -5.07 -9.50 31.49
CA PRO C 473 -3.78 -10.16 31.24
C PRO C 473 -3.52 -10.54 29.78
N SER C 474 -2.33 -11.05 29.52
CA SER C 474 -1.93 -11.46 28.19
C SER C 474 -2.89 -12.53 27.72
N PRO C 475 -3.51 -12.34 26.55
CA PRO C 475 -4.45 -13.35 26.05
C PRO C 475 -3.83 -14.74 26.01
N PHE C 476 -2.51 -14.78 26.07
CA PHE C 476 -1.78 -16.04 26.03
C PHE C 476 -1.49 -16.48 27.45
N ARG C 477 -2.00 -15.72 28.42
CA ARG C 477 -1.77 -16.01 29.83
C ARG C 477 -1.94 -17.47 30.22
N PRO C 478 -3.04 -18.10 29.81
CA PRO C 478 -3.24 -19.51 30.16
C PRO C 478 -2.40 -20.54 29.41
N LEU C 479 -1.76 -20.13 28.31
CA LEU C 479 -0.92 -21.02 27.51
C LEU C 479 0.46 -21.15 28.10
N ARG C 480 0.60 -22.08 29.04
CA ARG C 480 1.88 -22.27 29.72
C ARG C 480 2.80 -23.25 28.99
N ASN C 481 2.22 -24.34 28.50
CA ASN C 481 3.02 -25.34 27.80
C ASN C 481 3.39 -24.86 26.40
N LEU C 482 3.11 -23.60 26.13
CA LEU C 482 3.40 -22.99 24.85
C LEU C 482 4.91 -22.79 24.64
N THR C 483 5.45 -23.38 23.57
CA THR C 483 6.86 -23.24 23.26
C THR C 483 7.13 -22.29 22.09
N ILE C 484 6.47 -22.56 20.97
CA ILE C 484 6.65 -21.78 19.76
C ILE C 484 5.48 -20.81 19.52
N LEU C 485 5.75 -19.52 19.45
CA LEU C 485 4.70 -18.51 19.21
C LEU C 485 5.13 -17.56 18.09
N ASP C 486 4.23 -17.32 17.14
CA ASP C 486 4.54 -16.45 16.02
C ASP C 486 3.55 -15.32 15.87
N LEU C 487 4.04 -14.09 15.90
CA LEU C 487 3.16 -12.93 15.74
C LEU C 487 3.79 -12.01 14.70
N SER C 488 4.30 -12.62 13.63
CA SER C 488 4.96 -11.88 12.55
C SER C 488 4.03 -11.31 11.50
N ASN C 489 4.49 -10.24 10.87
CA ASN C 489 3.72 -9.59 9.82
C ASN C 489 2.30 -9.25 10.23
N ASN C 490 2.16 -8.59 11.36
CA ASN C 490 0.83 -8.21 11.83
C ASN C 490 0.80 -6.74 12.09
N ASN C 491 1.98 -6.11 12.03
CA ASN C 491 2.07 -4.69 12.27
C ASN C 491 1.46 -4.45 13.64
N ILE C 492 1.91 -5.19 14.63
CA ILE C 492 1.41 -5.03 15.97
C ILE C 492 1.71 -3.63 16.46
N ALA C 493 0.67 -2.83 16.60
CA ALA C 493 0.81 -1.44 17.02
C ALA C 493 1.70 -1.26 18.22
N ASN C 494 1.39 -1.98 19.29
CA ASN C 494 2.16 -1.86 20.51
C ASN C 494 1.77 -3.01 21.40
N ILE C 495 2.40 -3.08 22.57
CA ILE C 495 2.13 -4.15 23.49
C ILE C 495 2.83 -3.85 24.82
N ASN C 496 2.19 -4.17 25.94
CA ASN C 496 2.76 -3.93 27.26
C ASN C 496 3.42 -5.19 27.81
N GLU C 497 4.37 -5.02 28.72
CA GLU C 497 5.11 -6.17 29.24
C GLU C 497 4.29 -7.33 29.72
N ASP C 498 3.09 -7.05 30.21
CA ASP C 498 2.23 -8.12 30.72
C ASP C 498 2.25 -9.33 29.79
N LEU C 499 2.20 -9.08 28.49
CA LEU C 499 2.21 -10.15 27.50
C LEU C 499 3.34 -11.13 27.76
N LEU C 500 3.13 -12.40 27.43
CA LEU C 500 4.17 -13.41 27.61
C LEU C 500 4.49 -13.73 29.08
N GLU C 501 3.71 -13.19 30.02
CA GLU C 501 3.96 -13.45 31.43
C GLU C 501 3.73 -14.90 31.83
N GLY C 502 4.80 -15.57 32.23
CA GLY C 502 4.65 -16.94 32.68
C GLY C 502 4.92 -18.04 31.67
N LEU C 503 5.33 -17.69 30.45
CA LEU C 503 5.62 -18.67 29.43
C LEU C 503 7.03 -19.17 29.64
N GLU C 504 7.19 -20.04 30.62
CA GLU C 504 8.49 -20.59 30.99
C GLU C 504 8.99 -21.57 29.93
N ASN C 505 8.18 -21.83 28.93
CA ASN C 505 8.63 -22.75 27.91
C ASN C 505 8.78 -22.09 26.55
N LEU C 506 8.35 -20.84 26.46
CA LEU C 506 8.47 -20.12 25.20
C LEU C 506 9.93 -20.16 24.73
N GLU C 507 10.18 -20.91 23.65
CA GLU C 507 11.53 -21.06 23.11
C GLU C 507 11.73 -20.21 21.86
N ILE C 508 10.85 -20.36 20.89
CA ILE C 508 10.94 -19.59 19.64
C ILE C 508 9.89 -18.50 19.61
N LEU C 509 10.29 -17.29 19.26
CA LEU C 509 9.37 -16.17 19.20
C LEU C 509 9.67 -15.39 17.96
N ASP C 510 8.65 -15.08 17.18
CA ASP C 510 8.84 -14.33 15.94
C ASP C 510 8.09 -13.02 15.90
N PHE C 511 8.79 -11.94 15.58
CA PHE C 511 8.19 -10.64 15.51
C PHE C 511 8.55 -9.89 14.25
N GLN C 512 8.91 -10.62 13.21
CA GLN C 512 9.29 -9.97 11.96
C GLN C 512 8.20 -9.08 11.44
N HIS C 513 8.56 -7.85 11.14
CA HIS C 513 7.62 -6.90 10.57
C HIS C 513 6.45 -6.53 11.50
N ASN C 514 6.69 -5.74 12.54
CA ASN C 514 5.61 -5.36 13.45
C ASN C 514 5.69 -3.96 14.07
N ASN C 515 6.37 -3.02 13.41
CA ASN C 515 6.50 -1.67 13.96
C ASN C 515 6.41 -1.61 15.47
N LEU C 516 7.30 -2.33 16.13
CA LEU C 516 7.38 -2.37 17.58
C LEU C 516 8.47 -1.37 17.93
N ALA C 517 8.65 -0.41 17.01
CA ALA C 517 9.65 0.65 17.05
C ALA C 517 9.81 1.53 18.28
N ARG C 518 8.79 2.34 18.56
CA ARG C 518 8.83 3.26 19.67
C ARG C 518 8.80 2.63 21.07
N LEU C 519 8.47 1.34 21.16
CA LEU C 519 8.43 0.66 22.45
C LEU C 519 9.80 0.51 23.12
N TRP C 520 10.87 0.86 22.41
CA TRP C 520 12.22 0.76 22.96
C TRP C 520 12.99 2.06 22.74
N ASN C 524 11.78 4.26 25.72
CA ASN C 524 11.73 5.56 26.38
C ASN C 524 10.26 6.07 26.50
N PRO C 525 10.03 7.40 26.56
CA PRO C 525 8.63 7.81 26.69
C PRO C 525 7.56 6.84 27.25
N GLY C 526 7.38 6.90 28.57
CA GLY C 526 6.44 6.04 29.26
C GLY C 526 7.06 4.79 29.87
N GLY C 527 8.40 4.73 29.89
CA GLY C 527 9.14 3.57 30.39
C GLY C 527 9.41 2.54 29.29
N PRO C 528 10.67 2.11 29.04
CA PRO C 528 10.89 1.12 27.97
C PRO C 528 10.25 -0.23 28.29
N VAL C 529 9.41 -0.70 27.37
CA VAL C 529 8.67 -1.96 27.55
C VAL C 529 9.58 -3.18 27.72
N ASN C 530 9.90 -3.51 28.97
CA ASN C 530 10.74 -4.67 29.25
C ASN C 530 10.06 -5.96 28.82
N PHE C 531 9.96 -6.08 27.51
CA PHE C 531 9.42 -7.19 26.76
C PHE C 531 10.33 -8.38 27.11
N LEU C 532 10.01 -9.59 26.68
CA LEU C 532 10.92 -10.72 26.92
C LEU C 532 11.46 -10.97 28.34
N LYS C 533 10.64 -10.77 29.37
CA LYS C 533 11.13 -11.01 30.73
C LYS C 533 11.25 -12.51 31.00
N GLY C 534 12.35 -12.92 31.61
CA GLY C 534 12.54 -14.31 31.98
C GLY C 534 12.25 -15.51 31.08
N LEU C 535 12.19 -15.39 29.75
CA LEU C 535 11.95 -16.60 28.95
C LEU C 535 13.27 -17.34 28.88
N SER C 536 13.72 -17.76 30.06
CA SER C 536 14.98 -18.47 30.20
C SER C 536 15.21 -19.43 29.04
N HIS C 537 14.17 -20.20 28.73
CA HIS C 537 14.24 -21.20 27.68
C HIS C 537 14.12 -20.71 26.24
N LEU C 538 14.06 -19.41 26.03
CA LEU C 538 13.93 -18.89 24.68
C LEU C 538 15.22 -19.11 23.86
N HIS C 539 15.12 -19.86 22.76
CA HIS C 539 16.28 -20.17 21.92
C HIS C 539 16.50 -19.25 20.73
N ILE C 540 15.57 -19.25 19.80
CA ILE C 540 15.72 -18.39 18.63
C ILE C 540 14.70 -17.24 18.64
N LEU C 541 15.21 -16.03 18.65
CA LEU C 541 14.39 -14.83 18.67
C LEU C 541 14.51 -14.11 17.34
N ASN C 542 13.38 -13.68 16.79
CA ASN C 542 13.39 -13.00 15.50
C ASN C 542 12.71 -11.65 15.59
N LEU C 543 13.45 -10.59 15.29
CA LEU C 543 12.90 -9.25 15.30
C LEU C 543 13.29 -8.52 14.04
N GLU C 544 13.48 -9.27 12.97
CA GLU C 544 13.86 -8.73 11.68
C GLU C 544 12.87 -7.67 11.25
N SER C 545 13.36 -6.62 10.60
CA SER C 545 12.51 -5.54 10.12
C SER C 545 11.39 -5.22 11.09
N ASN C 546 11.72 -4.58 12.20
CA ASN C 546 10.69 -4.26 13.18
C ASN C 546 10.67 -2.80 13.60
N GLY C 547 11.35 -1.95 12.85
CA GLY C 547 11.37 -0.53 13.18
C GLY C 547 12.40 -0.24 14.25
N LEU C 548 13.01 -1.29 14.77
CA LEU C 548 14.02 -1.15 15.79
C LEU C 548 15.11 -0.20 15.36
N ASP C 549 15.32 0.84 16.18
CA ASP C 549 16.36 1.83 15.89
C ASP C 549 17.35 1.94 17.07
N GLU C 550 16.94 1.44 18.22
CA GLU C 550 17.77 1.52 19.40
C GLU C 550 17.50 0.34 20.30
N ILE C 551 18.47 -0.53 20.47
CA ILE C 551 18.29 -1.62 21.40
C ILE C 551 18.71 -1.04 22.75
N PRO C 552 17.75 -0.86 23.67
CA PRO C 552 18.06 -0.31 24.99
C PRO C 552 18.89 -1.20 25.88
N VAL C 553 19.51 -0.60 26.88
CA VAL C 553 20.39 -1.28 27.84
C VAL C 553 19.84 -2.55 28.49
N GLY C 554 20.49 -3.68 28.22
CA GLY C 554 20.11 -4.96 28.80
C GLY C 554 18.68 -5.52 28.69
N VAL C 555 18.02 -5.35 27.55
CA VAL C 555 16.67 -5.89 27.40
C VAL C 555 16.76 -7.35 26.98
N PHE C 556 17.98 -7.87 27.01
CA PHE C 556 18.27 -9.25 26.64
C PHE C 556 18.95 -9.94 27.82
N LYS C 557 18.73 -9.42 29.02
CA LYS C 557 19.34 -9.97 30.23
C LYS C 557 18.65 -11.26 30.64
N ASN C 558 19.44 -12.19 31.17
CA ASN C 558 18.95 -13.48 31.66
C ASN C 558 18.50 -14.48 30.58
N LEU C 559 18.67 -14.10 29.32
CA LEU C 559 18.35 -14.97 28.19
C LEU C 559 19.67 -15.66 27.95
N PHE C 560 19.94 -16.69 28.71
CA PHE C 560 21.23 -17.39 28.60
C PHE C 560 21.16 -18.42 27.49
N GLU C 561 20.07 -19.16 27.49
CA GLU C 561 19.84 -20.19 26.53
C GLU C 561 19.49 -19.67 25.14
N LEU C 562 19.44 -18.35 24.99
CA LEU C 562 19.11 -17.77 23.68
C LEU C 562 20.21 -18.14 22.68
N LYS C 563 19.83 -18.89 21.64
CA LYS C 563 20.74 -19.38 20.60
C LYS C 563 20.92 -18.50 19.36
N SER C 564 19.82 -17.94 18.82
CA SER C 564 19.91 -17.12 17.62
C SER C 564 19.08 -15.85 17.57
N ILE C 565 19.75 -14.71 17.50
CA ILE C 565 19.06 -13.44 17.44
C ILE C 565 19.12 -12.96 16.00
N ASN C 566 18.04 -12.37 15.52
CA ASN C 566 18.02 -11.87 14.16
C ASN C 566 17.39 -10.49 14.16
N LEU C 567 18.21 -9.47 13.96
CA LEU C 567 17.72 -8.09 13.96
C LEU C 567 17.92 -7.40 12.62
N GLY C 568 17.94 -8.16 11.53
CA GLY C 568 18.13 -7.56 10.21
C GLY C 568 17.11 -6.48 9.86
N LEU C 569 17.27 -5.88 8.68
CA LEU C 569 16.37 -4.84 8.22
C LEU C 569 15.90 -3.81 9.26
N ASN C 570 16.80 -3.39 10.13
CA ASN C 570 16.44 -2.40 11.13
C ASN C 570 17.34 -1.19 10.99
N ASN C 571 17.08 -0.19 11.84
CA ASN C 571 17.86 1.03 11.85
C ASN C 571 18.62 1.03 13.15
N LEU C 572 19.70 0.28 13.23
CA LEU C 572 20.45 0.18 14.48
C LEU C 572 21.94 0.54 14.42
N ASN C 573 22.31 1.76 14.83
CA ASN C 573 23.73 2.15 14.85
C ASN C 573 24.19 2.43 16.28
N LYS C 574 23.27 2.91 17.10
CA LYS C 574 23.55 3.23 18.50
C LYS C 574 23.55 1.98 19.37
N LEU C 575 24.71 1.34 19.54
CA LEU C 575 24.75 0.17 20.40
C LEU C 575 25.40 0.58 21.71
N GLU C 576 24.57 0.69 22.75
CA GLU C 576 25.07 1.05 24.07
C GLU C 576 25.89 -0.18 24.43
N PRO C 577 27.15 0.02 24.84
CA PRO C 577 27.97 -1.06 25.42
C PRO C 577 27.22 -1.96 26.40
N PHE C 578 27.29 -3.26 26.16
CA PHE C 578 26.68 -4.28 27.03
C PHE C 578 25.25 -4.71 26.71
N ILE C 579 24.74 -4.42 25.51
CA ILE C 579 23.39 -4.85 25.19
C ILE C 579 23.33 -6.37 25.20
N PHE C 580 24.40 -6.99 24.73
CA PHE C 580 24.51 -8.45 24.73
C PHE C 580 25.51 -8.84 25.78
N ASP C 581 25.07 -9.54 26.82
CA ASP C 581 25.97 -9.96 27.89
C ASP C 581 25.76 -11.41 28.22
N ASP C 582 24.51 -11.77 28.34
CA ASP C 582 24.15 -13.13 28.71
C ASP C 582 24.05 -14.08 27.52
N GLN C 583 24.15 -13.54 26.31
CA GLN C 583 24.11 -14.37 25.11
C GLN C 583 25.56 -14.77 24.90
N THR C 584 26.04 -15.63 25.78
CA THR C 584 27.41 -16.14 25.77
C THR C 584 27.30 -17.57 25.21
N SER C 585 26.10 -17.88 24.78
CA SER C 585 25.80 -19.17 24.21
C SER C 585 25.28 -18.93 22.78
N LEU C 586 25.12 -17.65 22.44
CA LEU C 586 24.62 -17.27 21.11
C LEU C 586 25.37 -18.04 20.02
N ARG C 587 24.65 -18.49 19.00
CA ARG C 587 25.26 -19.27 17.93
C ARG C 587 25.26 -18.59 16.56
N SER C 588 24.38 -17.61 16.36
CA SER C 588 24.33 -16.90 15.09
C SER C 588 23.61 -15.56 15.21
N LEU C 589 24.30 -14.48 14.88
CA LEU C 589 23.73 -13.16 14.95
C LEU C 589 23.50 -12.58 13.57
N ASN C 590 22.43 -11.80 13.43
CA ASN C 590 22.09 -11.19 12.15
C ASN C 590 21.70 -9.74 12.35
N LEU C 591 22.50 -8.83 11.81
CA LEU C 591 22.23 -7.40 11.91
C LEU C 591 22.40 -6.75 10.54
N GLN C 592 22.09 -7.51 9.50
CA GLN C 592 22.21 -7.05 8.12
C GLN C 592 21.26 -5.89 7.80
N LYS C 593 21.56 -5.22 6.69
CA LYS C 593 20.78 -4.09 6.19
C LYS C 593 20.36 -3.03 7.21
N ASN C 594 21.14 -2.87 8.27
CA ASN C 594 20.87 -1.86 9.30
C ASN C 594 21.61 -0.57 8.91
N LEU C 595 21.86 0.26 9.92
CA LEU C 595 22.57 1.52 9.75
C LEU C 595 23.73 1.48 10.72
N ILE C 596 24.39 0.33 10.81
CA ILE C 596 25.51 0.16 11.73
C ILE C 596 26.81 0.80 11.22
N THR C 597 27.33 1.76 11.99
CA THR C 597 28.56 2.48 11.65
C THR C 597 29.78 1.69 12.09
N SER C 598 29.88 1.48 13.40
CA SER C 598 31.00 0.79 14.02
C SER C 598 30.65 -0.49 14.80
N VAL C 599 31.64 -1.39 14.91
CA VAL C 599 31.51 -2.65 15.64
C VAL C 599 32.50 -2.66 16.81
N GLU C 600 32.04 -2.28 17.99
CA GLU C 600 32.91 -2.24 19.17
C GLU C 600 32.90 -3.57 19.92
N LYS C 601 33.89 -3.76 20.81
CA LYS C 601 33.97 -5.00 21.57
C LYS C 601 33.08 -5.05 22.80
N ASP C 602 32.92 -3.92 23.50
CA ASP C 602 32.06 -3.91 24.68
C ASP C 602 30.64 -4.34 24.33
N VAL C 603 30.30 -4.16 23.05
CA VAL C 603 28.99 -4.49 22.50
C VAL C 603 28.90 -5.88 21.86
N PHE C 604 29.61 -6.10 20.78
CA PHE C 604 29.56 -7.39 20.08
C PHE C 604 30.51 -8.46 20.63
N GLY C 605 31.32 -8.08 21.62
CA GLY C 605 32.27 -9.00 22.21
C GLY C 605 31.67 -10.31 22.70
N PRO C 606 31.04 -10.29 23.89
CA PRO C 606 30.41 -11.47 24.48
C PRO C 606 29.69 -12.44 23.54
N PRO C 607 28.92 -11.94 22.55
CA PRO C 607 28.23 -12.87 21.64
C PRO C 607 29.16 -13.49 20.61
N PHE C 608 30.17 -12.73 20.21
CA PHE C 608 31.16 -13.19 19.24
C PHE C 608 31.97 -14.36 19.77
N GLN C 609 32.00 -14.49 21.09
CA GLN C 609 32.75 -15.56 21.78
C GLN C 609 32.73 -16.97 21.24
N ASN C 610 31.60 -17.66 21.38
CA ASN C 610 31.45 -19.00 20.80
C ASN C 610 30.52 -19.07 19.58
N LEU C 611 30.36 -17.94 18.90
CA LEU C 611 29.51 -17.82 17.72
C LEU C 611 29.82 -18.76 16.58
N ASN C 612 28.79 -19.18 15.84
CA ASN C 612 28.91 -20.10 14.71
C ASN C 612 28.89 -19.36 13.36
N SER C 613 27.98 -18.41 13.21
CA SER C 613 27.89 -17.64 11.97
C SER C 613 27.28 -16.26 12.18
N LEU C 614 28.03 -15.22 11.81
CA LEU C 614 27.59 -13.84 11.93
C LEU C 614 27.14 -13.32 10.56
N ASP C 615 26.33 -12.27 10.56
CA ASP C 615 25.87 -11.65 9.33
C ASP C 615 25.51 -10.18 9.51
N MET C 616 26.38 -9.30 9.06
CA MET C 616 26.15 -7.86 9.17
C MET C 616 26.48 -7.15 7.87
N ARG C 617 26.12 -7.78 6.77
CA ARG C 617 26.40 -7.21 5.45
C ARG C 617 25.48 -6.07 5.07
N PHE C 618 25.99 -5.18 4.21
CA PHE C 618 25.24 -4.05 3.68
C PHE C 618 25.13 -2.83 4.58
N ASN C 619 25.87 -2.83 5.70
CA ASN C 619 25.82 -1.68 6.61
C ASN C 619 26.81 -0.59 6.23
N PRO C 620 26.53 0.66 6.65
CA PRO C 620 27.38 1.83 6.37
C PRO C 620 28.68 1.80 7.22
N PHE C 621 29.52 0.81 6.98
CA PHE C 621 30.78 0.67 7.70
C PHE C 621 31.70 1.88 7.57
N ASP C 622 32.26 2.31 8.70
CA ASP C 622 33.19 3.44 8.79
C ASP C 622 34.61 2.89 8.86
N CYS C 623 35.39 3.10 7.82
CA CYS C 623 36.77 2.58 7.80
C CYS C 623 37.82 3.41 8.56
N THR C 624 37.63 3.50 9.88
CA THR C 624 38.56 4.19 10.77
C THR C 624 38.78 3.25 11.93
N CYS C 625 39.65 3.63 12.86
CA CYS C 625 39.96 2.78 13.99
C CYS C 625 39.10 2.88 15.24
N GLU C 626 38.31 3.94 15.32
CA GLU C 626 37.42 4.12 16.42
C GLU C 626 36.31 3.11 16.23
N SER C 627 36.21 2.63 14.99
CA SER C 627 35.12 1.74 14.60
C SER C 627 35.38 0.28 14.25
N ILE C 628 35.84 0.02 13.03
CA ILE C 628 36.07 -1.34 12.56
C ILE C 628 37.33 -2.02 13.08
N SER C 629 38.17 -1.24 13.74
CA SER C 629 39.41 -1.73 14.27
C SER C 629 39.32 -3.06 14.99
N TRP C 630 38.62 -3.10 16.12
CA TRP C 630 38.49 -4.33 16.87
C TRP C 630 37.87 -5.43 16.01
N PHE C 631 36.95 -5.01 15.16
CA PHE C 631 36.22 -5.91 14.29
C PHE C 631 37.07 -6.52 13.17
N VAL C 632 37.67 -5.67 12.34
CA VAL C 632 38.50 -6.16 11.23
C VAL C 632 39.43 -7.27 11.72
N ASN C 633 39.97 -7.11 12.93
CA ASN C 633 40.87 -8.10 13.51
C ASN C 633 40.16 -9.42 13.79
N TRP C 634 39.07 -9.33 14.52
CA TRP C 634 38.29 -10.51 14.84
C TRP C 634 38.11 -11.32 13.55
N ILE C 635 37.80 -10.62 12.48
CA ILE C 635 37.60 -11.23 11.17
C ILE C 635 38.86 -11.98 10.73
N ASN C 636 40.00 -11.29 10.80
CA ASN C 636 41.29 -11.87 10.42
C ASN C 636 41.61 -13.10 11.29
N GLN C 637 41.30 -13.04 12.58
CA GLN C 637 41.60 -14.14 13.51
C GLN C 637 40.49 -15.01 14.08
N THR C 638 39.33 -15.08 13.44
CA THR C 638 38.25 -15.94 13.95
C THR C 638 37.72 -16.82 12.83
N HIS C 639 37.15 -17.97 13.20
CA HIS C 639 36.60 -18.87 12.20
C HIS C 639 35.11 -19.09 12.33
N THR C 640 34.40 -18.02 12.63
CA THR C 640 32.95 -18.05 12.74
C THR C 640 32.52 -17.81 11.30
N ASN C 641 31.80 -18.76 10.72
CA ASN C 641 31.34 -18.65 9.33
C ASN C 641 30.61 -17.31 9.05
N ILE C 642 31.20 -16.50 8.18
CA ILE C 642 30.62 -15.20 7.81
C ILE C 642 30.50 -15.11 6.30
N SER C 643 29.29 -15.33 5.80
CA SER C 643 29.05 -15.29 4.37
C SER C 643 29.34 -13.94 3.72
N GLU C 644 29.69 -13.98 2.44
CA GLU C 644 29.99 -12.78 1.64
C GLU C 644 30.85 -11.71 2.28
N LEU C 645 31.75 -12.11 3.17
CA LEU C 645 32.65 -11.15 3.82
C LEU C 645 33.43 -10.38 2.76
N SER C 646 33.60 -11.04 1.61
CA SER C 646 34.35 -10.53 0.47
C SER C 646 33.72 -9.36 -0.29
N THR C 647 32.42 -9.44 -0.57
CA THR C 647 31.75 -8.39 -1.34
C THR C 647 30.83 -7.40 -0.62
N HIS C 648 29.90 -7.93 0.16
CA HIS C 648 28.93 -7.09 0.84
C HIS C 648 29.28 -6.54 2.22
N TYR C 649 30.55 -6.26 2.49
CA TYR C 649 30.94 -5.69 3.77
C TYR C 649 31.74 -4.43 3.55
N LEU C 650 31.47 -3.76 2.43
CA LEU C 650 32.19 -2.55 2.07
C LEU C 650 32.01 -1.42 3.08
N CYS C 651 32.91 -0.45 3.01
CA CYS C 651 32.87 0.70 3.90
C CYS C 651 32.15 1.84 3.22
N ASN C 652 31.57 2.72 4.03
CA ASN C 652 30.84 3.85 3.51
C ASN C 652 31.51 5.18 3.83
N THR C 653 32.53 5.15 4.67
CA THR C 653 33.23 6.39 5.05
C THR C 653 34.57 6.17 5.77
N PRO C 654 35.55 7.09 5.58
CA PRO C 654 35.49 8.29 4.75
C PRO C 654 35.83 8.08 3.28
N HIS C 655 35.90 9.18 2.54
CA HIS C 655 36.17 9.17 1.10
C HIS C 655 37.18 8.15 0.54
N HIS C 656 38.41 8.13 1.06
CA HIS C 656 39.45 7.21 0.56
C HIS C 656 39.13 5.73 0.83
N TYR C 657 38.22 5.49 1.78
CA TYR C 657 37.84 4.12 2.14
C TYR C 657 36.43 3.69 1.71
N TYR C 658 35.79 4.50 0.87
CA TYR C 658 34.45 4.19 0.38
C TYR C 658 34.50 3.00 -0.56
N GLY C 659 33.50 2.13 -0.45
CA GLY C 659 33.45 0.96 -1.30
C GLY C 659 34.70 0.10 -1.18
N PHE C 660 35.32 0.11 -0.01
CA PHE C 660 36.52 -0.71 0.22
C PHE C 660 36.17 -1.92 1.07
N PRO C 661 36.52 -3.12 0.59
CA PRO C 661 36.22 -4.34 1.32
C PRO C 661 36.69 -4.22 2.78
N LEU C 662 35.75 -4.24 3.72
CA LEU C 662 36.06 -4.11 5.14
C LEU C 662 37.22 -4.99 5.59
N LYS C 663 37.25 -6.22 5.09
CA LYS C 663 38.30 -7.18 5.45
C LYS C 663 39.73 -6.67 5.25
N LEU C 664 40.00 -6.11 4.07
CA LEU C 664 41.33 -5.61 3.75
C LEU C 664 41.61 -4.25 4.35
N PHE C 665 41.58 -4.18 5.67
CA PHE C 665 41.84 -2.93 6.37
C PHE C 665 42.97 -3.17 7.36
N ASP C 666 44.16 -2.71 7.01
CA ASP C 666 45.34 -2.86 7.85
C ASP C 666 45.23 -2.05 9.15
N THR C 667 44.98 -2.74 10.26
CA THR C 667 44.87 -2.08 11.55
C THR C 667 46.24 -2.05 12.17
N SER C 668 47.27 -2.14 11.33
CA SER C 668 48.66 -2.13 11.78
C SER C 668 49.10 -0.74 12.21
N SER C 669 48.32 0.28 11.88
CA SER C 669 48.66 1.66 12.25
C SER C 669 47.79 2.14 13.41
N CYS C 670 46.99 1.23 13.95
CA CYS C 670 46.09 1.58 15.04
C CYS C 670 46.33 0.88 16.37
N LYS C 671 46.10 1.65 17.43
CA LYS C 671 46.24 1.25 18.83
C LYS C 671 46.85 2.42 19.61
N GLN D 1 7.83 45.06 29.30
CA GLN D 1 7.02 46.25 29.11
C GLN D 1 6.37 46.26 27.73
N CYS D 2 5.71 47.37 27.39
CA CYS D 2 5.03 47.49 26.09
C CYS D 2 5.96 47.33 24.90
N THR D 3 5.39 47.43 23.70
CA THR D 3 6.15 47.30 22.45
C THR D 3 6.55 48.66 21.90
N VAL D 4 5.72 49.67 22.12
CA VAL D 4 5.98 51.03 21.63
C VAL D 4 6.26 50.96 20.13
N ARG D 5 7.43 51.46 19.75
CA ARG D 5 7.91 51.47 18.37
C ARG D 5 7.19 52.33 17.32
N TYR D 6 7.65 53.56 17.22
CA TYR D 6 7.18 54.53 16.22
C TYR D 6 5.83 55.24 16.42
N ASN D 7 5.56 55.79 17.63
CA ASN D 7 4.25 56.54 17.87
C ASN D 7 2.88 55.79 17.99
N VAL D 8 3.00 54.47 17.99
CA VAL D 8 1.91 53.54 18.14
C VAL D 8 2.49 52.70 19.25
N ALA D 9 2.20 53.06 20.48
CA ALA D 9 2.71 52.33 21.62
C ALA D 9 1.82 51.12 21.85
N ASP D 10 2.27 49.95 21.42
CA ASP D 10 1.46 48.75 21.57
C ASP D 10 1.80 47.90 22.79
N CYS D 11 0.84 47.82 23.70
CA CYS D 11 0.97 47.02 24.90
C CYS D 11 0.06 45.82 24.68
N SER D 12 0.67 44.72 24.30
CA SER D 12 -0.04 43.47 24.02
C SER D 12 -0.64 42.92 25.32
N HIS D 13 -1.00 41.64 25.27
CA HIS D 13 -1.53 40.95 26.43
C HIS D 13 -0.34 41.13 27.34
N LEU D 14 -0.48 41.98 28.34
CA LEU D 14 0.63 42.27 29.23
C LEU D 14 0.30 42.03 30.69
N LYS D 15 -0.97 41.72 30.95
CA LYS D 15 -1.45 41.46 32.30
C LYS D 15 -1.41 42.76 33.09
N LEU D 16 -1.46 43.88 32.36
CA LEU D 16 -1.39 45.23 32.96
C LEU D 16 -2.39 45.51 34.09
N THR D 17 -1.86 45.93 35.23
CA THR D 17 -2.62 46.23 36.43
C THR D 17 -3.15 47.67 36.51
N HIS D 18 -2.26 48.64 36.31
CA HIS D 18 -2.62 50.05 36.35
C HIS D 18 -2.14 50.72 35.06
N ILE D 19 -2.98 51.57 34.46
CA ILE D 19 -2.64 52.25 33.21
C ILE D 19 -1.22 52.86 33.28
N PRO D 20 -0.25 52.21 32.63
CA PRO D 20 1.14 52.67 32.60
C PRO D 20 1.32 53.85 31.66
N ASP D 21 2.25 54.74 32.01
CA ASP D 21 2.54 55.90 31.18
C ASP D 21 4.02 56.29 31.25
N ASP D 22 4.82 55.66 30.39
CA ASP D 22 6.26 55.91 30.33
C ASP D 22 6.66 56.89 29.21
N LEU D 23 7.93 57.30 29.24
CA LEU D 23 8.53 58.26 28.30
C LEU D 23 8.10 58.30 26.82
N PRO D 24 7.68 57.16 26.21
CA PRO D 24 7.29 57.26 24.79
C PRO D 24 6.09 58.19 24.52
N SER D 25 6.20 59.44 24.95
CA SER D 25 5.15 60.45 24.76
C SER D 25 5.20 60.99 23.35
N ASN D 26 6.36 60.81 22.71
CA ASN D 26 6.54 61.23 21.33
C ASN D 26 5.95 60.10 20.50
N ILE D 27 4.61 60.11 20.41
CA ILE D 27 3.79 59.08 19.69
C ILE D 27 2.33 59.56 19.30
N THR D 28 1.59 58.71 18.57
CA THR D 28 0.22 59.04 18.16
C THR D 28 -0.80 57.91 18.30
N VAL D 29 -0.39 56.79 18.92
CA VAL D 29 -1.28 55.63 19.13
C VAL D 29 -0.79 54.75 20.28
N LEU D 30 -1.73 54.12 20.97
CA LEU D 30 -1.39 53.25 22.10
C LEU D 30 -2.35 52.07 22.26
N ASN D 31 -1.80 50.86 22.24
CA ASN D 31 -2.59 49.62 22.38
C ASN D 31 -2.55 49.14 23.83
N LEU D 32 -3.71 49.10 24.46
CA LEU D 32 -3.82 48.65 25.84
C LEU D 32 -4.71 47.43 25.87
N THR D 33 -5.29 47.11 24.72
CA THR D 33 -6.18 45.96 24.59
C THR D 33 -5.55 44.68 25.14
N HIS D 34 -6.41 43.79 25.63
CA HIS D 34 -6.00 42.51 26.19
C HIS D 34 -5.20 42.65 27.49
N ASN D 35 -5.76 43.41 28.43
CA ASN D 35 -5.13 43.62 29.73
C ASN D 35 -6.23 43.87 30.77
N GLN D 36 -5.88 43.68 32.04
CA GLN D 36 -6.82 43.87 33.15
C GLN D 36 -6.86 45.34 33.52
N LEU D 37 -7.99 45.99 33.25
CA LEU D 37 -8.12 47.41 33.54
C LEU D 37 -9.19 47.82 34.54
N ARG D 38 -8.76 48.53 35.58
CA ARG D 38 -9.62 49.02 36.66
C ARG D 38 -10.69 49.96 36.06
N ARG D 39 -10.23 51.10 35.56
CA ARG D 39 -11.06 52.12 34.93
C ARG D 39 -10.06 53.00 34.16
N LEU D 40 -10.52 53.93 33.34
CA LEU D 40 -9.60 54.79 32.60
C LEU D 40 -9.28 56.10 33.29
N PRO D 41 -8.10 56.22 33.91
CA PRO D 41 -7.71 57.44 34.61
C PRO D 41 -7.74 58.63 33.65
N PRO D 42 -8.82 59.43 33.71
CA PRO D 42 -8.99 60.60 32.84
C PRO D 42 -7.90 61.66 32.94
N THR D 43 -7.06 61.56 33.97
CA THR D 43 -5.97 62.51 34.18
C THR D 43 -4.56 61.93 33.95
N ASN D 44 -4.45 60.60 33.92
CA ASN D 44 -3.16 59.97 33.70
C ASN D 44 -2.75 60.09 32.24
N PHE D 45 -3.50 60.88 31.48
CA PHE D 45 -3.23 61.09 30.05
C PHE D 45 -2.65 62.48 29.74
N THR D 46 -1.70 62.93 30.55
CA THR D 46 -1.06 64.23 30.33
C THR D 46 0.33 63.97 29.76
N ARG D 47 0.91 62.87 30.19
CA ARG D 47 2.25 62.46 29.75
C ARG D 47 2.15 61.96 28.29
N TYR D 48 0.92 61.75 27.84
CA TYR D 48 0.62 61.31 26.49
C TYR D 48 -0.45 62.25 25.97
N SER D 49 -0.03 63.40 25.47
CA SER D 49 -0.96 64.41 24.95
C SER D 49 -0.91 64.41 23.43
N GLN D 50 -0.30 63.36 22.89
CA GLN D 50 -0.11 63.21 21.48
C GLN D 50 -0.97 62.14 20.78
N LEU D 51 -1.42 61.14 21.54
CA LEU D 51 -2.22 60.03 20.95
C LEU D 51 -3.43 60.36 20.06
N ALA D 52 -3.43 59.78 18.86
CA ALA D 52 -4.49 59.97 17.86
C ALA D 52 -5.60 58.91 17.97
N ILE D 53 -5.23 57.71 18.40
CA ILE D 53 -6.18 56.61 18.57
C ILE D 53 -5.70 55.69 19.70
N LEU D 54 -6.62 54.93 20.30
CA LEU D 54 -6.25 54.03 21.39
C LEU D 54 -6.97 52.67 21.38
N ASP D 55 -6.17 51.61 21.31
CA ASP D 55 -6.70 50.24 21.31
C ASP D 55 -7.00 49.97 22.79
N ALA D 56 -8.19 50.37 23.22
CA ALA D 56 -8.59 50.18 24.60
C ALA D 56 -9.92 49.45 24.68
N GLY D 57 -9.90 48.16 24.39
CA GLY D 57 -11.09 47.34 24.46
C GLY D 57 -10.67 46.04 25.11
N PHE D 58 -11.63 45.16 25.36
CA PHE D 58 -11.29 43.89 25.98
C PHE D 58 -10.71 44.09 27.38
N ASN D 59 -11.22 45.11 28.07
CA ASN D 59 -10.78 45.43 29.42
C ASN D 59 -12.00 45.67 30.31
N SER D 60 -11.83 45.46 31.60
CA SER D 60 -12.92 45.64 32.56
C SER D 60 -13.01 47.11 32.96
N ILE D 61 -13.66 47.92 32.13
CA ILE D 61 -13.78 49.34 32.43
C ILE D 61 -15.20 49.69 32.86
N SER D 62 -15.34 50.03 34.14
CA SER D 62 -16.63 50.35 34.74
C SER D 62 -17.37 51.52 34.08
N LYS D 63 -16.77 52.71 34.12
CA LYS D 63 -17.39 53.89 33.52
C LYS D 63 -16.31 54.87 33.04
N LEU D 64 -16.73 55.90 32.34
CA LEU D 64 -15.80 56.88 31.78
C LEU D 64 -16.25 58.33 31.98
N GLU D 65 -15.32 59.17 32.46
CA GLU D 65 -15.60 60.58 32.67
C GLU D 65 -15.28 61.39 31.42
N PRO D 66 -16.02 62.50 31.19
CA PRO D 66 -15.85 63.39 30.04
C PRO D 66 -14.44 63.97 29.96
N GLU D 67 -13.68 63.73 31.02
CA GLU D 67 -12.31 64.21 31.16
C GLU D 67 -11.34 63.69 30.09
N LEU D 68 -11.37 62.38 29.84
CA LEU D 68 -10.46 61.77 28.87
C LEU D 68 -10.46 62.37 27.47
N CYS D 69 -11.54 63.07 27.11
CA CYS D 69 -11.62 63.69 25.78
C CYS D 69 -10.94 65.04 25.67
N GLN D 70 -10.91 65.79 26.77
CA GLN D 70 -10.27 67.11 26.76
C GLN D 70 -8.78 67.02 27.05
N ILE D 71 -8.35 65.88 27.61
CA ILE D 71 -6.95 65.66 27.93
C ILE D 71 -6.20 65.32 26.63
N LEU D 72 -6.94 64.74 25.68
CA LEU D 72 -6.38 64.35 24.39
C LEU D 72 -7.23 64.92 23.26
N PRO D 73 -7.17 66.24 23.03
CA PRO D 73 -7.93 66.91 21.97
C PRO D 73 -7.69 66.30 20.59
N LEU D 74 -6.47 65.80 20.39
CA LEU D 74 -6.08 65.15 19.13
C LEU D 74 -6.43 63.67 19.27
N LEU D 75 -7.68 63.33 19.00
CA LEU D 75 -8.15 61.95 19.12
C LEU D 75 -9.20 61.64 18.04
N LYS D 76 -8.91 60.67 17.18
CA LYS D 76 -9.84 60.29 16.12
C LYS D 76 -10.54 58.96 16.40
N VAL D 77 -9.77 57.98 16.85
CA VAL D 77 -10.32 56.65 17.14
C VAL D 77 -10.29 56.24 18.61
N LEU D 78 -11.50 55.97 19.13
CA LEU D 78 -11.70 55.55 20.51
C LEU D 78 -12.29 54.14 20.51
N ASN D 79 -11.47 53.15 20.81
CA ASN D 79 -11.90 51.75 20.84
C ASN D 79 -12.26 51.30 22.26
N LEU D 80 -13.55 51.07 22.49
CA LEU D 80 -14.04 50.63 23.80
C LEU D 80 -15.03 49.47 23.64
N GLN D 81 -14.63 48.46 22.88
CA GLN D 81 -15.50 47.31 22.66
C GLN D 81 -15.17 46.26 23.71
N HIS D 82 -16.17 45.44 24.02
CA HIS D 82 -16.00 44.39 25.00
C HIS D 82 -15.61 44.92 26.37
N ASN D 83 -16.32 45.95 26.82
CA ASN D 83 -16.08 46.54 28.13
C ASN D 83 -17.40 46.64 28.88
N GLU D 84 -17.37 47.13 30.11
CA GLU D 84 -18.59 47.24 30.92
C GLU D 84 -19.55 48.34 30.49
N LEU D 85 -19.20 49.59 30.83
CA LEU D 85 -20.00 50.76 30.49
C LEU D 85 -21.51 50.53 30.40
N SER D 86 -22.15 50.22 31.53
CA SER D 86 -23.58 49.97 31.54
C SER D 86 -24.45 51.13 31.08
N GLN D 87 -24.14 52.33 31.56
CA GLN D 87 -24.92 53.52 31.20
C GLN D 87 -24.01 54.71 30.91
N ILE D 88 -24.54 55.69 30.17
CA ILE D 88 -23.76 56.86 29.82
C ILE D 88 -24.65 57.95 29.23
N SER D 89 -24.23 59.21 29.38
CA SER D 89 -24.95 60.35 28.86
C SER D 89 -24.03 61.28 28.06
N ASP D 90 -24.62 62.32 27.48
CA ASP D 90 -23.91 63.29 26.65
C ASP D 90 -22.56 63.80 27.17
N GLN D 91 -22.44 63.94 28.49
CA GLN D 91 -21.21 64.45 29.10
C GLN D 91 -19.93 63.74 28.64
N THR D 92 -19.97 62.42 28.63
CA THR D 92 -18.82 61.59 28.27
C THR D 92 -17.99 61.95 27.02
N PHE D 93 -18.62 62.45 25.97
CA PHE D 93 -17.91 62.78 24.72
C PHE D 93 -17.93 64.26 24.34
N VAL D 94 -18.41 65.11 25.23
CA VAL D 94 -18.49 66.54 24.95
C VAL D 94 -17.19 67.17 24.47
N PHE D 95 -16.06 66.63 24.91
CA PHE D 95 -14.75 67.18 24.50
C PHE D 95 -14.12 66.46 23.31
N CYS D 96 -14.85 65.49 22.77
CA CYS D 96 -14.41 64.71 21.62
C CYS D 96 -15.18 65.14 20.38
N THR D 97 -14.72 66.23 19.76
CA THR D 97 -15.35 66.76 18.55
C THR D 97 -14.54 66.42 17.31
N ASN D 98 -13.31 65.92 17.52
CA ASN D 98 -12.41 65.53 16.43
C ASN D 98 -12.53 64.02 16.17
N LEU D 99 -13.14 63.31 17.12
CA LEU D 99 -13.32 61.86 17.05
C LEU D 99 -14.03 61.45 15.74
N THR D 100 -13.45 60.47 15.04
CA THR D 100 -14.01 59.99 13.76
C THR D 100 -14.48 58.52 13.76
N GLU D 101 -13.96 57.72 14.68
CA GLU D 101 -14.32 56.30 14.77
C GLU D 101 -14.60 55.94 16.24
N LEU D 102 -15.84 55.54 16.53
CA LEU D 102 -16.23 55.18 17.89
C LEU D 102 -16.63 53.72 18.03
N ASP D 103 -15.86 52.96 18.81
CA ASP D 103 -16.13 51.53 18.99
C ASP D 103 -16.63 51.07 20.37
N LEU D 104 -17.84 50.49 20.39
CA LEU D 104 -18.46 49.95 21.62
C LEU D 104 -19.20 48.67 21.23
N MET D 105 -18.59 47.50 21.47
CA MET D 105 -19.25 46.26 21.09
C MET D 105 -19.88 45.42 22.21
N SER D 106 -19.21 45.28 23.35
CA SER D 106 -19.79 44.48 24.42
C SER D 106 -19.85 45.24 25.73
N ASN D 107 -20.81 46.16 25.83
CA ASN D 107 -20.95 46.99 27.02
C ASN D 107 -22.35 47.00 27.63
N SER D 108 -23.19 46.08 27.15
CA SER D 108 -24.57 45.98 27.63
C SER D 108 -25.15 47.33 28.08
N ILE D 109 -25.18 48.28 27.15
CA ILE D 109 -25.73 49.61 27.38
C ILE D 109 -27.17 49.49 26.93
N HIS D 110 -28.04 48.99 27.80
CA HIS D 110 -29.44 48.75 27.45
C HIS D 110 -30.30 49.91 26.94
N LYS D 111 -30.09 51.11 27.48
CA LYS D 111 -30.88 52.28 27.09
C LYS D 111 -30.00 53.48 26.82
N ILE D 112 -30.55 54.46 26.11
CA ILE D 112 -29.83 55.68 25.78
C ILE D 112 -30.78 56.88 25.87
N LYS D 113 -30.42 57.82 26.76
CA LYS D 113 -31.19 59.04 27.02
C LYS D 113 -30.46 60.28 26.45
N SER D 114 -31.19 61.36 26.18
CA SER D 114 -30.59 62.60 25.67
C SER D 114 -29.95 62.47 24.28
N ASN D 115 -29.06 63.41 23.96
CA ASN D 115 -28.33 63.43 22.69
C ASN D 115 -26.83 63.33 23.01
N PRO D 116 -26.38 62.13 23.40
CA PRO D 116 -25.00 61.78 23.76
C PRO D 116 -23.87 62.25 22.85
N PHE D 117 -24.17 62.40 21.55
CA PHE D 117 -23.15 62.81 20.60
C PHE D 117 -23.44 64.15 19.95
N LYS D 118 -23.97 65.09 20.74
CA LYS D 118 -24.28 66.43 20.27
C LYS D 118 -22.96 67.11 19.93
N ASN D 119 -21.88 66.33 19.97
CA ASN D 119 -20.53 66.85 19.70
C ASN D 119 -19.84 66.27 18.47
N GLN D 120 -19.79 64.95 18.37
CA GLN D 120 -19.14 64.30 17.24
C GLN D 120 -19.72 64.72 15.90
N LYS D 121 -18.89 65.42 15.13
CA LYS D 121 -19.27 65.92 13.81
C LYS D 121 -18.39 65.25 12.76
N ASN D 122 -17.29 64.65 13.23
CA ASN D 122 -16.33 63.96 12.37
C ASN D 122 -16.40 62.43 12.58
N LEU D 123 -17.41 61.97 13.31
CA LEU D 123 -17.54 60.52 13.60
C LEU D 123 -18.30 59.69 12.56
N ILE D 124 -17.55 58.86 11.82
CA ILE D 124 -18.13 58.00 10.77
C ILE D 124 -18.51 56.58 11.22
N LYS D 125 -17.52 55.79 11.65
CA LYS D 125 -17.81 54.43 12.12
C LYS D 125 -18.41 54.57 13.53
N LEU D 126 -19.50 53.87 13.78
CA LEU D 126 -20.13 53.96 15.09
C LEU D 126 -20.72 52.60 15.48
N ASP D 127 -19.88 51.69 16.00
CA ASP D 127 -20.37 50.35 16.34
C ASP D 127 -20.97 50.26 17.74
N LEU D 128 -22.27 50.03 17.78
CA LEU D 128 -23.03 49.89 19.01
C LEU D 128 -23.86 48.63 18.80
N SER D 129 -23.24 47.49 19.07
CA SER D 129 -23.87 46.21 18.88
C SER D 129 -23.69 45.33 20.09
N HIS D 130 -24.59 44.37 20.30
CA HIS D 130 -24.48 43.46 21.44
C HIS D 130 -24.56 44.20 22.74
N ASN D 131 -25.14 45.40 22.70
CA ASN D 131 -25.22 46.18 23.94
C ASN D 131 -26.54 46.24 24.66
N GLY D 132 -27.51 45.41 24.32
CA GLY D 132 -28.78 45.43 25.06
C GLY D 132 -29.72 46.54 24.66
N LEU D 133 -29.40 47.26 23.60
CA LEU D 133 -30.27 48.31 23.09
C LEU D 133 -31.61 47.69 22.71
N SER D 134 -32.70 48.34 23.10
CA SER D 134 -34.04 47.87 22.79
C SER D 134 -34.59 48.82 21.73
N SER D 135 -33.88 49.93 21.51
CA SER D 135 -34.30 50.93 20.54
C SER D 135 -33.13 51.45 19.73
N THR D 136 -33.46 52.03 18.58
CA THR D 136 -32.48 52.58 17.65
C THR D 136 -32.24 54.06 17.98
N LYS D 137 -33.26 54.72 18.50
CA LYS D 137 -33.19 56.13 18.85
C LYS D 137 -31.94 56.47 19.64
N LEU D 138 -31.28 57.56 19.23
CA LEU D 138 -30.07 58.02 19.89
C LEU D 138 -30.15 59.52 20.07
N GLY D 139 -31.35 60.04 19.93
CA GLY D 139 -31.58 61.46 20.07
C GLY D 139 -32.87 61.88 19.42
N THR D 140 -33.29 63.11 19.68
CA THR D 140 -34.52 63.64 19.09
C THR D 140 -34.21 64.74 18.06
N GLY D 141 -32.98 65.24 18.08
CA GLY D 141 -32.57 66.27 17.14
C GLY D 141 -31.78 65.67 16.00
N VAL D 142 -31.64 66.41 14.90
CA VAL D 142 -30.89 65.91 13.74
C VAL D 142 -29.38 66.15 13.88
N GLN D 143 -28.64 65.11 14.28
CA GLN D 143 -27.20 65.21 14.46
C GLN D 143 -26.41 64.12 13.74
N LEU D 144 -25.09 64.09 13.99
CA LEU D 144 -24.20 63.14 13.34
C LEU D 144 -24.24 63.50 11.86
N GLU D 145 -23.80 64.72 11.57
CA GLU D 145 -23.79 65.28 10.21
C GLU D 145 -23.33 64.27 9.17
N ASN D 146 -22.09 63.82 9.32
CA ASN D 146 -21.49 62.87 8.40
C ASN D 146 -21.13 61.55 9.09
N LEU D 147 -22.04 60.58 8.96
CA LEU D 147 -21.85 59.26 9.54
C LEU D 147 -22.00 58.28 8.38
N GLN D 148 -21.08 57.33 8.29
CA GLN D 148 -21.16 56.37 7.19
C GLN D 148 -21.35 54.93 7.63
N GLU D 149 -21.36 54.70 8.94
CA GLU D 149 -21.56 53.37 9.47
C GLU D 149 -22.19 53.36 10.85
N LEU D 150 -23.40 52.83 10.91
CA LEU D 150 -24.16 52.72 12.15
C LEU D 150 -24.38 51.24 12.41
N LEU D 151 -23.52 50.64 13.22
CA LEU D 151 -23.65 49.22 13.53
C LEU D 151 -24.51 48.96 14.75
N LEU D 152 -25.66 48.34 14.52
CA LEU D 152 -26.62 47.98 15.55
C LEU D 152 -27.11 46.59 15.14
N ALA D 153 -26.41 45.60 15.65
CA ALA D 153 -26.72 44.24 15.33
C ALA D 153 -26.53 43.47 16.61
N LYS D 154 -27.01 42.23 16.67
CA LYS D 154 -26.87 41.43 17.88
C LYS D 154 -27.54 42.14 19.05
N ASN D 155 -28.42 43.08 18.72
CA ASN D 155 -29.17 43.82 19.73
C ASN D 155 -30.58 43.28 19.81
N LYS D 156 -31.39 43.87 20.68
CA LYS D 156 -32.76 43.43 20.87
C LYS D 156 -33.81 44.46 20.41
N ILE D 157 -33.61 45.02 19.22
CA ILE D 157 -34.56 46.00 18.66
C ILE D 157 -35.79 45.24 18.15
N LEU D 158 -36.98 45.70 18.52
CA LEU D 158 -38.22 45.04 18.09
C LEU D 158 -38.83 45.63 16.81
N ALA D 159 -38.52 46.89 16.51
CA ALA D 159 -39.03 47.53 15.31
C ALA D 159 -38.33 48.84 15.00
N LEU D 160 -38.67 49.41 13.84
CA LEU D 160 -38.11 50.67 13.39
C LEU D 160 -39.26 51.61 13.04
N ARG D 161 -39.19 52.83 13.55
CA ARG D 161 -40.23 53.82 13.31
C ARG D 161 -39.75 55.05 12.57
N SER D 162 -40.69 55.72 11.93
CA SER D 162 -40.39 56.94 11.23
C SER D 162 -40.03 57.97 12.31
N GLU D 163 -40.16 57.56 13.58
CA GLU D 163 -39.92 58.45 14.73
C GLU D 163 -38.59 58.30 15.49
N GLU D 164 -38.22 57.07 15.83
CA GLU D 164 -36.97 56.87 16.56
C GLU D 164 -35.79 56.77 15.58
N LEU D 165 -36.07 57.02 14.30
CA LEU D 165 -35.04 56.96 13.26
C LEU D 165 -34.76 58.34 12.66
N GLU D 166 -35.73 59.23 12.75
CA GLU D 166 -35.61 60.57 12.19
C GLU D 166 -34.45 61.43 12.74
N PHE D 167 -33.74 60.94 13.76
CA PHE D 167 -32.65 61.74 14.29
C PHE D 167 -31.51 61.90 13.29
N LEU D 168 -31.70 61.34 12.10
CA LEU D 168 -30.74 61.42 11.01
C LEU D 168 -31.45 62.20 9.90
N GLY D 169 -31.15 63.49 9.82
CA GLY D 169 -31.85 64.37 8.85
C GLY D 169 -31.26 64.52 7.46
N ASN D 170 -30.00 64.90 7.39
CA ASN D 170 -29.33 65.02 6.10
C ASN D 170 -28.16 64.04 6.20
N SER D 171 -28.31 63.17 7.19
CA SER D 171 -27.35 62.12 7.51
C SER D 171 -27.44 61.05 6.43
N SER D 172 -26.30 60.71 5.82
CA SER D 172 -26.26 59.70 4.77
C SER D 172 -25.38 58.50 5.18
N LEU D 173 -26.04 57.43 5.61
CA LEU D 173 -25.36 56.20 6.05
C LEU D 173 -24.95 55.33 4.86
N ARG D 174 -23.69 54.94 4.83
CA ARG D 174 -23.18 54.10 3.75
C ARG D 174 -23.43 52.62 4.05
N LYS D 175 -23.27 52.24 5.31
CA LYS D 175 -23.47 50.85 5.73
C LYS D 175 -24.24 50.85 7.06
N LEU D 176 -25.50 50.41 7.03
CA LEU D 176 -26.34 50.37 8.22
C LEU D 176 -26.65 48.94 8.63
N ASP D 177 -25.91 48.43 9.62
CA ASP D 177 -26.09 47.07 10.10
C ASP D 177 -27.30 46.94 11.03
N LEU D 178 -27.98 45.80 10.95
CA LEU D 178 -29.15 45.53 11.79
C LEU D 178 -29.35 44.01 11.89
N SER D 179 -28.28 43.30 12.23
CA SER D 179 -28.35 41.85 12.36
C SER D 179 -28.76 41.40 13.76
N SER D 180 -29.19 40.14 13.83
CA SER D 180 -29.62 39.50 15.07
C SER D 180 -30.76 40.18 15.80
N ASN D 181 -31.25 41.29 15.26
CA ASN D 181 -32.36 42.02 15.87
C ASN D 181 -33.68 41.30 15.60
N PRO D 182 -34.41 40.95 16.66
CA PRO D 182 -35.69 40.27 16.50
C PRO D 182 -36.77 41.25 16.05
N LEU D 183 -36.61 41.77 14.84
CA LEU D 183 -37.56 42.72 14.29
C LEU D 183 -38.80 41.98 13.80
N LYS D 184 -39.98 42.47 14.18
CA LYS D 184 -41.23 41.85 13.78
C LYS D 184 -42.05 42.81 12.92
N GLU D 185 -41.72 44.11 12.99
CA GLU D 185 -42.42 45.13 12.21
C GLU D 185 -41.61 46.39 11.86
N PHE D 186 -41.80 46.85 10.62
CA PHE D 186 -41.13 48.04 10.09
C PHE D 186 -42.19 49.13 9.91
N SER D 187 -42.47 49.88 10.98
CA SER D 187 -43.45 50.96 10.96
C SER D 187 -43.31 51.76 9.65
N PRO D 188 -44.44 52.01 8.95
CA PRO D 188 -44.41 52.76 7.68
C PRO D 188 -43.52 54.01 7.68
N GLY D 189 -42.83 54.23 6.56
CA GLY D 189 -41.96 55.39 6.44
C GLY D 189 -40.77 55.36 7.40
N CYS D 190 -40.32 54.16 7.75
CA CYS D 190 -39.20 54.00 8.69
C CYS D 190 -37.83 54.13 8.01
N PHE D 191 -37.82 54.50 6.73
CA PHE D 191 -36.58 54.67 5.98
C PHE D 191 -36.64 56.02 5.26
N GLN D 192 -37.86 56.48 4.99
CA GLN D 192 -38.07 57.76 4.30
C GLN D 192 -37.51 58.85 5.21
N THR D 193 -37.21 58.47 6.46
CA THR D 193 -36.68 59.41 7.46
C THR D 193 -35.15 59.43 7.56
N ILE D 194 -34.49 58.52 6.85
CA ILE D 194 -33.02 58.48 6.85
C ILE D 194 -32.58 59.36 5.68
N GLY D 195 -31.63 60.25 5.91
CA GLY D 195 -31.17 61.12 4.83
C GLY D 195 -31.02 60.38 3.52
N LYS D 196 -30.05 59.48 3.47
CA LYS D 196 -29.76 58.65 2.31
C LYS D 196 -29.15 57.33 2.78
N LEU D 197 -29.91 56.23 2.66
CA LEU D 197 -29.44 54.91 3.12
C LEU D 197 -28.98 53.95 2.03
N PHE D 198 -27.66 53.81 1.89
CA PHE D 198 -27.03 52.93 0.88
C PHE D 198 -27.07 51.43 1.14
N ALA D 199 -26.31 51.00 2.14
CA ALA D 199 -26.26 49.57 2.49
C ALA D 199 -27.20 49.20 3.64
N LEU D 200 -27.42 47.92 3.81
CA LEU D 200 -28.31 47.46 4.87
C LEU D 200 -27.98 46.00 5.15
N LEU D 201 -28.11 45.59 6.40
CA LEU D 201 -27.80 44.22 6.79
C LEU D 201 -28.75 43.64 7.81
N LEU D 202 -29.82 42.99 7.34
CA LEU D 202 -30.81 42.39 8.24
C LEU D 202 -30.54 40.92 8.55
N ASN D 203 -29.27 40.57 8.57
CA ASN D 203 -28.86 39.20 8.85
C ASN D 203 -29.50 38.64 10.11
N ASN D 204 -29.86 37.35 10.05
CA ASN D 204 -30.46 36.64 11.19
C ASN D 204 -31.42 37.54 11.95
N ALA D 205 -32.57 37.83 11.34
CA ALA D 205 -33.56 38.68 11.97
C ALA D 205 -34.94 38.04 11.90
N GLN D 206 -34.98 36.78 11.49
CA GLN D 206 -36.22 36.03 11.37
C GLN D 206 -37.30 36.82 10.64
N LEU D 207 -37.17 36.86 9.31
CA LEU D 207 -38.11 37.58 8.46
C LEU D 207 -39.05 36.62 7.72
N ASN D 208 -40.35 36.93 7.79
CA ASN D 208 -41.39 36.12 7.14
C ASN D 208 -41.49 36.55 5.68
N PRO D 209 -41.99 35.67 4.79
CA PRO D 209 -42.10 36.06 3.38
C PRO D 209 -42.91 37.35 3.26
N HIS D 210 -43.78 37.60 4.25
CA HIS D 210 -44.60 38.81 4.28
C HIS D 210 -43.84 39.99 4.91
N LEU D 211 -43.26 39.79 6.10
CA LEU D 211 -42.49 40.85 6.76
C LEU D 211 -41.51 41.38 5.71
N THR D 212 -40.96 40.43 4.94
CA THR D 212 -40.02 40.73 3.87
C THR D 212 -40.79 41.50 2.79
N GLU D 213 -41.83 40.86 2.27
CA GLU D 213 -42.68 41.45 1.23
C GLU D 213 -43.08 42.88 1.62
N LYS D 214 -43.44 43.04 2.89
CA LYS D 214 -43.87 44.34 3.43
C LYS D 214 -42.69 45.31 3.58
N LEU D 215 -41.67 44.89 4.32
CA LEU D 215 -40.47 45.70 4.55
C LEU D 215 -39.99 46.39 3.27
N CYS D 216 -40.15 45.69 2.15
CA CYS D 216 -39.75 46.17 0.83
C CYS D 216 -40.23 47.58 0.48
N TRP D 217 -41.54 47.80 0.61
CA TRP D 217 -42.12 49.10 0.29
C TRP D 217 -41.51 50.26 1.09
N GLU D 218 -41.08 49.98 2.31
CA GLU D 218 -40.46 50.99 3.17
C GLU D 218 -39.03 51.26 2.71
N LEU D 219 -38.55 50.36 1.86
CA LEU D 219 -37.21 50.46 1.29
C LEU D 219 -37.31 51.18 -0.05
N SER D 220 -38.51 51.67 -0.38
CA SER D 220 -38.73 52.35 -1.65
C SER D 220 -38.27 53.80 -1.70
N ASN D 221 -38.15 54.29 -2.94
CA ASN D 221 -37.72 55.65 -3.23
C ASN D 221 -36.50 56.05 -2.40
N THR D 222 -35.81 55.04 -1.86
CA THR D 222 -34.62 55.28 -1.05
C THR D 222 -33.37 55.08 -1.91
N SER D 223 -32.25 55.59 -1.41
CA SER D 223 -30.99 55.50 -2.12
C SER D 223 -30.31 54.16 -1.87
N ILE D 224 -31.10 53.13 -1.57
CA ILE D 224 -30.56 51.80 -1.23
C ILE D 224 -30.00 50.97 -2.38
N GLN D 225 -28.75 50.49 -2.23
CA GLN D 225 -28.14 49.67 -3.28
C GLN D 225 -27.83 48.24 -2.89
N ASN D 226 -27.27 48.02 -1.70
CA ASN D 226 -26.96 46.66 -1.26
C ASN D 226 -27.93 46.21 -0.15
N LEU D 227 -28.31 44.94 -0.15
CA LEU D 227 -29.23 44.45 0.87
C LEU D 227 -29.01 42.99 1.21
N SER D 228 -28.77 42.71 2.49
CA SER D 228 -28.52 41.34 2.96
C SER D 228 -29.63 40.71 3.79
N LEU D 229 -30.06 39.52 3.38
CA LEU D 229 -31.11 38.78 4.06
C LEU D 229 -30.60 37.36 4.24
N ALA D 230 -29.57 37.25 5.07
CA ALA D 230 -28.98 35.96 5.36
C ALA D 230 -29.53 35.38 6.64
N ASN D 231 -29.80 34.08 6.65
CA ASN D 231 -30.32 33.43 7.84
C ASN D 231 -31.70 33.96 8.25
N ASN D 232 -32.70 33.62 7.45
CA ASN D 232 -34.07 34.05 7.73
C ASN D 232 -34.97 32.89 7.33
N GLN D 233 -36.27 33.08 7.37
CA GLN D 233 -37.17 31.98 7.00
C GLN D 233 -37.92 32.14 5.71
N LEU D 234 -37.30 32.72 4.69
CA LEU D 234 -37.97 32.86 3.41
C LEU D 234 -38.04 31.47 2.77
N LEU D 235 -38.84 30.59 3.37
CA LEU D 235 -38.99 29.23 2.88
C LEU D 235 -39.48 29.23 1.42
N ALA D 236 -39.87 30.41 0.94
CA ALA D 236 -40.36 30.58 -0.43
C ALA D 236 -40.50 32.06 -0.79
N THR D 237 -40.59 32.34 -2.09
CA THR D 237 -40.72 33.70 -2.61
C THR D 237 -41.71 33.75 -3.78
N SER D 238 -42.30 34.92 -4.00
CA SER D 238 -43.25 35.13 -5.09
C SER D 238 -42.90 36.43 -5.80
N GLU D 239 -43.66 36.76 -6.85
CA GLU D 239 -43.40 37.99 -7.59
C GLU D 239 -43.75 39.18 -6.69
N SER D 240 -44.71 38.94 -5.79
CA SER D 240 -45.18 39.95 -4.87
C SER D 240 -44.22 40.19 -3.70
N THR D 241 -43.38 39.20 -3.38
CA THR D 241 -42.44 39.33 -2.28
C THR D 241 -41.58 40.59 -2.37
N PHE D 242 -40.62 40.61 -3.30
CA PHE D 242 -39.78 41.79 -3.46
C PHE D 242 -40.45 42.85 -4.34
N SER D 243 -41.77 42.74 -4.51
CA SER D 243 -42.54 43.67 -5.31
C SER D 243 -42.33 45.13 -4.86
N GLY D 244 -42.15 45.31 -3.55
CA GLY D 244 -41.94 46.63 -3.01
C GLY D 244 -40.67 47.33 -3.48
N LEU D 245 -39.71 46.55 -3.96
CA LEU D 245 -38.45 47.12 -4.44
C LEU D 245 -38.52 47.78 -5.80
N LYS D 246 -39.57 47.48 -6.57
CA LYS D 246 -39.70 48.07 -7.91
C LYS D 246 -39.37 49.57 -7.94
N TRP D 247 -39.78 50.28 -6.89
CA TRP D 247 -39.53 51.71 -6.77
C TRP D 247 -38.08 52.00 -6.36
N THR D 248 -37.21 50.99 -6.40
CA THR D 248 -35.81 51.18 -6.01
C THR D 248 -34.77 51.05 -7.13
N ASN D 249 -33.52 51.22 -6.72
CA ASN D 249 -32.35 51.16 -7.58
C ASN D 249 -31.44 50.11 -6.87
N LEU D 250 -31.68 48.82 -7.14
CA LEU D 250 -30.93 47.72 -6.47
C LEU D 250 -29.76 46.99 -7.15
N THR D 251 -28.56 47.16 -6.59
CA THR D 251 -27.33 46.54 -7.11
C THR D 251 -27.10 45.08 -6.70
N GLN D 252 -26.82 44.88 -5.41
CA GLN D 252 -26.60 43.54 -4.88
C GLN D 252 -27.67 43.07 -3.89
N LEU D 253 -28.08 41.81 -4.05
CA LEU D 253 -29.09 41.21 -3.20
C LEU D 253 -28.62 39.85 -2.67
N ASP D 254 -28.70 39.65 -1.35
CA ASP D 254 -28.28 38.40 -0.73
C ASP D 254 -29.47 37.69 -0.09
N LEU D 255 -29.56 36.38 -0.29
CA LEU D 255 -30.65 35.56 0.25
C LEU D 255 -30.10 34.21 0.68
N SER D 256 -28.80 34.17 0.94
CA SER D 256 -28.16 32.93 1.35
C SER D 256 -28.71 32.41 2.68
N TYR D 257 -28.53 31.12 2.92
CA TYR D 257 -28.98 30.49 4.14
C TYR D 257 -30.41 30.93 4.49
N ASN D 258 -31.38 30.49 3.68
CA ASN D 258 -32.77 30.85 3.93
C ASN D 258 -33.76 29.69 3.71
N ASN D 259 -33.24 28.47 3.67
CA ASN D 259 -34.09 27.29 3.48
C ASN D 259 -35.14 27.59 2.43
N LEU D 260 -34.78 28.44 1.47
CA LEU D 260 -35.65 28.82 0.38
C LEU D 260 -35.96 27.56 -0.44
N HIS D 261 -37.20 27.09 -0.40
CA HIS D 261 -37.58 25.89 -1.16
C HIS D 261 -38.31 26.28 -2.43
N ASP D 262 -38.91 27.46 -2.42
CA ASP D 262 -39.66 27.96 -3.56
C ASP D 262 -39.09 29.28 -4.03
N VAL D 263 -38.92 29.39 -5.34
CA VAL D 263 -38.44 30.62 -5.94
C VAL D 263 -39.42 30.88 -7.07
N GLY D 264 -40.62 31.32 -6.66
CA GLY D 264 -41.70 31.60 -7.58
C GLY D 264 -41.35 32.38 -8.83
N ASN D 265 -42.25 32.30 -9.82
CA ASN D 265 -42.05 32.97 -11.09
C ASN D 265 -42.04 34.49 -11.05
N GLY D 266 -41.02 35.07 -11.68
CA GLY D 266 -40.89 36.51 -11.73
C GLY D 266 -40.81 37.16 -10.35
N SER D 267 -40.24 36.44 -9.39
CA SER D 267 -40.09 36.98 -8.04
C SER D 267 -39.10 38.15 -8.13
N PHE D 268 -38.31 38.15 -9.21
CA PHE D 268 -37.31 39.17 -9.43
C PHE D 268 -37.61 40.06 -10.62
N SER D 269 -38.83 39.96 -11.15
CA SER D 269 -39.23 40.78 -12.29
C SER D 269 -39.08 42.27 -11.93
N TYR D 270 -38.92 42.54 -10.65
CA TYR D 270 -38.80 43.90 -10.17
C TYR D 270 -37.39 44.44 -9.98
N LEU D 271 -36.37 43.70 -10.39
CA LEU D 271 -34.99 44.18 -10.22
C LEU D 271 -34.24 44.37 -11.53
N PRO D 272 -34.76 45.26 -12.40
CA PRO D 272 -34.12 45.53 -13.70
C PRO D 272 -32.78 46.22 -13.53
N SER D 273 -32.25 46.18 -12.33
CA SER D 273 -30.98 46.85 -12.11
C SER D 273 -30.07 45.97 -11.26
N LEU D 274 -30.62 44.93 -10.65
CA LEU D 274 -29.78 44.05 -9.84
C LEU D 274 -28.66 43.45 -10.69
N ARG D 275 -27.42 43.69 -10.27
CA ARG D 275 -26.25 43.20 -10.96
C ARG D 275 -25.61 41.98 -10.29
N TYR D 276 -25.82 41.86 -8.96
CA TYR D 276 -25.29 40.76 -8.14
C TYR D 276 -26.42 40.08 -7.35
N LEU D 277 -26.33 38.76 -7.16
CA LEU D 277 -27.37 38.02 -6.44
C LEU D 277 -26.89 36.71 -5.86
N SER D 278 -26.89 36.56 -4.53
CA SER D 278 -26.40 35.31 -3.94
C SER D 278 -27.49 34.46 -3.31
N LEU D 279 -27.69 33.27 -3.86
CA LEU D 279 -28.67 32.32 -3.35
C LEU D 279 -27.92 31.18 -2.66
N GLU D 280 -26.72 31.44 -2.18
CA GLU D 280 -25.96 30.38 -1.52
C GLU D 280 -26.67 29.64 -0.37
N TYR D 281 -26.22 28.41 -0.14
CA TYR D 281 -26.75 27.53 0.90
C TYR D 281 -28.27 27.60 1.13
N ASN D 282 -29.02 27.08 0.16
CA ASN D 282 -30.49 27.06 0.21
C ASN D 282 -31.01 25.78 -0.41
N ASN D 283 -32.28 25.50 -0.18
CA ASN D 283 -32.91 24.31 -0.70
C ASN D 283 -33.94 24.60 -1.77
N ILE D 284 -33.48 24.94 -2.98
CA ILE D 284 -34.40 25.21 -4.08
C ILE D 284 -34.74 23.92 -4.81
N GLN D 285 -36.04 23.70 -5.08
CA GLN D 285 -36.50 22.49 -5.74
C GLN D 285 -36.15 22.46 -7.22
N ARG D 286 -36.50 23.52 -7.93
CA ARG D 286 -36.22 23.59 -9.35
C ARG D 286 -36.29 25.03 -9.85
N LEU D 287 -35.90 25.20 -11.10
CA LEU D 287 -35.90 26.51 -11.72
C LEU D 287 -36.50 26.42 -13.10
N SER D 288 -37.78 26.71 -13.22
CA SER D 288 -38.44 26.68 -14.51
C SER D 288 -37.89 27.86 -15.32
N PRO D 289 -38.21 27.91 -16.63
CA PRO D 289 -37.71 29.01 -17.46
C PRO D 289 -38.06 30.42 -16.94
N ARG D 290 -39.28 30.57 -16.42
CA ARG D 290 -39.76 31.84 -15.91
C ARG D 290 -39.19 32.18 -14.53
N SER D 291 -38.29 31.35 -14.02
CA SER D 291 -37.72 31.58 -12.70
C SER D 291 -36.96 32.91 -12.62
N PHE D 292 -36.02 33.10 -13.52
CA PHE D 292 -35.19 34.29 -13.52
C PHE D 292 -35.72 35.49 -14.29
N TYR D 293 -36.95 35.42 -14.76
CA TYR D 293 -37.50 36.56 -15.49
C TYR D 293 -37.47 37.80 -14.59
N GLY D 294 -36.81 38.85 -15.08
CA GLY D 294 -36.71 40.08 -14.32
C GLY D 294 -35.31 40.63 -14.15
N LEU D 295 -34.35 39.74 -13.88
CA LEU D 295 -32.96 40.15 -13.70
C LEU D 295 -32.27 40.21 -15.05
N SER D 296 -32.46 41.31 -15.76
CA SER D 296 -31.84 41.49 -17.07
C SER D 296 -30.52 42.26 -16.98
N ASN D 297 -30.16 42.62 -15.74
CA ASN D 297 -28.94 43.38 -15.48
C ASN D 297 -27.91 42.54 -14.72
N LEU D 298 -28.37 41.44 -14.15
CA LEU D 298 -27.53 40.54 -13.36
C LEU D 298 -26.25 40.14 -14.09
N ARG D 299 -25.13 40.17 -13.36
CA ARG D 299 -23.83 39.83 -13.94
C ARG D 299 -23.06 38.77 -13.14
N TYR D 300 -23.50 38.51 -11.92
CA TYR D 300 -22.85 37.52 -11.06
C TYR D 300 -23.89 36.74 -10.26
N LEU D 301 -24.05 35.46 -10.58
CA LEU D 301 -25.02 34.64 -9.87
C LEU D 301 -24.35 33.49 -9.14
N SER D 302 -24.77 33.26 -7.89
CA SER D 302 -24.21 32.19 -7.06
C SER D 302 -25.24 31.18 -6.55
N LEU D 303 -25.10 29.93 -6.97
CA LEU D 303 -26.00 28.86 -6.56
C LEU D 303 -25.19 27.85 -5.79
N LYS D 304 -24.17 28.33 -5.10
CA LYS D 304 -23.34 27.44 -4.31
C LYS D 304 -24.22 26.76 -3.27
N ARG D 305 -24.38 25.44 -3.41
CA ARG D 305 -25.19 24.68 -2.48
C ARG D 305 -26.62 25.25 -2.44
N ALA D 306 -27.16 25.62 -3.60
CA ALA D 306 -28.49 26.23 -3.68
C ALA D 306 -29.70 25.36 -4.03
N PHE D 307 -29.51 24.05 -4.20
CA PHE D 307 -30.69 23.12 -4.50
C PHE D 307 -30.74 21.90 -3.52
N THR D 308 -31.95 21.48 -3.17
CA THR D 308 -32.18 20.38 -2.23
C THR D 308 -31.34 19.10 -2.42
N LYS D 309 -31.09 18.41 -1.30
CA LYS D 309 -30.32 17.16 -1.31
C LYS D 309 -31.01 16.15 -2.21
N GLN D 310 -30.25 15.19 -2.73
CA GLN D 310 -30.82 14.16 -3.58
C GLN D 310 -31.36 13.15 -2.57
N SER D 311 -32.53 12.61 -2.86
CA SER D 311 -33.16 11.64 -1.97
C SER D 311 -32.71 10.23 -2.35
N VAL D 312 -32.63 10.00 -3.67
CA VAL D 312 -32.19 8.73 -4.28
C VAL D 312 -33.25 7.65 -4.11
N SER D 313 -33.61 7.40 -2.86
CA SER D 313 -34.61 6.42 -2.47
C SER D 313 -36.02 6.99 -2.66
N LEU D 314 -36.17 8.29 -2.39
CA LEU D 314 -37.46 8.97 -2.53
C LEU D 314 -37.58 9.64 -3.91
N ALA D 315 -36.59 9.39 -4.77
CA ALA D 315 -36.57 9.98 -6.11
C ALA D 315 -37.00 11.44 -6.10
N SER D 316 -36.24 12.26 -5.37
CA SER D 316 -36.50 13.70 -5.27
C SER D 316 -35.24 14.47 -5.60
N HIS D 317 -34.49 13.98 -6.58
CA HIS D 317 -33.27 14.64 -7.03
C HIS D 317 -33.69 15.93 -7.74
N PRO D 318 -33.37 17.10 -7.15
CA PRO D 318 -33.70 18.44 -7.66
C PRO D 318 -33.00 18.73 -8.98
N ASN D 319 -33.58 19.61 -9.79
CA ASN D 319 -33.01 19.97 -11.08
C ASN D 319 -33.64 21.17 -11.78
N ILE D 320 -32.80 21.85 -12.56
CA ILE D 320 -33.18 23.03 -13.34
C ILE D 320 -33.34 22.59 -14.79
N ASP D 321 -34.39 23.05 -15.44
CA ASP D 321 -34.63 22.68 -16.81
C ASP D 321 -34.11 23.73 -17.79
N ASP D 322 -34.26 23.44 -19.08
CA ASP D 322 -33.78 24.31 -20.15
C ASP D 322 -34.35 25.73 -20.18
N PHE D 323 -33.66 26.60 -20.91
CA PHE D 323 -34.05 28.00 -21.09
C PHE D 323 -34.44 28.69 -19.80
N SER D 324 -33.72 28.40 -18.72
CA SER D 324 -34.01 29.01 -17.43
C SER D 324 -33.08 30.18 -17.21
N PHE D 325 -32.02 30.25 -18.02
CA PHE D 325 -31.07 31.34 -17.92
C PHE D 325 -31.10 32.30 -19.10
N GLN D 326 -32.05 32.06 -20.00
CA GLN D 326 -32.21 32.89 -21.20
C GLN D 326 -32.33 34.40 -20.93
N TRP D 327 -32.74 34.78 -19.72
CA TRP D 327 -32.92 36.19 -19.35
C TRP D 327 -31.65 36.91 -18.94
N LEU D 328 -30.68 36.17 -18.42
CA LEU D 328 -29.44 36.75 -17.96
C LEU D 328 -28.43 36.94 -19.07
N LYS D 329 -28.82 37.67 -20.12
CA LYS D 329 -27.91 37.89 -21.25
C LYS D 329 -26.68 38.71 -20.90
N TYR D 330 -26.63 39.24 -19.68
CA TYR D 330 -25.47 40.02 -19.27
C TYR D 330 -24.65 39.39 -18.16
N LEU D 331 -25.02 38.18 -17.76
CA LEU D 331 -24.30 37.48 -16.71
C LEU D 331 -22.92 37.07 -17.23
N GLU D 332 -21.91 37.11 -16.38
CA GLU D 332 -20.57 36.72 -16.80
C GLU D 332 -19.88 35.79 -15.80
N TYR D 333 -20.55 35.53 -14.69
CA TYR D 333 -19.99 34.66 -13.66
C TYR D 333 -21.10 33.85 -13.02
N LEU D 334 -21.18 32.57 -13.39
CA LEU D 334 -22.18 31.65 -12.86
C LEU D 334 -21.55 30.53 -12.06
N ASN D 335 -21.95 30.41 -10.79
CA ASN D 335 -21.40 29.38 -9.93
C ASN D 335 -22.50 28.45 -9.43
N MET D 336 -22.26 27.15 -9.53
CA MET D 336 -23.22 26.15 -9.10
C MET D 336 -22.58 24.99 -8.38
N ASP D 337 -21.58 25.24 -7.55
CA ASP D 337 -20.90 24.16 -6.83
C ASP D 337 -21.77 23.53 -5.75
N ASP D 338 -21.28 22.44 -5.18
CA ASP D 338 -21.97 21.73 -4.11
C ASP D 338 -23.46 21.51 -4.38
N ASN D 339 -23.80 20.65 -5.33
CA ASN D 339 -25.22 20.41 -5.60
C ASN D 339 -25.53 19.02 -6.13
N ASN D 340 -26.82 18.75 -6.32
CA ASN D 340 -27.23 17.46 -6.81
C ASN D 340 -27.79 17.40 -8.23
N ILE D 341 -27.75 18.51 -8.96
CA ILE D 341 -28.26 18.50 -10.33
C ILE D 341 -27.86 17.20 -11.02
N PRO D 342 -28.82 16.53 -11.65
CA PRO D 342 -28.57 15.27 -12.35
C PRO D 342 -27.44 15.38 -13.35
N SER D 343 -27.69 16.15 -14.41
CA SER D 343 -26.72 16.36 -15.48
C SER D 343 -27.12 17.58 -16.30
N THR D 344 -26.34 17.90 -17.32
CA THR D 344 -26.66 19.02 -18.18
C THR D 344 -27.74 18.59 -19.16
N LYS D 345 -28.42 19.56 -19.75
CA LYS D 345 -29.47 19.29 -20.74
C LYS D 345 -29.02 19.96 -22.06
N SER D 346 -29.66 19.61 -23.17
CA SER D 346 -29.30 20.20 -24.45
C SER D 346 -29.44 21.72 -24.46
N ASN D 347 -30.29 22.25 -23.60
CA ASN D 347 -30.46 23.68 -23.55
C ASN D 347 -30.32 24.37 -22.21
N THR D 348 -29.61 23.77 -21.26
CA THR D 348 -29.47 24.42 -19.97
C THR D 348 -28.90 25.84 -20.04
N PHE D 349 -27.63 25.95 -20.39
CA PHE D 349 -26.98 27.25 -20.46
C PHE D 349 -27.32 28.11 -21.65
N THR D 350 -28.40 27.77 -22.34
CA THR D 350 -28.83 28.54 -23.49
C THR D 350 -29.25 29.93 -23.04
N GLY D 351 -28.68 30.95 -23.69
CA GLY D 351 -29.03 32.30 -23.33
C GLY D 351 -27.87 33.11 -22.76
N LEU D 352 -27.04 32.48 -21.93
CA LEU D 352 -25.91 33.17 -21.32
C LEU D 352 -24.88 33.46 -22.39
N VAL D 353 -25.00 34.60 -23.06
CA VAL D 353 -24.07 34.96 -24.13
C VAL D 353 -22.93 35.84 -23.65
N SER D 354 -22.86 36.03 -22.35
CA SER D 354 -21.82 36.85 -21.75
C SER D 354 -21.00 36.01 -20.79
N LEU D 355 -21.49 34.82 -20.45
CA LEU D 355 -20.80 33.93 -19.51
C LEU D 355 -19.34 33.70 -19.87
N LYS D 356 -18.43 34.12 -19.00
CA LYS D 356 -17.00 33.94 -19.26
C LYS D 356 -16.30 33.13 -18.17
N TYR D 357 -17.00 32.96 -17.04
CA TYR D 357 -16.49 32.20 -15.91
C TYR D 357 -17.59 31.28 -15.39
N LEU D 358 -17.39 29.96 -15.56
CA LEU D 358 -18.38 28.99 -15.10
C LEU D 358 -17.76 27.91 -14.24
N SER D 359 -18.40 27.64 -13.11
CA SER D 359 -17.91 26.62 -12.20
C SER D 359 -18.97 25.57 -11.91
N LEU D 360 -18.57 24.31 -11.99
CA LEU D 360 -19.47 23.19 -11.74
C LEU D 360 -18.76 22.11 -10.96
N SER D 361 -18.10 22.52 -9.88
CA SER D 361 -17.37 21.61 -9.02
C SER D 361 -18.34 20.92 -8.06
N LYS D 362 -18.42 19.61 -8.14
CA LYS D 362 -19.31 18.85 -7.28
C LYS D 362 -20.73 19.38 -7.45
N THR D 363 -21.15 19.53 -8.71
CA THR D 363 -22.47 20.05 -9.04
C THR D 363 -23.37 18.98 -9.62
N PHE D 364 -22.77 17.89 -10.12
CA PHE D 364 -23.54 16.82 -10.75
C PHE D 364 -23.41 15.48 -10.06
N THR D 365 -24.42 14.65 -10.23
CA THR D 365 -24.45 13.34 -9.60
C THR D 365 -24.47 12.20 -10.60
N SER D 366 -25.08 12.42 -11.75
CA SER D 366 -25.16 11.38 -12.79
C SER D 366 -24.43 11.70 -14.09
N LEU D 367 -23.40 12.53 -14.01
CA LEU D 367 -22.65 12.93 -15.18
C LEU D 367 -21.41 12.03 -15.34
N GLN D 368 -21.60 10.73 -15.15
CA GLN D 368 -20.50 9.76 -15.29
C GLN D 368 -19.64 9.98 -16.54
N THR D 369 -20.30 10.31 -17.65
CA THR D 369 -19.61 10.52 -18.92
C THR D 369 -19.89 11.86 -19.57
N LEU D 370 -18.81 12.49 -20.01
CA LEU D 370 -18.90 13.76 -20.70
C LEU D 370 -19.09 13.44 -22.18
N THR D 371 -20.27 13.78 -22.71
CA THR D 371 -20.58 13.53 -24.12
C THR D 371 -20.44 14.80 -24.94
N ASN D 372 -20.42 14.65 -26.26
CA ASN D 372 -20.28 15.80 -27.16
C ASN D 372 -21.50 16.71 -27.10
N GLU D 373 -22.55 16.27 -26.42
CA GLU D 373 -23.76 17.06 -26.31
C GLU D 373 -23.93 17.64 -24.93
N THR D 374 -22.91 17.52 -24.10
CA THR D 374 -23.04 18.05 -22.76
C THR D 374 -22.99 19.57 -22.75
N PHE D 375 -21.85 20.10 -23.15
CA PHE D 375 -21.66 21.54 -23.14
C PHE D 375 -22.12 22.27 -24.37
N VAL D 376 -23.12 21.70 -25.03
CA VAL D 376 -23.65 22.35 -26.21
C VAL D 376 -24.26 23.71 -25.85
N SER D 377 -25.01 23.77 -24.75
CA SER D 377 -25.65 25.00 -24.29
C SER D 377 -24.71 26.19 -24.23
N LEU D 378 -23.47 25.93 -23.82
CA LEU D 378 -22.45 26.96 -23.68
C LEU D 378 -21.79 27.28 -25.02
N ALA D 379 -22.47 26.96 -26.11
CA ALA D 379 -21.93 27.22 -27.45
C ALA D 379 -21.66 28.68 -27.74
N HIS D 380 -22.68 29.52 -27.51
CA HIS D 380 -22.56 30.95 -27.79
C HIS D 380 -22.13 31.82 -26.60
N SER D 381 -21.65 31.18 -25.55
CA SER D 381 -21.22 31.89 -24.37
C SER D 381 -19.69 32.01 -24.40
N PRO D 382 -19.15 33.24 -24.30
CA PRO D 382 -17.70 33.48 -24.32
C PRO D 382 -17.03 32.93 -23.06
N LEU D 383 -17.00 31.60 -22.94
CA LEU D 383 -16.42 30.93 -21.77
C LEU D 383 -14.91 30.79 -21.75
N LEU D 384 -14.31 31.22 -20.64
CA LEU D 384 -12.87 31.15 -20.45
C LEU D 384 -12.53 30.20 -19.31
N THR D 385 -13.39 30.15 -18.28
CA THR D 385 -13.14 29.29 -17.13
C THR D 385 -14.20 28.21 -16.94
N LEU D 386 -13.77 27.00 -16.62
CA LEU D 386 -14.69 25.90 -16.39
C LEU D 386 -14.15 24.91 -15.38
N ASN D 387 -14.61 24.97 -14.13
CA ASN D 387 -14.14 24.01 -13.11
C ASN D 387 -15.13 22.86 -13.06
N LEU D 388 -14.64 21.64 -13.31
CA LEU D 388 -15.48 20.43 -13.30
C LEU D 388 -14.98 19.42 -12.29
N THR D 389 -14.13 19.87 -11.39
CA THR D 389 -13.58 19.01 -10.37
C THR D 389 -14.67 18.43 -9.49
N LYS D 390 -14.44 17.20 -9.00
CA LYS D 390 -15.38 16.55 -8.12
C LYS D 390 -16.76 16.27 -8.73
N ASN D 391 -16.79 15.56 -9.86
CA ASN D 391 -18.06 15.23 -10.49
C ASN D 391 -18.12 13.74 -10.80
N HIS D 392 -17.00 13.05 -10.54
CA HIS D 392 -16.85 11.61 -10.76
C HIS D 392 -16.71 11.27 -12.23
N ILE D 393 -16.42 12.29 -13.04
CA ILE D 393 -16.24 12.12 -14.48
C ILE D 393 -15.23 11.02 -14.70
N SER D 394 -15.59 9.99 -15.45
CA SER D 394 -14.66 8.89 -15.68
C SER D 394 -14.24 8.68 -17.13
N LYS D 395 -14.94 9.32 -18.07
CA LYS D 395 -14.61 9.16 -19.49
C LYS D 395 -15.05 10.40 -20.27
N ILE D 396 -14.17 10.92 -21.12
CA ILE D 396 -14.51 12.09 -21.92
C ILE D 396 -14.38 11.73 -23.40
N ALA D 397 -15.52 11.63 -24.09
CA ALA D 397 -15.52 11.27 -25.52
C ALA D 397 -15.03 12.40 -26.43
N ASN D 398 -14.84 12.06 -27.71
CA ASN D 398 -14.40 12.99 -28.73
C ASN D 398 -15.30 14.24 -28.86
N GLY D 399 -14.69 15.38 -29.15
CA GLY D 399 -15.41 16.63 -29.32
C GLY D 399 -16.26 17.08 -28.15
N THR D 400 -15.97 16.59 -26.96
CA THR D 400 -16.73 16.96 -25.78
C THR D 400 -16.70 18.46 -25.49
N PHE D 401 -15.64 19.13 -25.93
CA PHE D 401 -15.50 20.55 -25.68
C PHE D 401 -15.50 21.42 -26.94
N SER D 402 -15.78 20.82 -28.09
CA SER D 402 -15.78 21.56 -29.35
C SER D 402 -16.51 22.92 -29.31
N TRP D 403 -17.56 23.02 -28.50
CA TRP D 403 -18.35 24.26 -28.42
C TRP D 403 -17.70 25.35 -27.58
N LEU D 404 -16.83 24.95 -26.66
CA LEU D 404 -16.16 25.91 -25.81
C LEU D 404 -14.97 26.49 -26.54
N GLY D 405 -15.25 27.11 -27.69
CA GLY D 405 -14.22 27.70 -28.52
C GLY D 405 -13.22 28.59 -27.79
N GLN D 406 -13.73 29.57 -27.05
CA GLN D 406 -12.90 30.52 -26.33
C GLN D 406 -12.40 30.14 -24.94
N LEU D 407 -12.57 28.88 -24.56
CA LEU D 407 -12.13 28.42 -23.24
C LEU D 407 -10.62 28.55 -23.09
N ARG D 408 -10.20 29.07 -21.94
CA ARG D 408 -8.78 29.23 -21.69
C ARG D 408 -8.31 28.38 -20.51
N ILE D 409 -9.06 28.43 -19.41
CA ILE D 409 -8.74 27.64 -18.23
C ILE D 409 -9.83 26.60 -17.99
N LEU D 410 -9.46 25.33 -18.18
CA LEU D 410 -10.39 24.23 -17.97
C LEU D 410 -9.81 23.35 -16.86
N ASP D 411 -10.67 22.85 -15.99
CA ASP D 411 -10.24 22.03 -14.86
C ASP D 411 -11.04 20.75 -14.61
N LEU D 412 -10.40 19.62 -14.92
CA LEU D 412 -11.02 18.30 -14.75
C LEU D 412 -10.28 17.52 -13.67
N GLY D 413 -9.91 18.20 -12.59
CA GLY D 413 -9.19 17.52 -11.54
C GLY D 413 -10.07 16.82 -10.53
N LEU D 414 -9.46 16.02 -9.65
CA LEU D 414 -10.19 15.31 -8.63
C LEU D 414 -11.41 14.64 -9.19
N ASN D 415 -11.19 13.85 -10.25
CA ASN D 415 -12.25 13.12 -10.92
C ASN D 415 -11.80 11.69 -11.16
N GLU D 416 -12.71 10.89 -11.69
CA GLU D 416 -12.43 9.48 -11.94
C GLU D 416 -11.97 9.18 -13.35
N ILE D 417 -11.58 10.20 -14.10
CA ILE D 417 -11.17 9.99 -15.48
C ILE D 417 -10.24 8.77 -15.65
N GLU D 418 -10.69 7.81 -16.45
CA GLU D 418 -9.93 6.57 -16.71
C GLU D 418 -10.09 6.21 -18.18
N GLN D 419 -9.26 6.82 -19.00
CA GLN D 419 -9.32 6.62 -20.43
C GLN D 419 -7.98 7.01 -20.98
N LYS D 420 -7.81 6.87 -22.28
CA LYS D 420 -6.53 7.18 -22.90
C LYS D 420 -6.65 8.34 -23.87
N LEU D 421 -6.17 9.49 -23.42
CA LEU D 421 -6.19 10.70 -24.22
C LEU D 421 -5.59 10.44 -25.59
N SER D 422 -6.38 10.66 -26.64
CA SER D 422 -5.92 10.45 -28.00
C SER D 422 -6.03 11.74 -28.79
N GLY D 423 -5.62 12.84 -28.16
CA GLY D 423 -5.66 14.14 -28.80
C GLY D 423 -7.03 14.70 -29.16
N GLN D 424 -8.01 13.82 -29.37
CA GLN D 424 -9.35 14.27 -29.75
C GLN D 424 -10.21 14.84 -28.64
N GLU D 425 -10.00 14.39 -27.42
CA GLU D 425 -10.78 14.91 -26.32
C GLU D 425 -10.62 16.43 -26.22
N TRP D 426 -9.58 16.99 -26.82
CA TRP D 426 -9.34 18.43 -26.76
C TRP D 426 -9.66 19.10 -28.09
N ARG D 427 -10.40 18.42 -28.94
CA ARG D 427 -10.78 18.97 -30.24
C ARG D 427 -11.72 20.16 -30.05
N GLY D 428 -11.22 21.34 -30.41
CA GLY D 428 -12.05 22.53 -30.29
C GLY D 428 -11.58 23.56 -29.29
N LEU D 429 -10.59 23.21 -28.47
CA LEU D 429 -10.09 24.18 -27.51
C LEU D 429 -9.06 25.05 -28.22
N ARG D 430 -9.55 25.85 -29.17
CA ARG D 430 -8.73 26.73 -30.00
C ARG D 430 -7.63 27.49 -29.21
N ASN D 431 -8.02 28.29 -28.21
CA ASN D 431 -7.04 29.02 -27.40
C ASN D 431 -7.20 28.63 -25.92
N ILE D 432 -6.57 27.52 -25.55
CA ILE D 432 -6.67 27.00 -24.19
C ILE D 432 -5.36 27.28 -23.46
N PHE D 433 -5.50 27.88 -22.27
CA PHE D 433 -4.34 28.26 -21.50
C PHE D 433 -3.76 27.14 -20.68
N GLU D 434 -4.48 26.74 -19.64
CA GLU D 434 -4.02 25.65 -18.80
C GLU D 434 -5.07 24.56 -18.63
N ILE D 435 -4.60 23.32 -18.44
CA ILE D 435 -5.48 22.18 -18.27
C ILE D 435 -5.10 21.43 -17.00
N TYR D 436 -5.75 21.78 -15.88
CA TYR D 436 -5.49 21.13 -14.60
C TYR D 436 -6.21 19.79 -14.68
N LEU D 437 -5.44 18.70 -14.74
CA LEU D 437 -5.97 17.34 -14.87
C LEU D 437 -5.45 16.37 -13.80
N SER D 438 -5.06 16.89 -12.64
CA SER D 438 -4.52 16.07 -11.56
C SER D 438 -5.55 15.33 -10.72
N TYR D 439 -5.16 14.14 -10.26
CA TYR D 439 -5.98 13.32 -9.39
C TYR D 439 -7.11 12.51 -10.01
N ASN D 440 -6.76 11.59 -10.89
CA ASN D 440 -7.76 10.74 -11.51
C ASN D 440 -7.30 9.29 -11.42
N LYS D 441 -8.08 8.38 -12.02
CA LYS D 441 -7.75 6.96 -11.96
C LYS D 441 -6.66 6.49 -12.89
N TYR D 442 -6.74 6.87 -14.17
CA TYR D 442 -5.77 6.38 -15.13
C TYR D 442 -5.78 7.26 -16.37
N LEU D 443 -4.60 7.60 -16.86
CA LEU D 443 -4.49 8.42 -18.05
C LEU D 443 -3.44 7.88 -19.00
N GLN D 444 -3.77 6.83 -19.74
CA GLN D 444 -2.82 6.26 -20.68
C GLN D 444 -2.64 7.32 -21.77
N LEU D 445 -1.40 7.67 -22.08
CA LEU D 445 -1.14 8.66 -23.11
C LEU D 445 -0.70 8.04 -24.42
N SER D 446 -0.87 8.79 -25.51
CA SER D 446 -0.45 8.34 -26.84
C SER D 446 0.39 9.44 -27.47
N THR D 447 0.91 9.16 -28.65
CA THR D 447 1.76 10.11 -29.34
C THR D 447 1.01 11.36 -29.81
N SER D 448 -0.31 11.35 -29.70
CA SER D 448 -1.09 12.48 -30.16
C SER D 448 -1.97 13.16 -29.11
N SER D 449 -1.92 12.65 -27.89
CA SER D 449 -2.72 13.17 -26.81
C SER D 449 -2.91 14.69 -26.78
N PHE D 450 -1.85 15.44 -27.05
CA PHE D 450 -1.98 16.89 -27.00
C PHE D 450 -1.76 17.65 -28.29
N ALA D 451 -1.47 16.93 -29.37
CA ALA D 451 -1.22 17.57 -30.66
C ALA D 451 -2.29 18.58 -31.08
N LEU D 452 -3.53 18.37 -30.64
CA LEU D 452 -4.62 19.26 -31.00
C LEU D 452 -4.64 20.59 -30.26
N VAL D 453 -3.95 20.66 -29.13
CA VAL D 453 -3.94 21.92 -28.35
C VAL D 453 -2.53 22.40 -28.03
N PRO D 454 -1.87 23.07 -28.99
CA PRO D 454 -0.51 23.57 -28.78
C PRO D 454 -0.49 24.96 -28.17
N SER D 455 -1.62 25.35 -27.56
CA SER D 455 -1.77 26.67 -26.94
C SER D 455 -1.53 26.57 -25.45
N LEU D 456 -1.23 25.35 -24.99
CA LEU D 456 -1.00 25.08 -23.58
C LEU D 456 0.21 25.72 -22.90
N GLN D 457 -0.03 26.27 -21.72
CA GLN D 457 0.99 26.91 -20.90
C GLN D 457 1.23 25.98 -19.74
N ARG D 458 0.16 25.62 -19.03
CA ARG D 458 0.30 24.72 -17.88
C ARG D 458 -0.47 23.42 -18.07
N LEU D 459 0.16 22.30 -17.72
CA LEU D 459 -0.46 21.00 -17.85
C LEU D 459 -0.16 20.21 -16.60
N MET D 460 -1.14 20.04 -15.73
CA MET D 460 -0.90 19.29 -14.51
C MET D 460 -1.33 17.82 -14.68
N LEU D 461 -0.53 16.91 -14.15
CA LEU D 461 -0.84 15.49 -14.21
C LEU D 461 -0.41 14.79 -12.92
N ARG D 462 -0.75 15.38 -11.78
CA ARG D 462 -0.39 14.82 -10.48
C ARG D 462 -1.28 13.62 -10.18
N ARG D 463 -0.73 12.64 -9.47
CA ARG D 463 -1.43 11.42 -9.11
C ARG D 463 -2.53 11.00 -10.09
N VAL D 464 -2.15 10.78 -11.35
CA VAL D 464 -3.11 10.34 -12.37
C VAL D 464 -2.64 9.01 -12.95
N ALA D 465 -1.63 8.43 -12.30
CA ALA D 465 -1.07 7.16 -12.69
C ALA D 465 -0.78 7.09 -14.19
N LEU D 466 -0.02 8.04 -14.70
CA LEU D 466 0.32 8.07 -16.12
C LEU D 466 0.96 6.78 -16.56
N LYS D 467 0.72 6.43 -17.82
CA LYS D 467 1.28 5.23 -18.41
C LYS D 467 1.64 5.57 -19.85
N ASN D 468 2.80 5.08 -20.28
CA ASN D 468 3.29 5.30 -21.64
C ASN D 468 3.71 6.75 -21.91
N VAL D 469 4.72 7.21 -21.18
CA VAL D 469 5.25 8.56 -21.37
C VAL D 469 6.63 8.37 -22.00
N ASP D 470 6.98 7.12 -22.26
CA ASP D 470 8.25 6.75 -22.86
C ASP D 470 8.18 6.64 -24.38
N ILE D 471 6.97 6.75 -24.92
CA ILE D 471 6.77 6.65 -26.35
C ILE D 471 7.36 7.86 -27.09
N SER D 472 7.88 7.59 -28.29
CA SER D 472 8.49 8.61 -29.13
C SER D 472 7.69 8.88 -30.41
N PRO D 473 7.50 10.16 -30.75
CA PRO D 473 8.01 11.30 -29.98
C PRO D 473 7.29 11.56 -28.64
N SER D 474 7.85 12.49 -27.87
CA SER D 474 7.29 12.85 -26.58
C SER D 474 5.86 13.30 -26.82
N PRO D 475 4.90 12.71 -26.10
CA PRO D 475 3.50 13.10 -26.29
C PRO D 475 3.30 14.60 -26.09
N PHE D 476 4.31 15.23 -25.49
CA PHE D 476 4.27 16.66 -25.24
C PHE D 476 5.00 17.38 -26.36
N ARG D 477 5.42 16.64 -27.38
CA ARG D 477 6.15 17.20 -28.51
C ARG D 477 5.53 18.45 -29.13
N PRO D 478 4.21 18.44 -29.38
CA PRO D 478 3.58 19.63 -29.98
C PRO D 478 3.35 20.82 -29.02
N LEU D 479 3.49 20.59 -27.72
CA LEU D 479 3.31 21.65 -26.72
C LEU D 479 4.59 22.48 -26.57
N ARG D 480 4.73 23.51 -27.39
CA ARG D 480 5.92 24.35 -27.37
C ARG D 480 5.79 25.52 -26.42
N ASN D 481 4.63 26.16 -26.42
CA ASN D 481 4.42 27.28 -25.52
C ASN D 481 4.21 26.87 -24.10
N LEU D 482 4.44 25.59 -23.83
CA LEU D 482 4.27 25.04 -22.51
C LEU D 482 5.38 25.51 -21.57
N THR D 483 4.97 26.11 -20.46
CA THR D 483 5.91 26.59 -19.46
C THR D 483 5.94 25.69 -18.21
N ILE D 484 4.78 25.51 -17.59
CA ILE D 484 4.64 24.71 -16.37
C ILE D 484 4.10 23.32 -16.66
N LEU D 485 4.85 22.29 -16.28
CA LEU D 485 4.43 20.90 -16.47
C LEU D 485 4.63 20.10 -15.19
N ASP D 486 3.61 19.35 -14.79
CA ASP D 486 3.67 18.57 -13.57
C ASP D 486 3.38 17.08 -13.79
N LEU D 487 4.32 16.23 -13.43
CA LEU D 487 4.12 14.80 -13.58
C LEU D 487 4.48 14.15 -12.26
N SER D 488 4.05 14.78 -11.18
CA SER D 488 4.36 14.29 -9.84
C SER D 488 3.44 13.21 -9.35
N ASN D 489 3.93 12.42 -8.40
CA ASN D 489 3.17 11.33 -7.80
C ASN D 489 2.46 10.46 -8.82
N ASN D 490 3.21 9.95 -9.79
CA ASN D 490 2.65 9.07 -10.80
C ASN D 490 3.45 7.79 -10.86
N ASN D 491 4.56 7.76 -10.13
CA ASN D 491 5.39 6.58 -10.10
C ASN D 491 5.73 6.26 -11.55
N ILE D 492 6.21 7.27 -12.27
CA ILE D 492 6.55 7.08 -13.66
C ILE D 492 7.65 6.04 -13.71
N ALA D 493 7.34 4.89 -14.27
CA ALA D 493 8.27 3.78 -14.37
C ALA D 493 9.61 4.18 -14.94
N ASN D 494 9.59 4.80 -16.11
CA ASN D 494 10.81 5.22 -16.78
C ASN D 494 10.43 6.18 -17.90
N ILE D 495 11.45 6.68 -18.59
CA ILE D 495 11.24 7.64 -19.66
C ILE D 495 12.57 7.87 -20.38
N ASN D 496 12.53 8.00 -21.71
CA ASN D 496 13.74 8.24 -22.52
C ASN D 496 13.92 9.71 -22.83
N GLU D 497 15.15 10.14 -23.11
CA GLU D 497 15.42 11.56 -23.33
C GLU D 497 14.52 12.27 -24.32
N ASP D 498 13.98 11.55 -25.28
CA ASP D 498 13.13 12.18 -26.26
C ASP D 498 12.14 13.14 -25.61
N LEU D 499 11.52 12.71 -24.52
CA LEU D 499 10.57 13.54 -23.80
C LEU D 499 11.11 14.96 -23.58
N LEU D 500 10.22 15.93 -23.52
CA LEU D 500 10.61 17.31 -23.29
C LEU D 500 11.40 17.93 -24.44
N GLU D 501 11.57 17.20 -25.55
CA GLU D 501 12.32 17.75 -26.67
C GLU D 501 11.68 18.97 -27.31
N GLY D 502 12.36 20.11 -27.21
CA GLY D 502 11.84 21.32 -27.83
C GLY D 502 11.05 22.29 -26.97
N LEU D 503 10.88 21.97 -25.70
CA LEU D 503 10.14 22.84 -24.79
C LEU D 503 11.08 23.95 -24.32
N GLU D 504 11.27 24.93 -25.21
CA GLU D 504 12.15 26.06 -24.93
C GLU D 504 11.55 27.01 -23.90
N ASN D 505 10.32 26.75 -23.49
CA ASN D 505 9.68 27.60 -22.51
C ASN D 505 9.41 26.90 -21.19
N LEU D 506 9.64 25.59 -21.15
CA LEU D 506 9.43 24.85 -19.91
C LEU D 506 10.28 25.47 -18.80
N GLU D 507 9.61 26.14 -17.85
CA GLU D 507 10.28 26.78 -16.73
C GLU D 507 10.20 25.93 -15.46
N ILE D 508 9.00 25.54 -15.08
CA ILE D 508 8.80 24.74 -13.89
C ILE D 508 8.48 23.30 -14.28
N LEU D 509 9.18 22.37 -13.64
CA LEU D 509 8.97 20.95 -13.87
C LEU D 509 8.93 20.21 -12.53
N ASP D 510 7.90 19.39 -12.34
CA ASP D 510 7.75 18.66 -11.08
C ASP D 510 7.78 17.16 -11.26
N PHE D 511 8.66 16.50 -10.51
CA PHE D 511 8.81 15.05 -10.59
C PHE D 511 8.78 14.38 -9.24
N GLN D 512 8.19 15.04 -8.25
CA GLN D 512 8.13 14.48 -6.92
C GLN D 512 7.44 13.13 -6.90
N HIS D 513 8.12 12.15 -6.30
CA HIS D 513 7.58 10.81 -6.15
C HIS D 513 7.33 10.09 -7.49
N ASN D 514 8.39 9.65 -8.17
CA ASN D 514 8.23 8.94 -9.44
C ASN D 514 9.23 7.83 -9.76
N ASN D 515 9.87 7.25 -8.74
CA ASN D 515 10.86 6.19 -8.96
C ASN D 515 11.56 6.28 -10.32
N LEU D 516 12.25 7.40 -10.53
CA LEU D 516 13.01 7.65 -11.74
C LEU D 516 14.44 7.32 -11.37
N ALA D 517 14.55 6.48 -10.35
CA ALA D 517 15.79 6.01 -9.74
C ALA D 517 16.92 5.48 -10.58
N ARG D 518 16.67 4.36 -11.25
CA ARG D 518 17.69 3.72 -12.06
C ARG D 518 18.07 4.44 -13.35
N LEU D 519 17.28 5.44 -13.75
CA LEU D 519 17.58 6.19 -14.97
C LEU D 519 18.85 7.02 -14.87
N TRP D 520 19.45 7.07 -13.69
CA TRP D 520 20.67 7.86 -13.47
C TRP D 520 21.73 7.04 -12.73
N ASN D 524 23.68 1.68 -15.78
CA ASN D 524 24.22 1.55 -17.13
C ASN D 524 23.28 0.87 -18.15
N PRO D 525 21.95 0.99 -17.99
CA PRO D 525 21.06 0.34 -18.98
C PRO D 525 21.04 1.02 -20.36
N GLY D 526 22.00 0.66 -21.21
CA GLY D 526 22.09 1.26 -22.53
C GLY D 526 22.50 2.72 -22.42
N GLY D 527 23.18 3.07 -21.32
CA GLY D 527 23.62 4.44 -21.07
C GLY D 527 22.61 5.28 -20.30
N PRO D 528 23.02 6.29 -19.49
CA PRO D 528 22.03 7.08 -18.76
C PRO D 528 21.20 7.96 -19.69
N VAL D 529 19.94 8.14 -19.34
CA VAL D 529 19.02 8.91 -20.16
C VAL D 529 19.24 10.41 -20.05
N ASN D 530 19.72 11.00 -21.15
CA ASN D 530 19.97 12.43 -21.21
C ASN D 530 18.66 13.23 -21.11
N PHE D 531 17.94 12.94 -20.04
CA PHE D 531 16.69 13.60 -19.69
C PHE D 531 17.03 15.11 -19.70
N LEU D 532 16.04 15.98 -19.68
CA LEU D 532 16.38 17.40 -19.59
C LEU D 532 17.33 18.03 -20.61
N LYS D 533 17.25 17.64 -21.88
CA LYS D 533 18.15 18.22 -22.89
C LYS D 533 17.70 19.65 -23.28
N GLY D 534 18.65 20.57 -23.34
CA GLY D 534 18.36 21.94 -23.74
C GLY D 534 17.19 22.77 -23.23
N LEU D 535 16.60 22.49 -22.07
CA LEU D 535 15.51 23.37 -21.62
C LEU D 535 16.20 24.59 -21.02
N SER D 536 16.90 25.33 -21.88
CA SER D 536 17.61 26.53 -21.50
C SER D 536 16.83 27.36 -20.50
N HIS D 537 15.55 27.53 -20.79
CA HIS D 537 14.65 28.32 -19.95
C HIS D 537 14.07 27.66 -18.69
N LEU D 538 14.50 26.44 -18.37
CA LEU D 538 13.99 25.76 -17.16
C LEU D 538 14.50 26.46 -15.91
N HIS D 539 13.58 26.93 -15.06
CA HIS D 539 13.95 27.61 -13.83
C HIS D 539 13.99 26.74 -12.59
N ILE D 540 12.82 26.24 -12.17
CA ILE D 540 12.77 25.40 -10.98
C ILE D 540 12.50 23.94 -11.33
N LEU D 541 13.44 23.08 -10.94
CA LEU D 541 13.34 21.66 -11.21
C LEU D 541 13.15 20.92 -9.90
N ASN D 542 12.18 19.99 -9.89
CA ASN D 542 11.87 19.22 -8.69
C ASN D 542 11.98 17.72 -8.93
N LEU D 543 12.87 17.06 -8.18
CA LEU D 543 13.04 15.62 -8.30
C LEU D 543 13.08 15.00 -6.92
N GLU D 544 12.41 15.66 -5.98
CA GLU D 544 12.35 15.19 -4.61
C GLU D 544 11.85 13.75 -4.57
N SER D 545 12.41 12.96 -3.67
CA SER D 545 12.02 11.56 -3.50
C SER D 545 11.74 10.91 -4.83
N ASN D 546 12.79 10.59 -5.58
CA ASN D 546 12.57 9.97 -6.89
C ASN D 546 13.38 8.71 -7.11
N GLY D 547 13.92 8.16 -6.03
CA GLY D 547 14.73 6.94 -6.15
C GLY D 547 16.15 7.24 -6.56
N LEU D 548 16.39 8.51 -6.89
CA LEU D 548 17.71 8.95 -7.31
C LEU D 548 18.77 8.52 -6.31
N ASP D 549 19.77 7.79 -6.79
CA ASP D 549 20.85 7.35 -5.93
C ASP D 549 22.20 7.80 -6.49
N GLU D 550 22.20 8.22 -7.74
CA GLU D 550 23.42 8.62 -8.38
C GLU D 550 23.12 9.66 -9.43
N ILE D 551 23.60 10.89 -9.24
CA ILE D 551 23.40 11.90 -10.26
C ILE D 551 24.63 11.72 -11.17
N PRO D 552 24.41 11.26 -12.41
CA PRO D 552 25.49 11.04 -13.37
C PRO D 552 26.15 12.33 -13.84
N VAL D 553 27.36 12.16 -14.39
CA VAL D 553 28.16 13.27 -14.88
C VAL D 553 27.49 14.24 -15.88
N GLY D 554 27.33 15.48 -15.43
CA GLY D 554 26.76 16.53 -16.25
C GLY D 554 25.39 16.39 -16.90
N VAL D 555 24.43 15.80 -16.20
CA VAL D 555 23.09 15.68 -16.76
C VAL D 555 22.31 16.96 -16.48
N PHE D 556 23.04 17.99 -16.05
CA PHE D 556 22.50 19.30 -15.74
C PHE D 556 23.27 20.37 -16.52
N LYS D 557 23.90 19.95 -17.62
CA LYS D 557 24.69 20.85 -18.45
C LYS D 557 23.79 21.72 -19.32
N ASN D 558 24.22 22.96 -19.51
CA ASN D 558 23.51 23.95 -20.33
C ASN D 558 22.23 24.54 -19.70
N LEU D 559 21.93 24.12 -18.47
CA LEU D 559 20.78 24.62 -17.73
C LEU D 559 21.41 25.76 -16.98
N PHE D 560 21.49 26.90 -17.63
CA PHE D 560 22.13 28.07 -17.03
C PHE D 560 21.11 28.84 -16.19
N GLU D 561 19.93 28.99 -16.79
CA GLU D 561 18.82 29.70 -16.20
C GLU D 561 18.10 28.92 -15.09
N LEU D 562 18.58 27.71 -14.78
CA LEU D 562 17.96 26.89 -13.73
C LEU D 562 18.20 27.57 -12.37
N LYS D 563 17.10 27.99 -11.76
CA LYS D 563 17.11 28.71 -10.48
C LYS D 563 17.02 27.85 -9.21
N SER D 564 16.17 26.83 -9.21
CA SER D 564 16.02 26.00 -8.02
C SER D 564 15.93 24.49 -8.24
N ILE D 565 16.92 23.77 -7.72
CA ILE D 565 16.97 22.32 -7.83
C ILE D 565 16.57 21.74 -6.47
N ASN D 566 15.71 20.72 -6.48
CA ASN D 566 15.29 20.07 -5.25
C ASN D 566 15.41 18.55 -5.36
N LEU D 567 16.41 18.00 -4.69
CA LEU D 567 16.66 16.56 -4.74
C LEU D 567 16.49 15.86 -3.39
N GLY D 568 15.65 16.42 -2.52
CA GLY D 568 15.46 15.81 -1.21
C GLY D 568 14.95 14.38 -1.26
N LEU D 569 14.83 13.77 -0.09
CA LEU D 569 14.34 12.40 0.02
C LEU D 569 14.92 11.42 -0.98
N ASN D 570 16.20 11.51 -1.27
CA ASN D 570 16.82 10.57 -2.21
C ASN D 570 17.98 9.88 -1.54
N ASN D 571 18.63 8.99 -2.27
CA ASN D 571 19.77 8.25 -1.74
C ASN D 571 20.97 8.73 -2.54
N LEU D 572 21.51 9.89 -2.18
CA LEU D 572 22.62 10.42 -2.95
C LEU D 572 23.89 10.76 -2.17
N ASN D 573 24.90 9.90 -2.21
CA ASN D 573 26.16 10.20 -1.52
C ASN D 573 27.31 10.30 -2.52
N LYS D 574 27.16 9.58 -3.63
CA LYS D 574 28.17 9.57 -4.69
C LYS D 574 28.01 10.76 -5.63
N LEU D 575 28.72 11.85 -5.35
CA LEU D 575 28.66 13.03 -6.20
C LEU D 575 29.95 13.10 -6.99
N GLU D 576 29.87 12.73 -8.27
CA GLU D 576 31.03 12.79 -9.15
C GLU D 576 31.39 14.24 -9.46
N PRO D 577 32.55 14.70 -8.96
CA PRO D 577 32.97 16.09 -9.20
C PRO D 577 32.46 16.69 -10.52
N PHE D 578 31.82 17.85 -10.41
CA PHE D 578 31.30 18.60 -11.56
C PHE D 578 29.87 18.32 -12.00
N ILE D 579 29.06 17.69 -11.17
CA ILE D 579 27.68 17.43 -11.57
C ILE D 579 26.95 18.75 -11.78
N PHE D 580 27.32 19.75 -10.98
CA PHE D 580 26.74 21.09 -11.08
C PHE D 580 27.84 22.00 -11.59
N ASP D 581 27.68 22.55 -12.78
CA ASP D 581 28.68 23.44 -13.36
C ASP D 581 28.03 24.69 -13.91
N ASP D 582 26.97 24.47 -14.66
CA ASP D 582 26.25 25.55 -15.30
C ASP D 582 25.19 26.21 -14.41
N GLN D 583 24.97 25.67 -13.21
CA GLN D 583 24.02 26.24 -12.27
C GLN D 583 24.86 27.21 -11.43
N THR D 584 25.27 28.29 -12.08
CA THR D 584 26.08 29.36 -11.47
C THR D 584 25.11 30.52 -11.20
N SER D 585 23.85 30.24 -11.46
CA SER D 585 22.77 31.18 -11.25
C SER D 585 21.81 30.57 -10.22
N LEU D 586 22.12 29.32 -9.83
CA LEU D 586 21.31 28.58 -8.86
C LEU D 586 21.01 29.46 -7.63
N ARG D 587 19.77 29.43 -7.15
CA ARG D 587 19.39 30.27 -6.02
C ARG D 587 19.04 29.50 -4.75
N SER D 588 18.70 28.22 -4.89
CA SER D 588 18.37 27.43 -3.70
C SER D 588 18.43 25.93 -3.99
N LEU D 589 19.29 25.24 -3.25
CA LEU D 589 19.47 23.81 -3.43
C LEU D 589 18.89 23.04 -2.26
N ASN D 590 18.37 21.85 -2.55
CA ASN D 590 17.79 21.01 -1.52
C ASN D 590 18.21 19.56 -1.71
N LEU D 591 18.94 19.03 -0.74
CA LEU D 591 19.40 17.65 -0.80
C LEU D 591 19.19 17.03 0.57
N GLN D 592 18.14 17.45 1.25
CA GLN D 592 17.84 16.94 2.57
C GLN D 592 17.48 15.46 2.55
N LYS D 593 17.47 14.86 3.73
CA LYS D 593 17.12 13.45 3.92
C LYS D 593 17.74 12.45 2.94
N ASN D 594 18.92 12.75 2.44
CA ASN D 594 19.61 11.85 1.52
C ASN D 594 20.56 10.99 2.33
N LEU D 595 21.57 10.44 1.65
CA LEU D 595 22.60 9.62 2.28
C LEU D 595 23.95 10.26 1.96
N ILE D 596 24.02 11.58 2.10
CA ILE D 596 25.23 12.33 1.81
C ILE D 596 26.27 12.28 2.94
N THR D 597 27.45 11.75 2.60
CA THR D 597 28.56 11.61 3.54
C THR D 597 29.32 12.91 3.64
N SER D 598 29.91 13.30 2.51
CA SER D 598 30.74 14.48 2.39
C SER D 598 30.30 15.56 1.38
N VAL D 599 30.69 16.79 1.68
CA VAL D 599 30.40 17.94 0.82
C VAL D 599 31.73 18.51 0.30
N GLU D 600 32.09 18.14 -0.93
CA GLU D 600 33.33 18.61 -1.56
C GLU D 600 33.09 19.88 -2.38
N LYS D 601 34.16 20.59 -2.71
CA LYS D 601 34.05 21.81 -3.48
C LYS D 601 33.92 21.61 -5.00
N ASP D 602 34.59 20.60 -5.56
CA ASP D 602 34.49 20.34 -6.99
C ASP D 602 33.06 20.05 -7.41
N VAL D 603 32.27 19.60 -6.44
CA VAL D 603 30.85 19.25 -6.63
C VAL D 603 29.86 20.36 -6.27
N PHE D 604 29.84 20.77 -5.00
CA PHE D 604 28.92 21.81 -4.53
C PHE D 604 29.44 23.25 -4.67
N GLY D 605 30.68 23.39 -5.10
CA GLY D 605 31.27 24.71 -5.29
C GLY D 605 30.54 25.71 -6.17
N PRO D 606 30.55 25.50 -7.50
CA PRO D 606 29.81 26.34 -8.44
C PRO D 606 28.39 26.78 -8.07
N PRO D 607 27.57 25.86 -7.51
CA PRO D 607 26.22 26.29 -7.15
C PRO D 607 26.19 27.15 -5.89
N PHE D 608 27.09 26.86 -4.95
CA PHE D 608 27.19 27.61 -3.70
C PHE D 608 27.55 29.07 -3.91
N GLN D 609 28.12 29.36 -5.08
CA GLN D 609 28.57 30.72 -5.45
C GLN D 609 27.69 31.92 -5.12
N ASN D 610 26.59 32.08 -5.86
CA ASN D 610 25.62 33.14 -5.58
C ASN D 610 24.30 32.66 -4.94
N LEU D 611 24.36 31.50 -4.31
CA LEU D 611 23.21 30.87 -3.66
C LEU D 611 22.51 31.74 -2.60
N ASN D 612 21.19 31.56 -2.48
CA ASN D 612 20.32 32.28 -1.54
C ASN D 612 20.02 31.44 -0.28
N SER D 613 19.64 30.17 -0.49
CA SER D 613 19.33 29.27 0.62
C SER D 613 19.58 27.80 0.30
N LEU D 614 20.42 27.17 1.11
CA LEU D 614 20.74 25.76 0.94
C LEU D 614 20.03 24.96 2.01
N ASP D 615 19.86 23.67 1.74
CA ASP D 615 19.19 22.78 2.70
C ASP D 615 19.65 21.33 2.54
N MET D 616 20.47 20.88 3.47
CA MET D 616 20.98 19.52 3.42
C MET D 616 20.94 18.91 4.80
N ARG D 617 19.86 19.17 5.53
CA ARG D 617 19.73 18.64 6.88
C ARG D 617 19.35 17.16 6.92
N PHE D 618 19.73 16.50 8.01
CA PHE D 618 19.42 15.08 8.23
C PHE D 618 20.30 14.05 7.53
N ASN D 619 21.38 14.49 6.90
CA ASN D 619 22.25 13.55 6.21
C ASN D 619 23.30 12.97 7.14
N PRO D 620 23.84 11.79 6.75
CA PRO D 620 24.87 11.08 7.51
C PRO D 620 26.25 11.78 7.40
N PHE D 621 26.36 13.00 7.94
CA PHE D 621 27.59 13.75 7.86
C PHE D 621 28.75 13.07 8.55
N ASP D 622 29.90 13.07 7.87
CA ASP D 622 31.15 12.47 8.36
C ASP D 622 32.03 13.60 8.88
N CYS D 623 32.27 13.62 10.19
CA CYS D 623 33.09 14.68 10.78
C CYS D 623 34.62 14.50 10.69
N THR D 624 35.13 14.47 9.47
CA THR D 624 36.56 14.36 9.21
C THR D 624 36.86 15.44 8.16
N CYS D 625 38.14 15.64 7.84
CA CYS D 625 38.45 16.70 6.88
C CYS D 625 38.40 16.31 5.41
N GLU D 626 38.36 15.02 5.11
CA GLU D 626 38.28 14.58 3.73
C GLU D 626 36.89 14.94 3.25
N SER D 627 36.02 15.23 4.21
CA SER D 627 34.63 15.51 3.93
C SER D 627 33.99 16.88 4.19
N ILE D 628 33.72 17.19 5.46
CA ILE D 628 33.06 18.43 5.84
C ILE D 628 33.97 19.64 5.92
N SER D 629 35.25 19.39 5.78
CA SER D 629 36.25 20.44 5.85
C SER D 629 35.95 21.66 5.00
N TRP D 630 35.91 21.50 3.68
CA TRP D 630 35.62 22.63 2.80
C TRP D 630 34.26 23.24 3.13
N PHE D 631 33.34 22.37 3.52
CA PHE D 631 31.97 22.76 3.86
C PHE D 631 31.85 23.55 5.15
N VAL D 632 32.28 22.96 6.27
CA VAL D 632 32.17 23.64 7.56
C VAL D 632 32.62 25.09 7.44
N ASN D 633 33.68 25.32 6.67
CA ASN D 633 34.21 26.67 6.46
C ASN D 633 33.21 27.56 5.74
N TRP D 634 32.75 27.11 4.58
CA TRP D 634 31.78 27.85 3.80
C TRP D 634 30.69 28.33 4.75
N ILE D 635 30.28 27.43 5.63
CA ILE D 635 29.26 27.73 6.61
C ILE D 635 29.73 28.90 7.48
N ASN D 636 30.92 28.78 8.05
CA ASN D 636 31.48 29.84 8.89
C ASN D 636 31.58 31.17 8.15
N GLN D 637 31.96 31.12 6.88
CA GLN D 637 32.13 32.34 6.10
C GLN D 637 31.15 32.71 4.97
N THR D 638 29.93 32.17 4.98
CA THR D 638 28.97 32.53 3.93
C THR D 638 27.66 32.97 4.55
N HIS D 639 26.90 33.78 3.81
CA HIS D 639 25.63 34.25 4.32
C HIS D 639 24.45 33.81 3.48
N THR D 640 24.51 32.56 3.01
CA THR D 640 23.43 31.95 2.24
C THR D 640 22.53 31.37 3.32
N ASN D 641 21.29 31.86 3.40
CA ASN D 641 20.35 31.40 4.42
C ASN D 641 20.27 29.88 4.50
N ILE D 642 20.64 29.33 5.66
CA ILE D 642 20.58 27.88 5.87
C ILE D 642 19.83 27.58 7.16
N SER D 643 18.58 27.18 7.02
CA SER D 643 17.74 26.87 8.17
C SER D 643 18.25 25.71 9.01
N GLU D 644 17.91 25.75 10.29
CA GLU D 644 18.27 24.73 11.28
C GLU D 644 19.69 24.20 11.24
N LEU D 645 20.63 25.03 10.81
CA LEU D 645 22.04 24.63 10.75
C LEU D 645 22.49 24.17 12.13
N SER D 646 21.81 24.71 13.14
CA SER D 646 22.08 24.46 14.55
C SER D 646 21.75 23.07 15.09
N THR D 647 20.61 22.51 14.68
CA THR D 647 20.18 21.21 15.19
C THR D 647 20.24 20.02 14.23
N HIS D 648 19.64 20.19 13.06
CA HIS D 648 19.56 19.12 12.08
C HIS D 648 20.71 18.92 11.09
N TYR D 649 21.94 19.25 11.51
CA TYR D 649 23.10 19.04 10.64
C TYR D 649 24.16 18.24 11.34
N LEU D 650 23.73 17.43 12.31
CA LEU D 650 24.64 16.60 13.09
C LEU D 650 25.49 15.65 12.25
N CYS D 651 26.56 15.15 12.87
CA CYS D 651 27.44 14.23 12.21
C CYS D 651 27.08 12.80 12.57
N ASN D 652 27.40 11.87 11.67
CA ASN D 652 27.09 10.47 11.89
C ASN D 652 28.33 9.61 12.11
N THR D 653 29.51 10.16 11.83
CA THR D 653 30.75 9.42 11.98
C THR D 653 32.01 10.31 12.00
N PRO D 654 33.08 9.90 12.72
CA PRO D 654 33.16 8.67 13.52
C PRO D 654 32.64 8.85 14.94
N HIS D 655 32.85 7.83 15.77
CA HIS D 655 32.39 7.80 17.17
C HIS D 655 32.45 9.08 18.04
N HIS D 656 33.62 9.70 18.15
CA HIS D 656 33.76 10.92 18.95
C HIS D 656 33.00 12.12 18.38
N TYR D 657 32.65 12.04 17.09
CA TYR D 657 31.94 13.13 16.41
C TYR D 657 30.47 12.86 16.08
N TYR D 658 29.93 11.77 16.61
CA TYR D 658 28.54 11.40 16.37
C TYR D 658 27.63 12.38 17.10
N GLY D 659 26.53 12.74 16.43
CA GLY D 659 25.59 13.66 17.01
C GLY D 659 26.22 14.98 17.39
N PHE D 660 27.26 15.37 16.66
CA PHE D 660 27.93 16.65 16.93
C PHE D 660 27.51 17.67 15.88
N PRO D 661 27.02 18.84 16.33
CA PRO D 661 26.60 19.90 15.41
C PRO D 661 27.67 20.14 14.35
N LEU D 662 27.35 19.88 13.09
CA LEU D 662 28.34 20.04 12.01
C LEU D 662 29.08 21.38 12.05
N LYS D 663 28.34 22.43 12.36
CA LYS D 663 28.88 23.79 12.42
C LYS D 663 30.10 23.95 13.33
N LEU D 664 30.03 23.42 14.56
CA LEU D 664 31.13 23.52 15.52
C LEU D 664 32.23 22.51 15.29
N PHE D 665 32.82 22.55 14.10
CA PHE D 665 33.90 21.64 13.74
C PHE D 665 35.12 22.45 13.38
N ASP D 666 36.08 22.50 14.30
CA ASP D 666 37.31 23.25 14.10
C ASP D 666 38.18 22.64 13.01
N THR D 667 38.20 23.31 11.86
CA THR D 667 39.01 22.85 10.73
C THR D 667 40.38 23.50 10.84
N SER D 668 40.74 23.91 12.05
CA SER D 668 42.02 24.56 12.30
C SER D 668 43.17 23.56 12.31
N SER D 669 42.86 22.27 12.31
CA SER D 669 43.89 21.22 12.29
C SER D 669 44.00 20.54 10.93
N CYS D 670 43.21 21.01 9.96
CA CYS D 670 43.24 20.40 8.64
C CYS D 670 43.54 21.35 7.49
N LYS D 671 43.47 20.78 6.30
CA LYS D 671 43.70 21.43 4.99
C LYS D 671 45.14 21.24 4.55
#